data_3A2V
#
_entry.id   3A2V
#
_cell.length_a   76.208
_cell.length_b   103.110
_cell.length_c   104.396
_cell.angle_alpha   106.02
_cell.angle_beta   104.91
_cell.angle_gamma   92.97
#
_symmetry.space_group_name_H-M   'P 1'
#
loop_
_entity.id
_entity.type
_entity.pdbx_description
1 polymer 'Probable peroxiredoxin'
2 non-polymer 'PEROXIDE ION'
3 water water
#
_entity_poly.entity_id   1
_entity_poly.type   'polypeptide(L)'
_entity_poly.pdbx_seq_one_letter_code
;PGSIPLIGERFPEMEVTTDHGVIKLPDHYVSQGKWFVLFSHPADFTPVCTTEFVSFARRYEDFQRLGVDLIGLSVDSVFS
HIKWKEWIERHIGVRIPFPIIADPQGTVARRLGLLHAESATHTVRGVFIVDARGVIRTMLYYPMELGRLVDEILRIVKAL
KLGDSLKRAVPADWPNNEIIGEGLIVPPPTTEDQARARMESGQYRSLDWWFCWDTPASRDDVEEARRYLRRAAEKPAKLL
YEEARTHLH
;
_entity_poly.pdbx_strand_id   A,B,C,D,E,F,G,H,I,J
#
loop_
_chem_comp.id
_chem_comp.type
_chem_comp.name
_chem_comp.formula
PER non-polymer 'PEROXIDE ION' 'O2 -2'
#
# COMPACT_ATOMS: atom_id res chain seq x y z
N PRO A 1 22.29 0.45 14.71
CA PRO A 1 22.52 1.89 14.71
C PRO A 1 21.39 2.68 15.37
N GLY A 2 21.53 4.01 15.37
CA GLY A 2 20.54 4.92 15.96
C GLY A 2 20.71 6.31 15.41
N SER A 3 19.64 7.09 15.47
CA SER A 3 19.59 8.43 14.90
C SER A 3 20.07 9.44 15.92
N ILE A 4 20.94 10.35 15.49
CA ILE A 4 21.38 11.47 16.32
C ILE A 4 21.14 12.80 15.60
N PRO A 5 20.98 13.91 16.36
CA PRO A 5 21.10 15.23 15.74
C PRO A 5 22.54 15.37 15.23
N LEU A 6 22.77 16.30 14.32
CA LEU A 6 24.06 16.37 13.63
C LEU A 6 24.75 17.72 13.81
N ILE A 7 26.08 17.71 13.77
CA ILE A 7 26.84 18.97 13.79
C ILE A 7 26.37 19.85 12.65
N GLY A 8 26.15 21.13 12.97
CA GLY A 8 25.67 22.12 12.02
C GLY A 8 24.16 22.24 11.92
N GLU A 9 23.43 21.33 12.58
CA GLU A 9 21.96 21.41 12.68
C GLU A 9 21.59 22.27 13.86
N ARG A 10 20.46 22.97 13.76
CA ARG A 10 19.92 23.59 14.98
C ARG A 10 19.53 22.49 15.97
N PHE A 11 19.80 22.75 17.24
CA PHE A 11 19.47 21.81 18.30
C PHE A 11 17.95 21.59 18.28
N PRO A 12 17.50 20.32 18.36
CA PRO A 12 16.07 20.02 18.27
C PRO A 12 15.25 20.86 19.24
N GLU A 13 14.25 21.54 18.68
CA GLU A 13 13.32 22.36 19.47
CA GLU A 13 13.33 22.35 19.47
C GLU A 13 12.52 21.49 20.44
N MET A 14 12.58 21.82 21.72
CA MET A 14 11.88 21.02 22.72
C MET A 14 11.70 21.76 24.01
N GLU A 15 10.58 21.50 24.66
CA GLU A 15 10.33 21.93 26.00
C GLU A 15 10.77 20.80 26.93
N VAL A 16 11.56 21.14 27.94
CA VAL A 16 12.11 20.13 28.85
C VAL A 16 11.81 20.52 30.31
N THR A 17 11.63 19.51 31.14
CA THR A 17 11.38 19.75 32.55
C THR A 17 12.72 19.57 33.27
N THR A 18 13.18 20.63 33.93
CA THR A 18 14.40 20.55 34.76
C THR A 18 14.08 20.73 36.25
N ASP A 19 15.06 20.45 37.10
CA ASP A 19 14.91 20.68 38.53
C ASP A 19 14.98 22.19 38.89
N HIS A 20 15.09 23.03 37.86
CA HIS A 20 15.01 24.50 37.98
C HIS A 20 13.69 25.02 37.39
N GLY A 21 12.94 24.13 36.76
CA GLY A 21 11.70 24.49 36.08
C GLY A 21 11.71 24.09 34.61
N VAL A 22 10.63 24.47 33.93
CA VAL A 22 10.47 24.12 32.53
C VAL A 22 11.14 25.17 31.66
N ILE A 23 11.90 24.70 30.68
CA ILE A 23 12.47 25.61 29.72
C ILE A 23 12.42 25.06 28.30
N LYS A 24 12.54 25.98 27.35
CA LYS A 24 12.55 25.63 25.94
C LYS A 24 13.96 25.67 25.41
N LEU A 25 14.39 24.59 24.78
CA LEU A 25 15.71 24.50 24.13
C LEU A 25 15.56 24.59 22.61
N PRO A 26 16.53 25.19 21.90
CA PRO A 26 17.69 25.91 22.48
C PRO A 26 17.35 27.37 22.84
N ASP A 27 16.08 27.78 22.68
CA ASP A 27 15.70 29.22 22.78
C ASP A 27 16.07 29.88 24.09
N HIS A 28 15.97 29.12 25.18
CA HIS A 28 16.20 29.66 26.51
C HIS A 28 17.58 30.29 26.57
N TYR A 29 18.54 29.68 25.89
CA TYR A 29 19.92 30.13 25.90
C TYR A 29 20.23 31.11 24.75
N VAL A 30 19.70 30.81 23.57
CA VAL A 30 19.85 31.68 22.40
C VAL A 30 19.41 33.12 22.73
N SER A 31 18.29 33.23 23.44
CA SER A 31 17.71 34.56 23.74
C SER A 31 18.55 35.37 24.72
N GLN A 32 19.51 34.71 25.38
CA GLN A 32 20.45 35.34 26.27
C GLN A 32 21.83 35.50 25.64
N GLY A 33 22.00 35.04 24.40
CA GLY A 33 23.32 35.09 23.77
C GLY A 33 24.31 34.07 24.36
N LYS A 34 23.77 33.04 25.02
CA LYS A 34 24.60 32.03 25.70
C LYS A 34 24.80 30.80 24.82
N TRP A 35 26.01 30.27 24.84
CA TRP A 35 26.21 28.88 24.44
C TRP A 35 25.71 27.99 25.54
N PHE A 36 25.48 26.71 25.25
CA PHE A 36 25.29 25.77 26.33
C PHE A 36 25.89 24.41 26.04
N VAL A 37 26.31 23.76 27.13
CA VAL A 37 26.75 22.34 27.08
C VAL A 37 25.62 21.57 27.76
N LEU A 38 24.92 20.77 26.96
CA LEU A 38 23.95 19.82 27.49
C LEU A 38 24.71 18.50 27.52
N PHE A 39 24.73 17.90 28.69
CA PHE A 39 25.39 16.61 28.85
C PHE A 39 24.43 15.66 29.52
N SER A 40 24.59 14.36 29.28
CA SER A 40 23.71 13.39 29.92
C SER A 40 24.53 12.46 30.78
N HIS A 41 23.86 11.86 31.75
CA HIS A 41 24.47 10.80 32.56
C HIS A 41 23.46 9.66 32.77
N PRO A 42 23.97 8.43 32.93
CA PRO A 42 23.01 7.35 33.08
C PRO A 42 22.08 7.45 34.30
N ALA A 43 22.61 7.74 35.48
CA ALA A 43 21.74 7.69 36.66
C ALA A 43 22.19 8.53 37.81
N ASP A 44 21.24 9.26 38.41
CA ASP A 44 21.45 9.83 39.73
C ASP A 44 21.82 8.73 40.75
N PHE A 45 22.58 9.11 41.77
CA PHE A 45 23.02 8.21 42.85
C PHE A 45 23.86 7.08 42.28
N THR A 46 24.66 7.42 41.27
CA THR A 46 25.71 6.49 40.81
C THR A 46 27.06 7.25 40.82
N PRO A 47 28.13 6.51 41.07
CA PRO A 47 29.43 7.11 41.40
C PRO A 47 30.14 7.88 40.27
N VAL A 48 30.24 7.31 39.05
CA VAL A 48 30.94 8.08 37.99
C VAL A 48 30.17 9.37 37.72
N CYS A 49 28.84 9.25 37.60
CA CYS A 49 28.02 10.44 37.42
C CYS A 49 28.28 11.52 38.48
N THR A 50 28.34 11.09 39.74
CA THR A 50 28.59 12.01 40.86
C THR A 50 29.96 12.72 40.68
N THR A 51 30.97 11.97 40.28
CA THR A 51 32.30 12.59 40.07
C THR A 51 32.24 13.66 38.95
N GLU A 52 31.45 13.38 37.91
CA GLU A 52 31.33 14.32 36.80
C GLU A 52 30.58 15.56 37.21
N PHE A 53 29.48 15.38 37.94
CA PHE A 53 28.78 16.58 38.43
C PHE A 53 29.64 17.47 39.32
N VAL A 54 30.43 16.85 40.17
CA VAL A 54 31.37 17.60 41.02
C VAL A 54 32.41 18.36 40.15
N SER A 55 32.93 17.68 39.13
CA SER A 55 33.90 18.26 38.22
C SER A 55 33.34 19.47 37.48
N PHE A 56 32.12 19.31 36.93
CA PHE A 56 31.46 20.43 36.25
C PHE A 56 31.18 21.56 37.23
N ALA A 57 30.71 21.23 38.44
CA ALA A 57 30.38 22.27 39.43
C ALA A 57 31.64 23.08 39.77
N ARG A 58 32.75 22.40 39.97
CA ARG A 58 34.04 23.05 40.25
CA ARG A 58 34.02 23.08 40.28
C ARG A 58 34.47 23.99 39.13
N ARG A 59 34.11 23.64 37.90
CA ARG A 59 34.46 24.40 36.70
C ARG A 59 33.38 25.39 36.25
N TYR A 60 32.34 25.54 37.06
CA TYR A 60 31.16 26.31 36.67
C TYR A 60 31.55 27.75 36.35
N GLU A 61 32.35 28.37 37.20
CA GLU A 61 32.70 29.77 36.95
C GLU A 61 33.55 29.91 35.68
N ASP A 62 34.39 28.91 35.37
CA ASP A 62 35.10 28.90 34.10
C ASP A 62 34.12 28.91 32.90
N PHE A 63 33.04 28.12 32.98
CA PHE A 63 32.06 28.13 31.91
C PHE A 63 31.33 29.47 31.88
N GLN A 64 30.93 29.95 33.06
CA GLN A 64 30.21 31.21 33.09
C GLN A 64 31.02 32.38 32.52
N ARG A 65 32.32 32.38 32.79
CA ARG A 65 33.21 33.46 32.30
C ARG A 65 33.23 33.46 30.77
N LEU A 66 33.07 32.26 30.18
CA LEU A 66 33.03 32.11 28.71
C LEU A 66 31.67 32.41 28.10
N GLY A 67 30.67 32.69 28.92
CA GLY A 67 29.30 32.85 28.43
C GLY A 67 28.67 31.53 28.00
N VAL A 68 29.00 30.48 28.73
CA VAL A 68 28.50 29.10 28.49
C VAL A 68 27.73 28.60 29.70
N ASP A 69 26.50 28.14 29.47
CA ASP A 69 25.70 27.56 30.52
C ASP A 69 25.80 26.04 30.44
N LEU A 70 25.50 25.41 31.57
CA LEU A 70 25.50 23.91 31.66
C LEU A 70 24.09 23.42 31.96
N ILE A 71 23.75 22.29 31.36
CA ILE A 71 22.45 21.66 31.65
C ILE A 71 22.64 20.15 31.53
N GLY A 72 22.33 19.43 32.59
CA GLY A 72 22.47 17.96 32.61
C GLY A 72 21.18 17.29 32.16
N LEU A 73 21.23 15.96 32.08
CA LEU A 73 20.08 15.20 31.62
CA LEU A 73 20.08 15.20 31.59
C LEU A 73 20.22 13.76 32.04
N SER A 74 19.18 13.22 32.69
CA SER A 74 19.09 11.76 32.87
C SER A 74 17.61 11.36 32.86
N VAL A 75 17.36 10.06 32.89
CA VAL A 75 15.99 9.53 32.90
C VAL A 75 15.36 9.58 34.29
N ASP A 76 16.09 10.06 35.30
CA ASP A 76 15.57 10.22 36.68
C ASP A 76 14.60 11.41 36.80
N SER A 77 13.80 11.40 37.86
CA SER A 77 12.80 12.44 38.12
C SER A 77 13.44 13.69 38.69
N VAL A 78 12.68 14.79 38.69
CA VAL A 78 13.13 16.00 39.37
C VAL A 78 13.36 15.78 40.86
N PHE A 79 12.57 14.89 41.48
CA PHE A 79 12.66 14.62 42.93
C PHE A 79 13.99 13.94 43.20
N SER A 80 14.31 12.97 42.36
CA SER A 80 15.62 12.30 42.44
CA SER A 80 15.61 12.28 42.43
C SER A 80 16.76 13.27 42.25
N HIS A 81 16.63 14.16 41.26
CA HIS A 81 17.65 15.19 41.01
C HIS A 81 17.92 16.05 42.24
N ILE A 82 16.84 16.50 42.89
CA ILE A 82 16.96 17.41 44.03
C ILE A 82 17.56 16.66 45.22
N LYS A 83 17.13 15.40 45.44
CA LYS A 83 17.65 14.61 46.54
C LYS A 83 19.15 14.35 46.28
N TRP A 84 19.50 14.05 45.04
CA TRP A 84 20.91 13.77 44.71
C TRP A 84 21.78 14.99 44.94
N LYS A 85 21.28 16.15 44.57
CA LYS A 85 22.03 17.38 44.80
C LYS A 85 22.22 17.64 46.29
N GLU A 86 21.16 17.37 47.09
CA GLU A 86 21.28 17.48 48.54
C GLU A 86 22.39 16.57 49.06
N TRP A 87 22.42 15.33 48.55
CA TRP A 87 23.40 14.37 49.04
C TRP A 87 24.79 14.89 48.72
N ILE A 88 24.99 15.31 47.46
CA ILE A 88 26.32 15.83 47.05
C ILE A 88 26.75 17.00 47.92
N GLU A 89 25.84 17.94 48.17
CA GLU A 89 26.16 19.10 49.00
C GLU A 89 26.53 18.68 50.42
N ARG A 90 25.76 17.75 50.98
CA ARG A 90 25.95 17.34 52.36
C ARG A 90 27.19 16.47 52.52
N HIS A 91 27.45 15.57 51.58
CA HIS A 91 28.53 14.59 51.75
C HIS A 91 29.85 14.94 51.09
N ILE A 92 29.80 15.72 50.02
CA ILE A 92 31.03 16.13 49.32
CA ILE A 92 31.00 16.15 49.28
C ILE A 92 31.32 17.61 49.58
N GLY A 93 30.31 18.37 49.99
CA GLY A 93 30.49 19.79 50.33
C GLY A 93 30.48 20.67 49.11
N VAL A 94 29.95 20.16 48.00
CA VAL A 94 29.90 20.89 46.73
C VAL A 94 28.44 21.09 46.33
N ARG A 95 28.05 22.34 46.11
CA ARG A 95 26.71 22.65 45.60
C ARG A 95 26.70 22.60 44.06
N ILE A 96 25.75 21.85 43.48
CA ILE A 96 25.63 21.79 42.00
C ILE A 96 24.70 22.92 41.57
N PRO A 97 25.25 23.96 40.90
CA PRO A 97 24.47 25.17 40.66
C PRO A 97 23.58 25.15 39.40
N PHE A 98 23.77 24.19 38.50
CA PHE A 98 23.11 24.23 37.19
C PHE A 98 21.96 23.21 37.12
N PRO A 99 21.02 23.39 36.19
CA PRO A 99 19.80 22.55 36.10
C PRO A 99 20.13 21.17 35.57
N ILE A 100 19.28 20.20 35.95
CA ILE A 100 19.33 18.89 35.33
C ILE A 100 17.95 18.56 34.75
N ILE A 101 17.92 18.15 33.47
CA ILE A 101 16.64 17.72 32.83
C ILE A 101 16.25 16.37 33.43
N ALA A 102 14.97 16.25 33.77
CA ALA A 102 14.36 14.97 34.19
C ALA A 102 13.62 14.40 32.99
N ASP A 103 14.00 13.20 32.56
CA ASP A 103 13.49 12.64 31.33
C ASP A 103 12.97 11.21 31.58
N PRO A 104 12.07 11.05 32.57
CA PRO A 104 11.52 9.70 32.80
C PRO A 104 10.69 9.36 31.59
N GLN A 105 10.82 8.14 31.07
CA GLN A 105 10.25 7.77 29.76
C GLN A 105 11.25 7.78 28.62
N GLY A 106 12.29 8.62 28.75
CA GLY A 106 13.33 8.70 27.74
C GLY A 106 12.97 9.45 26.48
N THR A 107 12.00 10.38 26.57
CA THR A 107 11.54 11.13 25.40
C THR A 107 12.64 12.00 24.80
N VAL A 108 13.29 12.80 25.64
CA VAL A 108 14.41 13.63 25.23
C VAL A 108 15.60 12.77 24.83
N ALA A 109 15.91 11.75 25.63
CA ALA A 109 16.98 10.81 25.32
C ALA A 109 16.89 10.23 23.92
N ARG A 110 15.71 9.73 23.52
CA ARG A 110 15.54 9.18 22.16
C ARG A 110 15.75 10.23 21.10
N ARG A 111 15.19 11.40 21.34
CA ARG A 111 15.28 12.52 20.43
C ARG A 111 16.73 12.87 20.17
N LEU A 112 17.56 12.76 21.20
CA LEU A 112 18.97 13.10 21.13
C LEU A 112 19.91 11.93 20.76
N GLY A 113 19.34 10.73 20.64
CA GLY A 113 20.13 9.56 20.28
C GLY A 113 21.04 9.07 21.40
N LEU A 114 20.59 9.23 22.65
CA LEU A 114 21.44 8.94 23.82
C LEU A 114 21.26 7.56 24.39
N LEU A 115 20.36 6.79 23.80
CA LEU A 115 20.16 5.41 24.19
C LEU A 115 20.96 4.49 23.25
N HIS A 116 22.09 3.98 23.72
CA HIS A 116 22.96 3.12 22.90
C HIS A 116 22.79 1.66 23.33
N ALA A 117 23.71 0.79 22.94
CA ALA A 117 23.54 -0.66 23.11
C ALA A 117 24.03 -1.23 24.47
N GLU A 118 24.72 -0.41 25.25
CA GLU A 118 25.15 -0.77 26.60
C GLU A 118 23.96 -0.91 27.57
N SER A 119 22.90 -0.12 27.33
CA SER A 119 21.76 -0.08 28.24
C SER A 119 20.50 0.28 27.48
N ALA A 120 19.43 -0.48 27.75
CA ALA A 120 18.16 -0.20 27.11
C ALA A 120 17.47 0.92 27.86
N THR A 121 17.89 1.15 29.11
CA THR A 121 17.15 2.01 30.07
C THR A 121 17.79 3.37 30.45
N HIS A 122 19.12 3.45 30.42
CA HIS A 122 19.83 4.68 30.85
C HIS A 122 20.67 5.24 29.72
N THR A 123 20.82 6.57 29.69
CA THR A 123 21.53 7.23 28.62
C THR A 123 23.03 6.99 28.81
N VAL A 124 23.74 7.03 27.69
CA VAL A 124 25.19 7.14 27.63
CA VAL A 124 25.21 7.09 27.76
C VAL A 124 25.63 8.48 28.23
N ARG A 125 26.94 8.71 28.27
CA ARG A 125 27.48 10.00 28.72
C ARG A 125 27.69 10.92 27.52
N GLY A 126 26.59 11.53 27.06
CA GLY A 126 26.63 12.33 25.85
C GLY A 126 26.96 13.76 26.20
N VAL A 127 27.53 14.47 25.24
CA VAL A 127 27.79 15.92 25.39
C VAL A 127 27.47 16.59 24.07
N PHE A 128 26.63 17.64 24.13
CA PHE A 128 26.32 18.45 22.97
C PHE A 128 26.78 19.85 23.31
N ILE A 129 27.63 20.37 22.45
CA ILE A 129 28.09 21.75 22.58
C ILE A 129 27.30 22.57 21.59
N VAL A 130 26.51 23.52 22.10
CA VAL A 130 25.55 24.27 21.27
C VAL A 130 25.91 25.76 21.34
N ASP A 131 26.01 26.41 20.20
CA ASP A 131 26.43 27.82 20.17
C ASP A 131 25.23 28.75 20.42
N ALA A 132 25.52 30.06 20.38
CA ALA A 132 24.48 31.03 20.72
C ALA A 132 23.48 31.26 19.60
N ARG A 133 23.71 30.64 18.43
CA ARG A 133 22.69 30.57 17.37
C ARG A 133 21.79 29.34 17.53
N GLY A 134 22.12 28.51 18.53
CA GLY A 134 21.40 27.27 18.80
C GLY A 134 21.83 26.11 17.92
N VAL A 135 23.03 26.21 17.34
CA VAL A 135 23.52 25.19 16.42
C VAL A 135 24.47 24.24 17.16
N ILE A 136 24.30 22.94 16.91
CA ILE A 136 25.20 21.95 17.51
C ILE A 136 26.58 22.03 16.87
N ARG A 137 27.61 22.17 17.71
CA ARG A 137 28.96 22.40 17.21
C ARG A 137 29.93 21.23 17.37
N THR A 138 29.65 20.37 18.34
CA THR A 138 30.52 19.20 18.69
C THR A 138 29.64 18.24 19.50
N MET A 139 29.85 16.93 19.34
CA MET A 139 29.13 15.96 20.14
C MET A 139 30.10 14.87 20.58
N LEU A 140 30.03 14.51 21.86
CA LEU A 140 30.88 13.44 22.42
C LEU A 140 30.00 12.36 23.02
N TYR A 141 30.42 11.10 22.86
CA TYR A 141 29.72 9.98 23.45
C TYR A 141 30.66 9.08 24.23
N TYR A 142 30.69 9.29 25.54
CA TYR A 142 31.43 8.46 26.46
C TYR A 142 30.51 7.38 27.03
N PRO A 143 31.09 6.26 27.43
CA PRO A 143 30.28 5.12 27.90
C PRO A 143 30.05 5.14 29.39
N MET A 144 29.24 4.20 29.90
CA MET A 144 28.88 4.23 31.32
CA MET A 144 28.89 4.15 31.32
C MET A 144 30.10 4.06 32.24
N GLU A 145 31.10 3.33 31.78
CA GLU A 145 32.21 2.94 32.67
C GLU A 145 33.36 3.95 32.69
N LEU A 146 33.21 5.05 31.95
CA LEU A 146 34.33 5.97 31.78
CA LEU A 146 34.33 5.99 31.79
C LEU A 146 33.89 7.43 31.93
N GLY A 147 34.35 8.08 32.98
CA GLY A 147 34.08 9.53 33.18
C GLY A 147 34.75 10.41 32.15
N ARG A 148 34.12 11.55 31.86
CA ARG A 148 34.62 12.54 30.90
C ARG A 148 35.82 13.31 31.48
N LEU A 149 36.57 13.96 30.58
CA LEU A 149 37.62 14.90 30.99
C LEU A 149 37.02 16.27 30.77
N VAL A 150 36.56 16.87 31.85
CA VAL A 150 35.76 18.11 31.74
C VAL A 150 36.57 19.31 31.25
N ASP A 151 37.87 19.34 31.56
CA ASP A 151 38.72 20.42 31.01
C ASP A 151 38.83 20.39 29.45
N GLU A 152 38.67 19.21 28.84
CA GLU A 152 38.61 19.16 27.36
C GLU A 152 37.32 19.80 26.83
N ILE A 153 36.22 19.67 27.58
CA ILE A 153 34.97 20.35 27.21
C ILE A 153 35.15 21.87 27.27
N LEU A 154 35.85 22.36 28.29
CA LEU A 154 36.18 23.79 28.35
C LEU A 154 37.06 24.19 27.15
N ARG A 155 38.05 23.38 26.85
CA ARG A 155 38.98 23.69 25.76
C ARG A 155 38.19 23.78 24.45
N ILE A 156 37.31 22.80 24.20
CA ILE A 156 36.47 22.81 23.00
C ILE A 156 35.68 24.13 22.89
N VAL A 157 34.95 24.52 23.95
CA VAL A 157 34.09 25.70 23.83
CA VAL A 157 34.09 25.72 23.84
C VAL A 157 34.90 27.00 23.70
N LYS A 158 35.97 27.10 24.47
CA LYS A 158 36.90 28.23 24.34
C LYS A 158 37.44 28.33 22.88
N ALA A 159 37.92 27.22 22.34
CA ALA A 159 38.56 27.22 21.03
C ALA A 159 37.55 27.49 19.91
N LEU A 160 36.32 26.97 20.04
CA LEU A 160 35.27 27.23 19.06
CA LEU A 160 35.27 27.22 19.05
C LEU A 160 34.87 28.70 19.06
N LYS A 161 34.70 29.26 20.26
CA LYS A 161 34.39 30.70 20.39
C LYS A 161 35.49 31.57 19.80
N LEU A 162 36.74 31.22 20.06
CA LEU A 162 37.88 31.94 19.50
C LEU A 162 37.92 31.85 17.99
N GLY A 163 37.79 30.64 17.48
CA GLY A 163 37.79 30.47 16.04
C GLY A 163 36.69 31.28 15.35
N ASP A 164 35.48 31.26 15.91
CA ASP A 164 34.34 32.05 15.44
C ASP A 164 34.66 33.55 15.44
N SER A 165 35.18 34.05 16.57
CA SER A 165 35.44 35.50 16.70
CA SER A 165 35.44 35.48 16.70
C SER A 165 36.56 35.96 15.78
N LEU A 166 37.62 35.16 15.68
CA LEU A 166 38.83 35.51 14.94
C LEU A 166 38.80 35.04 13.48
N LYS A 167 37.71 34.34 13.09
CA LYS A 167 37.55 33.74 11.76
C LYS A 167 38.74 32.82 11.42
N ARG A 168 39.00 31.87 12.32
CA ARG A 168 40.17 31.01 12.21
C ARG A 168 39.79 29.56 12.55
N ALA A 169 40.48 28.61 11.93
CA ALA A 169 40.41 27.21 12.35
C ALA A 169 41.49 26.95 13.41
N VAL A 170 41.32 25.85 14.17
CA VAL A 170 42.12 25.62 15.36
C VAL A 170 42.86 24.31 15.18
N PRO A 171 44.19 24.34 15.31
CA PRO A 171 44.96 23.15 15.04
C PRO A 171 44.80 22.08 16.12
N ALA A 172 45.15 20.85 15.80
CA ALA A 172 45.19 19.81 16.80
C ALA A 172 45.92 20.27 18.07
N ASP A 173 45.39 19.89 19.24
CA ASP A 173 46.08 20.06 20.52
C ASP A 173 46.29 21.53 20.91
N TRP A 174 45.61 22.45 20.23
CA TRP A 174 45.73 23.89 20.54
C TRP A 174 45.36 24.11 22.03
N PRO A 175 46.07 25.02 22.75
CA PRO A 175 47.09 26.00 22.34
C PRO A 175 48.54 25.46 22.25
N ASN A 176 48.69 24.14 22.28
CA ASN A 176 50.02 23.49 22.32
C ASN A 176 50.30 22.61 21.10
N ASN A 177 49.90 23.10 19.94
CA ASN A 177 50.10 22.36 18.72
C ASN A 177 51.58 22.24 18.40
N GLU A 178 51.98 21.06 17.94
CA GLU A 178 53.42 20.78 17.79
C GLU A 178 54.09 21.49 16.58
N ILE A 179 53.26 21.86 15.59
CA ILE A 179 53.71 22.57 14.39
C ILE A 179 53.71 24.09 14.57
N ILE A 180 52.59 24.63 15.07
CA ILE A 180 52.40 26.09 15.13
C ILE A 180 52.05 26.67 16.53
N GLY A 181 52.08 25.81 17.55
CA GLY A 181 51.95 26.21 18.94
C GLY A 181 50.57 26.75 19.24
N GLU A 182 50.51 28.02 19.62
CA GLU A 182 49.24 28.68 19.91
C GLU A 182 48.69 29.38 18.68
N GLY A 183 49.36 29.19 17.55
CA GLY A 183 48.90 29.73 16.27
C GLY A 183 47.54 29.21 15.88
N LEU A 184 46.84 30.03 15.11
CA LEU A 184 45.53 29.66 14.53
C LEU A 184 45.61 29.67 13.01
N ILE A 185 44.74 28.87 12.39
CA ILE A 185 44.86 28.57 10.95
C ILE A 185 43.89 29.43 10.14
N VAL A 186 44.40 30.00 9.05
CA VAL A 186 43.56 30.74 8.12
C VAL A 186 42.80 29.70 7.25
N PRO A 187 41.47 29.79 7.18
CA PRO A 187 40.71 28.79 6.41
C PRO A 187 41.25 28.78 4.98
N PRO A 188 41.46 27.58 4.41
CA PRO A 188 42.22 27.52 3.15
C PRO A 188 41.49 28.12 1.94
N PRO A 189 42.26 28.58 0.92
CA PRO A 189 41.69 29.07 -0.34
C PRO A 189 40.91 27.94 -1.00
N THR A 190 39.80 28.28 -1.65
CA THR A 190 38.95 27.29 -2.35
C THR A 190 38.92 27.54 -3.86
N THR A 191 39.66 28.54 -4.34
CA THR A 191 39.85 28.69 -5.77
C THR A 191 41.32 28.84 -6.10
N GLU A 192 41.68 28.57 -7.34
CA GLU A 192 43.07 28.69 -7.77
C GLU A 192 43.56 30.13 -7.71
N ASP A 193 42.71 31.08 -8.10
CA ASP A 193 43.09 32.49 -8.05
C ASP A 193 43.28 32.98 -6.59
N GLN A 194 42.43 32.49 -5.69
CA GLN A 194 42.56 32.83 -4.26
C GLN A 194 43.87 32.27 -3.70
N ALA A 195 44.19 31.03 -4.09
CA ALA A 195 45.43 30.40 -3.66
C ALA A 195 46.63 31.19 -4.14
N ARG A 196 46.60 31.62 -5.39
CA ARG A 196 47.75 32.33 -5.96
C ARG A 196 47.92 33.68 -5.29
N ALA A 197 46.80 34.37 -5.05
CA ALA A 197 46.77 35.68 -4.39
C ALA A 197 47.28 35.62 -2.96
N ARG A 198 46.84 34.59 -2.20
CA ARG A 198 47.30 34.42 -0.83
C ARG A 198 48.80 34.30 -0.77
N MET A 199 49.38 33.50 -1.65
CA MET A 199 50.83 33.38 -1.72
C MET A 199 51.52 34.67 -2.13
N GLU A 200 50.94 35.37 -3.10
CA GLU A 200 51.52 36.64 -3.60
C GLU A 200 51.55 37.73 -2.53
N SER A 201 50.59 37.71 -1.61
CA SER A 201 50.52 38.68 -0.52
C SER A 201 51.72 38.60 0.43
N GLY A 202 52.15 37.38 0.76
CA GLY A 202 53.13 37.17 1.83
C GLY A 202 52.58 37.64 3.17
N GLN A 203 51.25 37.64 3.27
CA GLN A 203 50.55 38.12 4.47
C GLN A 203 50.77 37.20 5.68
N TYR A 204 50.88 35.91 5.43
CA TYR A 204 50.93 34.91 6.51
C TYR A 204 52.18 34.03 6.54
N ARG A 205 52.58 33.59 7.73
CA ARG A 205 53.43 32.40 7.87
C ARG A 205 52.70 31.25 7.14
N SER A 206 53.44 30.43 6.38
CA SER A 206 52.81 29.42 5.53
CA SER A 206 52.82 29.47 5.48
C SER A 206 53.70 28.24 5.25
N LEU A 207 53.07 27.07 5.13
CA LEU A 207 53.82 25.87 4.72
C LEU A 207 53.52 25.53 3.24
N ASP A 208 52.34 25.95 2.80
CA ASP A 208 51.87 25.89 1.41
C ASP A 208 50.66 26.82 1.31
N TRP A 209 50.10 27.00 0.11
CA TRP A 209 48.93 27.89 -0.07
C TRP A 209 47.71 27.51 0.77
N TRP A 210 47.57 26.22 1.07
CA TRP A 210 46.46 25.71 1.86
C TRP A 210 46.77 25.67 3.38
N PHE A 211 48.00 26.02 3.75
CA PHE A 211 48.42 25.98 5.15
C PHE A 211 49.07 27.30 5.56
N CYS A 212 48.23 28.27 5.89
CA CYS A 212 48.68 29.57 6.40
C CYS A 212 48.11 29.77 7.79
N TRP A 213 48.87 30.48 8.62
CA TRP A 213 48.42 30.75 9.98
CA TRP A 213 48.48 30.71 9.99
C TRP A 213 49.05 32.00 10.57
N ASP A 214 48.45 32.46 11.66
CA ASP A 214 49.01 33.59 12.37
C ASP A 214 48.77 33.42 13.86
N THR A 215 49.00 34.46 14.64
CA THR A 215 48.88 34.31 16.09
C THR A 215 47.96 35.41 16.65
N PRO A 216 46.66 35.36 16.32
CA PRO A 216 45.74 36.42 16.70
C PRO A 216 45.06 36.26 18.07
N ALA A 217 45.15 35.09 18.71
CA ALA A 217 44.61 34.93 20.06
C ALA A 217 45.39 35.78 21.09
N SER A 218 44.69 36.44 22.00
CA SER A 218 45.36 37.19 23.06
C SER A 218 46.15 36.31 24.02
N ARG A 219 47.17 36.89 24.65
CA ARG A 219 47.87 36.22 25.75
C ARG A 219 46.85 35.70 26.80
N ASP A 220 45.87 36.51 27.14
CA ASP A 220 44.85 36.08 28.13
C ASP A 220 44.04 34.83 27.68
N ASP A 221 43.64 34.80 26.41
CA ASP A 221 42.86 33.66 25.87
C ASP A 221 43.72 32.41 25.77
N VAL A 222 44.95 32.58 25.29
CA VAL A 222 45.88 31.45 25.27
C VAL A 222 46.16 30.89 26.66
N GLU A 223 46.37 31.77 27.64
CA GLU A 223 46.69 31.36 29.01
CA GLU A 223 46.68 31.34 29.00
C GLU A 223 45.48 30.67 29.67
N GLU A 224 44.30 31.15 29.35
CA GLU A 224 43.05 30.59 29.87
C GLU A 224 42.93 29.14 29.40
N ALA A 225 43.16 28.91 28.10
CA ALA A 225 43.10 27.56 27.55
C ALA A 225 44.22 26.69 28.11
N ARG A 226 45.43 27.25 28.21
CA ARG A 226 46.53 26.51 28.82
C ARG A 226 46.24 26.09 30.26
N ARG A 227 45.60 26.98 31.02
CA ARG A 227 45.20 26.69 32.40
C ARG A 227 44.26 25.48 32.52
N TYR A 228 43.29 25.38 31.61
CA TYR A 228 42.41 24.19 31.59
C TYR A 228 43.22 22.90 31.52
N LEU A 229 44.18 22.86 30.58
CA LEU A 229 44.97 21.65 30.39
C LEU A 229 45.95 21.40 31.53
N ARG A 230 46.60 22.44 32.03
CA ARG A 230 47.44 22.26 33.22
C ARG A 230 46.65 21.70 34.42
N ARG A 231 45.41 22.16 34.59
CA ARG A 231 44.53 21.64 35.62
C ARG A 231 44.23 20.17 35.38
N ALA A 232 43.90 19.81 34.14
CA ALA A 232 43.63 18.41 33.80
C ALA A 232 44.84 17.52 34.18
N ALA A 233 46.06 18.04 33.98
CA ALA A 233 47.29 17.25 34.20
C ALA A 233 47.74 17.21 35.66
N GLU A 234 47.23 18.13 36.45
CA GLU A 234 47.65 18.30 37.84
C GLU A 234 46.93 17.37 38.82
N LYS A 235 47.68 16.66 39.66
CA LYS A 235 47.04 15.86 40.70
C LYS A 235 46.55 16.79 41.82
N PRO A 236 45.26 16.68 42.23
CA PRO A 236 44.87 17.51 43.38
C PRO A 236 45.73 17.15 44.61
N ALA A 237 46.18 18.17 45.33
CA ALA A 237 46.95 17.97 46.56
C ALA A 237 46.07 17.41 47.67
N LYS A 238 44.81 17.84 47.69
CA LYS A 238 43.84 17.46 48.71
C LYS A 238 42.63 16.87 47.96
N LEU A 239 42.17 15.70 48.37
CA LEU A 239 41.03 15.05 47.71
C LEU A 239 39.75 15.31 48.50
N LEU A 240 38.62 15.51 47.83
CA LEU A 240 37.39 15.82 48.55
C LEU A 240 36.88 14.67 49.42
N TYR A 241 37.29 13.44 49.13
CA TYR A 241 36.89 12.32 49.98
CA TYR A 241 36.92 12.30 49.97
C TYR A 241 37.43 12.50 51.40
N GLU A 242 38.59 13.15 51.54
CA GLU A 242 39.27 13.34 52.83
C GLU A 242 38.48 14.13 53.88
N GLU A 243 37.63 15.06 53.43
CA GLU A 243 36.80 15.86 54.34
C GLU A 243 35.29 15.60 54.18
N PRO B 1 18.62 15.16 11.31
CA PRO B 1 19.28 14.07 12.03
C PRO B 1 19.91 13.05 11.08
N GLY B 2 20.58 12.06 11.67
CA GLY B 2 21.27 11.03 10.89
C GLY B 2 21.64 9.82 11.73
N SER B 3 21.73 8.67 11.07
CA SER B 3 22.03 7.42 11.75
C SER B 3 23.53 7.27 12.03
N ILE B 4 23.86 6.71 13.20
CA ILE B 4 25.25 6.38 13.54
C ILE B 4 25.31 4.99 14.18
N PRO B 5 26.50 4.35 14.15
CA PRO B 5 26.71 3.15 14.97
C PRO B 5 26.60 3.54 16.45
N LEU B 6 26.42 2.58 17.35
CA LEU B 6 26.23 2.90 18.77
C LEU B 6 27.23 2.21 19.69
N ILE B 7 27.53 2.85 20.83
CA ILE B 7 28.40 2.24 21.85
C ILE B 7 27.81 0.90 22.26
N GLY B 8 28.66 -0.12 22.38
CA GLY B 8 28.23 -1.46 22.75
C GLY B 8 27.85 -2.34 21.55
N GLU B 9 27.77 -1.75 20.36
CA GLU B 9 27.50 -2.49 19.14
C GLU B 9 28.81 -2.95 18.56
N ARG B 10 28.79 -4.10 17.88
CA ARG B 10 29.95 -4.52 17.09
CA ARG B 10 29.91 -4.53 17.07
C ARG B 10 30.10 -3.53 15.93
N PHE B 11 31.34 -3.11 15.72
CA PHE B 11 31.65 -2.20 14.61
C PHE B 11 31.09 -2.82 13.32
N PRO B 12 30.40 -2.01 12.48
CA PRO B 12 29.81 -2.53 11.22
C PRO B 12 30.82 -3.29 10.37
N GLU B 13 30.44 -4.51 9.96
CA GLU B 13 31.26 -5.33 9.08
CA GLU B 13 31.30 -5.31 9.09
C GLU B 13 31.41 -4.66 7.72
N MET B 14 32.63 -4.42 7.28
CA MET B 14 32.86 -3.82 5.97
C MET B 14 34.25 -4.11 5.42
N GLU B 15 34.34 -4.18 4.10
CA GLU B 15 35.64 -4.15 3.45
C GLU B 15 35.92 -2.71 3.06
N VAL B 16 37.13 -2.25 3.34
CA VAL B 16 37.51 -0.87 3.06
C VAL B 16 38.83 -0.82 2.32
N THR B 17 38.93 0.13 1.40
CA THR B 17 40.11 0.29 0.61
C THR B 17 40.97 1.36 1.29
N THR B 18 42.16 0.99 1.72
CA THR B 18 43.08 1.97 2.32
C THR B 18 44.30 2.16 1.42
N ASP B 19 45.10 3.16 1.74
CA ASP B 19 46.38 3.38 1.04
C ASP B 19 47.46 2.34 1.39
N HIS B 20 47.07 1.35 2.22
CA HIS B 20 47.92 0.17 2.52
C HIS B 20 47.34 -1.08 1.88
N GLY B 21 46.17 -0.95 1.26
CA GLY B 21 45.46 -2.07 0.68
C GLY B 21 44.07 -2.27 1.24
N VAL B 22 43.41 -3.33 0.80
CA VAL B 22 42.06 -3.62 1.22
C VAL B 22 42.10 -4.42 2.52
N ILE B 23 41.26 -4.01 3.47
CA ILE B 23 41.11 -4.72 4.73
C ILE B 23 39.66 -4.87 5.14
N LYS B 24 39.39 -5.89 5.95
CA LYS B 24 38.06 -6.11 6.49
C LYS B 24 38.04 -5.60 7.94
N LEU B 25 37.05 -4.76 8.25
CA LEU B 25 36.83 -4.27 9.60
C LEU B 25 35.59 -4.93 10.20
N PRO B 26 35.58 -5.18 11.52
CA PRO B 26 36.71 -4.99 12.46
C PRO B 26 37.68 -6.16 12.46
N ASP B 27 37.41 -7.15 11.61
CA ASP B 27 38.11 -8.44 11.65
C ASP B 27 39.61 -8.34 11.57
N HIS B 28 40.11 -7.41 10.76
CA HIS B 28 41.55 -7.20 10.59
C HIS B 28 42.27 -7.00 11.91
N TYR B 29 41.61 -6.33 12.86
CA TYR B 29 42.22 -6.02 14.14
C TYR B 29 41.88 -7.03 15.22
N VAL B 30 40.63 -7.48 15.22
CA VAL B 30 40.14 -8.52 16.14
C VAL B 30 41.00 -9.79 16.04
N SER B 31 41.30 -10.20 14.81
CA SER B 31 42.15 -11.37 14.58
C SER B 31 43.58 -11.23 15.14
N GLN B 32 44.03 -9.99 15.38
CA GLN B 32 45.35 -9.74 15.98
C GLN B 32 45.29 -9.46 17.47
N GLY B 33 44.08 -9.45 18.04
CA GLY B 33 43.88 -9.14 19.44
C GLY B 33 44.12 -7.66 19.75
N LYS B 34 43.92 -6.82 18.75
CA LYS B 34 44.22 -5.39 18.94
C LYS B 34 42.95 -4.56 18.98
N TRP B 35 42.99 -3.51 19.78
CA TRP B 35 41.99 -2.42 19.68
C TRP B 35 42.32 -1.60 18.46
N PHE B 36 41.37 -0.81 17.98
CA PHE B 36 41.73 0.21 17.02
C PHE B 36 40.94 1.48 17.23
N VAL B 37 41.59 2.57 16.85
CA VAL B 37 40.96 3.87 16.74
C VAL B 37 40.80 4.19 15.26
N LEU B 38 39.55 4.24 14.80
CA LEU B 38 39.24 4.70 13.46
CA LEU B 38 39.26 4.71 13.46
C LEU B 38 38.85 6.15 13.61
N PHE B 39 39.52 7.02 12.87
CA PHE B 39 39.10 8.42 12.88
C PHE B 39 38.92 8.93 11.45
N SER B 40 38.14 9.99 11.29
CA SER B 40 37.95 10.55 9.97
C SER B 40 38.42 12.00 9.98
N HIS B 41 38.66 12.52 8.79
CA HIS B 41 39.01 13.95 8.62
C HIS B 41 38.36 14.44 7.33
N PRO B 42 37.95 15.73 7.30
CA PRO B 42 37.31 16.24 6.11
C PRO B 42 38.10 16.07 4.80
N ALA B 43 39.38 16.43 4.80
CA ALA B 43 40.11 16.49 3.50
C ALA B 43 41.62 16.48 3.61
N ASP B 44 42.26 15.60 2.82
CA ASP B 44 43.68 15.72 2.56
C ASP B 44 44.02 17.13 2.05
N PHE B 45 45.25 17.54 2.31
CA PHE B 45 45.76 18.85 1.87
C PHE B 45 44.90 19.97 2.44
N THR B 46 44.39 19.73 3.64
CA THR B 46 43.83 20.84 4.42
C THR B 46 44.54 20.91 5.78
N PRO B 47 44.64 22.11 6.34
CA PRO B 47 45.57 22.38 7.44
C PRO B 47 45.23 21.74 8.80
N VAL B 48 43.98 21.83 9.25
CA VAL B 48 43.67 21.24 10.57
C VAL B 48 43.95 19.72 10.49
N CYS B 49 43.45 19.11 9.40
CA CYS B 49 43.65 17.68 9.14
C CYS B 49 45.15 17.31 9.21
N THR B 50 45.98 18.17 8.60
CA THR B 50 47.41 17.93 8.60
C THR B 50 47.96 17.96 10.01
N THR B 51 47.55 18.95 10.80
CA THR B 51 48.05 19.02 12.19
C THR B 51 47.65 17.76 12.98
N GLU B 52 46.47 17.22 12.69
CA GLU B 52 45.99 16.03 13.43
C GLU B 52 46.78 14.80 13.06
N PHE B 53 47.02 14.60 11.76
CA PHE B 53 47.86 13.46 11.34
C PHE B 53 49.25 13.51 11.94
N VAL B 54 49.82 14.70 12.01
CA VAL B 54 51.12 14.86 12.64
C VAL B 54 51.06 14.51 14.13
N SER B 55 49.99 14.93 14.79
CA SER B 55 49.81 14.61 16.22
C SER B 55 49.64 13.10 16.49
N PHE B 56 48.78 12.46 15.70
CA PHE B 56 48.65 11.00 15.75
C PHE B 56 50.00 10.31 15.46
N ALA B 57 50.72 10.80 14.47
CA ALA B 57 52.00 10.17 14.11
C ALA B 57 53.01 10.27 15.26
N ARG B 58 53.06 11.42 15.89
CA ARG B 58 53.96 11.66 17.03
C ARG B 58 53.65 10.74 18.20
N ARG B 59 52.37 10.35 18.31
CA ARG B 59 51.82 9.54 19.41
C ARG B 59 51.68 8.07 19.03
N TYR B 60 52.16 7.72 17.85
CA TYR B 60 51.99 6.39 17.31
C TYR B 60 52.54 5.29 18.23
N GLU B 61 53.74 5.52 18.77
CA GLU B 61 54.37 4.52 19.67
C GLU B 61 53.55 4.37 20.97
N ASP B 62 52.97 5.47 21.44
CA ASP B 62 52.11 5.38 22.62
C ASP B 62 50.87 4.51 22.39
N PHE B 63 50.29 4.61 21.19
CA PHE B 63 49.19 3.71 20.81
C PHE B 63 49.64 2.26 20.68
N GLN B 64 50.81 2.09 20.08
CA GLN B 64 51.41 0.75 19.93
C GLN B 64 51.66 0.10 21.28
N ARG B 65 52.12 0.89 22.26
CA ARG B 65 52.38 0.41 23.62
C ARG B 65 51.12 -0.21 24.21
N LEU B 66 49.98 0.41 23.90
CA LEU B 66 48.68 -0.05 24.39
C LEU B 66 48.06 -1.21 23.59
N GLY B 67 48.70 -1.63 22.50
CA GLY B 67 48.09 -2.62 21.60
C GLY B 67 46.90 -2.05 20.85
N VAL B 68 47.03 -0.78 20.45
CA VAL B 68 46.00 -0.07 19.68
C VAL B 68 46.58 0.35 18.33
N ASP B 69 45.87 -0.01 17.26
CA ASP B 69 46.20 0.42 15.91
C ASP B 69 45.37 1.65 15.56
N LEU B 70 45.90 2.43 14.63
CA LEU B 70 45.20 3.61 14.10
C LEU B 70 44.83 3.43 12.63
N ILE B 71 43.67 3.93 12.26
CA ILE B 71 43.28 3.92 10.85
C ILE B 71 42.47 5.19 10.56
N GLY B 72 42.91 5.93 9.56
CA GLY B 72 42.20 7.17 9.17
C GLY B 72 41.12 6.95 8.12
N LEU B 73 40.42 8.03 7.76
CA LEU B 73 39.33 7.95 6.77
C LEU B 73 38.99 9.33 6.24
N SER B 74 38.90 9.45 4.92
CA SER B 74 38.33 10.66 4.32
C SER B 74 37.71 10.28 2.98
N VAL B 75 37.06 11.24 2.33
CA VAL B 75 36.41 10.95 1.04
C VAL B 75 37.39 11.11 -0.13
N ASP B 76 38.65 11.37 0.16
CA ASP B 76 39.68 11.51 -0.88
C ASP B 76 40.09 10.12 -1.39
N SER B 77 40.74 10.11 -2.56
CA SER B 77 41.25 8.85 -3.16
C SER B 77 42.53 8.34 -2.49
N VAL B 78 42.88 7.08 -2.76
CA VAL B 78 44.21 6.59 -2.33
C VAL B 78 45.36 7.39 -2.94
N PHE B 79 45.15 7.92 -4.15
CA PHE B 79 46.18 8.69 -4.81
C PHE B 79 46.45 9.95 -4.01
N SER B 80 45.37 10.65 -3.66
CA SER B 80 45.47 11.81 -2.76
C SER B 80 46.17 11.47 -1.42
N HIS B 81 45.76 10.39 -0.77
CA HIS B 81 46.39 9.95 0.51
C HIS B 81 47.89 9.80 0.40
N ILE B 82 48.36 9.12 -0.65
CA ILE B 82 49.77 8.84 -0.81
C ILE B 82 50.52 10.15 -1.10
N LYS B 83 49.94 11.02 -1.94
CA LYS B 83 50.55 12.32 -2.25
C LYS B 83 50.63 13.19 -0.98
N TRP B 84 49.58 13.18 -0.17
CA TRP B 84 49.53 14.00 1.06
C TRP B 84 50.57 13.52 2.09
N LYS B 85 50.66 12.21 2.25
CA LYS B 85 51.74 11.65 3.05
C LYS B 85 53.17 12.02 2.59
N GLU B 86 53.42 12.00 1.28
CA GLU B 86 54.69 12.47 0.74
C GLU B 86 54.93 13.93 1.15
N TRP B 87 53.89 14.75 0.99
CA TRP B 87 53.99 16.17 1.28
C TRP B 87 54.35 16.36 2.76
N ILE B 88 53.62 15.68 3.64
CA ILE B 88 53.90 15.79 5.08
C ILE B 88 55.31 15.37 5.48
N GLU B 89 55.76 14.26 4.93
CA GLU B 89 57.12 13.80 5.21
C GLU B 89 58.18 14.79 4.72
N ARG B 90 57.95 15.37 3.54
CA ARG B 90 58.92 16.30 2.95
C ARG B 90 58.94 17.65 3.64
N HIS B 91 57.76 18.19 3.96
CA HIS B 91 57.70 19.57 4.46
C HIS B 91 57.66 19.70 5.98
N ILE B 92 57.13 18.68 6.68
CA ILE B 92 57.02 18.70 8.14
CA ILE B 92 57.06 18.74 8.13
C ILE B 92 58.09 17.80 8.75
N GLY B 93 58.52 16.81 7.98
CA GLY B 93 59.55 15.89 8.43
C GLY B 93 58.99 14.76 9.28
N VAL B 94 57.70 14.48 9.08
CA VAL B 94 57.00 13.44 9.81
C VAL B 94 56.44 12.38 8.87
N ARG B 95 56.78 11.12 9.12
CA ARG B 95 56.20 10.03 8.37
C ARG B 95 54.90 9.55 9.03
N ILE B 96 53.81 9.47 8.25
CA ILE B 96 52.55 8.93 8.75
C ILE B 96 52.55 7.41 8.50
N PRO B 97 52.73 6.61 9.57
CA PRO B 97 52.88 5.14 9.42
C PRO B 97 51.61 4.30 9.26
N PHE B 98 50.44 4.84 9.59
CA PHE B 98 49.19 4.08 9.61
C PHE B 98 48.33 4.30 8.34
N PRO B 99 47.40 3.34 8.05
CA PRO B 99 46.59 3.46 6.82
C PRO B 99 45.51 4.52 6.92
N ILE B 100 45.13 5.05 5.76
CA ILE B 100 43.98 5.91 5.63
C ILE B 100 43.00 5.26 4.65
N ILE B 101 41.75 5.12 5.08
CA ILE B 101 40.68 4.67 4.19
C ILE B 101 40.37 5.73 3.15
N ALA B 102 40.22 5.29 1.91
CA ALA B 102 39.78 6.14 0.81
C ALA B 102 38.32 5.85 0.53
N ASP B 103 37.50 6.87 0.68
CA ASP B 103 36.06 6.69 0.64
C ASP B 103 35.37 7.70 -0.29
N PRO B 104 35.80 7.77 -1.56
CA PRO B 104 35.14 8.73 -2.45
C PRO B 104 33.72 8.25 -2.65
N GLN B 105 32.75 9.16 -2.65
CA GLN B 105 31.33 8.78 -2.65
C GLN B 105 30.74 8.57 -1.26
N GLY B 106 31.57 8.61 -0.22
CA GLY B 106 31.14 8.57 1.17
C GLY B 106 30.33 7.34 1.56
N THR B 107 30.61 6.20 0.94
CA THR B 107 29.89 4.97 1.25
C THR B 107 30.12 4.55 2.71
N VAL B 108 31.39 4.50 3.09
CA VAL B 108 31.79 4.13 4.45
C VAL B 108 31.39 5.24 5.41
N ALA B 109 31.60 6.47 4.98
CA ALA B 109 31.24 7.63 5.79
C ALA B 109 29.76 7.62 6.14
N ARG B 110 28.92 7.29 5.16
CA ARG B 110 27.47 7.21 5.41
C ARG B 110 27.11 6.11 6.41
N ARG B 111 27.77 4.96 6.30
CA ARG B 111 27.60 3.82 7.21
C ARG B 111 27.95 4.14 8.66
N LEU B 112 28.92 5.02 8.83
CA LEU B 112 29.39 5.39 10.15
C LEU B 112 28.78 6.70 10.67
N GLY B 113 27.89 7.31 9.88
CA GLY B 113 27.22 8.54 10.27
C GLY B 113 28.16 9.74 10.35
N LEU B 114 29.13 9.78 9.46
CA LEU B 114 30.19 10.80 9.48
C LEU B 114 29.91 11.98 8.57
N LEU B 115 28.77 11.95 7.89
CA LEU B 115 28.32 13.11 7.13
C LEU B 115 27.26 13.87 7.93
N HIS B 116 27.63 15.05 8.43
CA HIS B 116 26.71 15.83 9.26
C HIS B 116 26.23 17.04 8.46
N ALA B 117 25.50 17.94 9.12
CA ALA B 117 24.88 19.09 8.47
C ALA B 117 25.81 20.22 8.02
N GLU B 118 27.03 20.33 8.58
CA GLU B 118 27.89 21.46 8.22
C GLU B 118 28.47 21.34 6.80
N SER B 119 28.68 20.10 6.34
CA SER B 119 29.10 19.83 4.96
C SER B 119 28.37 18.64 4.37
N ALA B 120 27.86 18.83 3.16
CA ALA B 120 27.24 17.75 2.38
C ALA B 120 28.33 16.89 1.76
N THR B 121 29.56 17.36 1.81
CA THR B 121 30.60 16.91 0.88
C THR B 121 31.82 16.23 1.55
N HIS B 122 32.18 16.66 2.77
CA HIS B 122 33.30 16.05 3.50
C HIS B 122 32.84 15.55 4.88
N THR B 123 33.49 14.51 5.41
CA THR B 123 33.15 14.00 6.73
C THR B 123 33.51 15.02 7.82
N VAL B 124 32.86 14.86 8.97
CA VAL B 124 33.30 15.54 10.22
C VAL B 124 34.58 14.89 10.75
N ARG B 125 34.99 15.29 11.95
CA ARG B 125 36.18 14.73 12.58
C ARG B 125 35.72 13.69 13.59
N GLY B 126 35.33 12.53 13.07
CA GLY B 126 34.83 11.47 13.95
C GLY B 126 35.92 10.58 14.52
N VAL B 127 35.63 10.00 15.67
CA VAL B 127 36.55 9.06 16.33
C VAL B 127 35.72 7.89 16.87
N PHE B 128 36.08 6.66 16.47
CA PHE B 128 35.50 5.43 17.01
C PHE B 128 36.59 4.67 17.70
N ILE B 129 36.39 4.38 18.99
CA ILE B 129 37.34 3.58 19.74
C ILE B 129 36.74 2.19 19.81
N VAL B 130 37.45 1.21 19.23
CA VAL B 130 36.89 -0.14 19.09
C VAL B 130 37.81 -1.13 19.80
N ASP B 131 37.24 -1.99 20.64
CA ASP B 131 38.05 -2.93 21.42
C ASP B 131 38.38 -4.20 20.63
N ALA B 132 39.09 -5.11 21.29
CA ALA B 132 39.65 -6.26 20.57
C ALA B 132 38.60 -7.33 20.29
N ARG B 133 37.38 -7.11 20.80
CA ARG B 133 36.23 -7.94 20.45
C ARG B 133 35.42 -7.33 19.31
N GLY B 134 35.87 -6.17 18.82
CA GLY B 134 35.22 -5.51 17.69
C GLY B 134 34.08 -4.57 18.09
N VAL B 135 33.98 -4.28 19.38
CA VAL B 135 32.85 -3.52 19.95
C VAL B 135 33.22 -2.04 20.08
N ILE B 136 32.29 -1.18 19.68
CA ILE B 136 32.51 0.29 19.79
C ILE B 136 32.37 0.72 21.25
N ARG B 137 33.37 1.45 21.78
CA ARG B 137 33.45 1.72 23.22
C ARG B 137 33.25 3.19 23.55
N THR B 138 33.49 4.02 22.56
CA THR B 138 33.41 5.50 22.71
C THR B 138 33.34 6.11 21.34
N MET B 139 32.62 7.24 21.17
CA MET B 139 32.59 7.92 19.87
C MET B 139 32.67 9.41 20.11
N LEU B 140 33.48 10.07 19.30
CA LEU B 140 33.63 11.52 19.41
C LEU B 140 33.37 12.14 18.06
N TYR B 141 32.67 13.28 18.04
CA TYR B 141 32.43 13.98 16.79
C TYR B 141 32.84 15.44 16.93
N TYR B 142 34.04 15.75 16.45
CA TYR B 142 34.54 17.12 16.40
C TYR B 142 34.24 17.69 15.01
N PRO B 143 34.18 19.02 14.90
CA PRO B 143 33.83 19.69 13.66
C PRO B 143 35.03 20.03 12.77
N MET B 144 34.76 20.45 11.54
CA MET B 144 35.87 20.72 10.66
C MET B 144 36.78 21.86 11.18
N GLU B 145 36.24 22.80 11.98
CA GLU B 145 37.03 23.98 12.35
C GLU B 145 37.84 23.79 13.62
N LEU B 146 37.79 22.60 14.20
CA LEU B 146 38.44 22.40 15.47
C LEU B 146 39.16 21.06 15.51
N GLY B 147 40.48 21.11 15.70
CA GLY B 147 41.23 19.88 15.85
C GLY B 147 41.08 19.17 17.16
N ARG B 148 41.28 17.86 17.10
CA ARG B 148 41.19 17.03 18.27
C ARG B 148 42.34 17.21 19.29
N LEU B 149 42.09 16.76 20.52
CA LEU B 149 43.12 16.70 21.56
C LEU B 149 43.49 15.24 21.61
N VAL B 150 44.56 14.87 20.90
CA VAL B 150 44.89 13.44 20.72
C VAL B 150 45.26 12.73 22.01
N ASP B 151 45.84 13.46 22.96
CA ASP B 151 46.16 12.86 24.27
C ASP B 151 44.91 12.39 25.03
N GLU B 152 43.76 13.02 24.79
CA GLU B 152 42.52 12.52 25.40
C GLU B 152 42.08 11.19 24.80
N ILE B 153 42.39 10.97 23.52
CA ILE B 153 42.10 9.67 22.91
C ILE B 153 42.96 8.57 23.54
N LEU B 154 44.24 8.85 23.75
CA LEU B 154 45.08 7.96 24.53
C LEU B 154 44.55 7.70 25.94
N ARG B 155 44.14 8.75 26.63
CA ARG B 155 43.61 8.59 27.98
C ARG B 155 42.37 7.68 28.00
N ILE B 156 41.49 7.91 27.04
CA ILE B 156 40.28 7.09 26.89
C ILE B 156 40.63 5.61 26.72
N VAL B 157 41.46 5.28 25.74
CA VAL B 157 41.84 3.88 25.53
CA VAL B 157 41.79 3.87 25.56
C VAL B 157 42.51 3.29 26.76
N LYS B 158 43.48 4.02 27.32
CA LYS B 158 44.19 3.56 28.51
C LYS B 158 43.21 3.24 29.66
N ALA B 159 42.33 4.19 29.93
CA ALA B 159 41.37 4.06 31.02
C ALA B 159 40.36 2.91 30.77
N LEU B 160 39.91 2.72 29.53
CA LEU B 160 38.96 1.65 29.21
C LEU B 160 39.65 0.30 29.40
N LYS B 161 40.88 0.21 28.92
CA LYS B 161 41.61 -1.04 29.07
C LYS B 161 41.82 -1.36 30.55
N LEU B 162 42.10 -0.33 31.35
CA LEU B 162 42.29 -0.51 32.79
C LEU B 162 40.97 -0.93 33.48
N GLY B 163 39.89 -0.24 33.14
CA GLY B 163 38.56 -0.61 33.67
C GLY B 163 38.19 -2.05 33.37
N ASP B 164 38.48 -2.49 32.14
CA ASP B 164 38.16 -3.85 31.70
C ASP B 164 38.97 -4.86 32.50
N SER B 165 40.28 -4.60 32.64
CA SER B 165 41.15 -5.56 33.30
C SER B 165 40.95 -5.63 34.81
N LEU B 166 40.63 -4.49 35.43
CA LEU B 166 40.47 -4.42 36.88
C LEU B 166 39.02 -4.54 37.37
N LYS B 167 38.10 -4.64 36.41
CA LYS B 167 36.65 -4.65 36.68
C LYS B 167 36.21 -3.43 37.49
N ARG B 168 36.56 -2.25 36.97
CA ARG B 168 36.29 -0.99 37.65
C ARG B 168 35.77 0.05 36.67
N ALA B 169 34.97 0.97 37.19
CA ALA B 169 34.59 2.19 36.47
C ALA B 169 35.59 3.30 36.81
N VAL B 170 35.67 4.28 35.93
CA VAL B 170 36.76 5.27 35.99
C VAL B 170 36.15 6.64 36.25
N PRO B 171 36.58 7.33 37.31
CA PRO B 171 35.97 8.63 37.67
C PRO B 171 36.31 9.73 36.67
N ALA B 172 35.52 10.80 36.68
CA ALA B 172 35.80 11.98 35.88
C ALA B 172 37.30 12.39 36.04
N ASP B 173 37.95 12.79 34.95
CA ASP B 173 39.29 13.44 35.05
C ASP B 173 40.37 12.51 35.56
N TRP B 174 40.09 11.21 35.57
CA TRP B 174 41.07 10.23 36.09
C TRP B 174 42.35 10.31 35.22
N PRO B 175 43.56 10.20 35.86
CA PRO B 175 43.86 9.90 37.27
C PRO B 175 43.94 11.08 38.25
N ASN B 176 43.31 12.19 37.92
CA ASN B 176 43.38 13.40 38.72
C ASN B 176 41.96 13.79 39.18
N ASN B 177 41.20 12.79 39.56
CA ASN B 177 39.83 13.06 40.01
C ASN B 177 39.85 13.82 41.32
N GLU B 178 39.01 14.86 41.43
CA GLU B 178 39.02 15.72 42.61
C GLU B 178 38.46 15.12 43.90
N ILE B 179 37.69 14.03 43.75
CA ILE B 179 37.13 13.34 44.93
C ILE B 179 38.05 12.19 45.39
N ILE B 180 38.50 11.37 44.44
CA ILE B 180 39.21 10.12 44.79
C ILE B 180 40.56 9.99 44.09
N GLY B 181 40.99 11.05 43.40
CA GLY B 181 42.36 11.12 42.85
C GLY B 181 42.54 10.08 41.78
N GLU B 182 43.45 9.11 42.01
CA GLU B 182 43.66 7.99 41.08
C GLU B 182 42.85 6.73 41.43
N GLY B 183 41.97 6.82 42.44
CA GLY B 183 41.09 5.70 42.77
C GLY B 183 40.20 5.31 41.59
N LEU B 184 39.79 4.05 41.60
CA LEU B 184 38.86 3.50 40.62
C LEU B 184 37.62 2.98 41.34
N ILE B 185 36.49 3.03 40.63
CA ILE B 185 35.17 2.88 41.26
C ILE B 185 34.68 1.46 41.10
N VAL B 186 34.12 0.93 42.19
CA VAL B 186 33.49 -0.40 42.15
C VAL B 186 32.09 -0.21 41.53
N PRO B 187 31.75 -0.94 40.45
CA PRO B 187 30.38 -0.77 39.91
C PRO B 187 29.36 -0.95 41.04
N PRO B 188 28.36 -0.02 41.13
CA PRO B 188 27.52 0.02 42.32
C PRO B 188 26.60 -1.19 42.47
N PRO B 189 26.18 -1.51 43.71
CA PRO B 189 25.25 -2.63 43.91
C PRO B 189 23.94 -2.30 43.17
N THR B 190 23.26 -3.32 42.69
CA THR B 190 21.99 -3.11 41.98
C THR B 190 20.81 -3.77 42.76
N THR B 191 21.12 -4.39 43.90
CA THR B 191 20.06 -4.88 44.79
C THR B 191 20.29 -4.45 46.21
N GLU B 192 19.22 -4.40 46.97
CA GLU B 192 19.28 -3.99 48.35
C GLU B 192 20.18 -4.88 49.21
N ASP B 193 20.10 -6.19 49.02
CA ASP B 193 20.93 -7.11 49.81
C ASP B 193 22.42 -6.97 49.42
N GLN B 194 22.68 -6.81 48.12
CA GLN B 194 24.06 -6.55 47.65
C GLN B 194 24.61 -5.27 48.27
N ALA B 195 23.79 -4.22 48.28
CA ALA B 195 24.19 -2.95 48.90
C ALA B 195 24.51 -3.13 50.37
N ARG B 196 23.70 -3.92 51.07
CA ARG B 196 23.91 -4.15 52.50
C ARG B 196 25.19 -4.93 52.75
N ALA B 197 25.40 -5.97 51.95
CA ALA B 197 26.56 -6.85 52.07
C ALA B 197 27.86 -6.10 51.82
N ARG B 198 27.86 -5.21 50.83
CA ARG B 198 29.07 -4.45 50.49
C ARG B 198 29.47 -3.53 51.64
N MET B 199 28.49 -2.91 52.27
CA MET B 199 28.73 -2.05 53.41
C MET B 199 29.24 -2.86 54.61
N GLU B 200 28.62 -3.99 54.88
CA GLU B 200 29.03 -4.82 56.01
C GLU B 200 30.44 -5.42 55.86
N SER B 201 30.87 -5.65 54.63
CA SER B 201 32.19 -6.20 54.33
C SER B 201 33.34 -5.31 54.80
N GLY B 202 33.15 -4.00 54.76
CA GLY B 202 34.22 -3.02 55.01
C GLY B 202 35.39 -3.13 54.04
N GLN B 203 35.16 -3.75 52.89
CA GLN B 203 36.21 -4.02 51.93
C GLN B 203 36.75 -2.75 51.25
N TYR B 204 35.90 -1.75 51.08
CA TYR B 204 36.24 -0.60 50.24
C TYR B 204 36.13 0.70 50.97
N ARG B 205 36.92 1.69 50.53
CA ARG B 205 36.71 3.08 50.93
C ARG B 205 35.34 3.45 50.33
N SER B 206 34.55 4.23 51.04
CA SER B 206 33.18 4.50 50.55
C SER B 206 32.63 5.83 50.99
N LEU B 207 31.79 6.43 50.15
CA LEU B 207 31.02 7.62 50.54
C LEU B 207 29.54 7.28 50.80
N ASP B 208 29.08 6.19 50.19
CA ASP B 208 27.74 5.59 50.43
C ASP B 208 27.80 4.20 49.81
N TRP B 209 26.77 3.38 50.01
CA TRP B 209 26.78 2.04 49.46
C TRP B 209 26.96 1.98 47.94
N TRP B 210 26.59 3.05 47.23
CA TRP B 210 26.64 3.13 45.77
C TRP B 210 27.96 3.79 45.27
N PHE B 211 28.77 4.26 46.23
CA PHE B 211 30.02 4.94 45.90
C PHE B 211 31.14 4.33 46.75
N CYS B 212 31.66 3.20 46.27
CA CYS B 212 32.81 2.53 46.86
C CYS B 212 33.94 2.60 45.85
N TRP B 213 35.17 2.71 46.35
CA TRP B 213 36.30 2.78 45.43
C TRP B 213 37.52 2.16 46.08
N ASP B 214 38.54 1.87 45.26
CA ASP B 214 39.85 1.47 45.79
C ASP B 214 40.96 1.96 44.84
N THR B 215 42.17 1.44 45.02
CA THR B 215 43.31 1.95 44.26
C THR B 215 44.10 0.77 43.66
N PRO B 216 43.46 0.02 42.73
CA PRO B 216 44.08 -1.19 42.20
C PRO B 216 45.07 -0.97 41.05
N ALA B 217 45.08 0.23 40.48
CA ALA B 217 45.92 0.54 39.33
C ALA B 217 47.38 0.65 39.80
N SER B 218 48.29 0.10 39.02
CA SER B 218 49.70 0.22 39.29
C SER B 218 50.18 1.67 39.17
N ARG B 219 51.27 1.99 39.86
CA ARG B 219 51.87 3.29 39.67
C ARG B 219 52.17 3.52 38.19
N ASP B 220 52.62 2.50 37.48
CA ASP B 220 52.99 2.66 36.06
C ASP B 220 51.76 3.10 35.27
N ASP B 221 50.63 2.44 35.52
CA ASP B 221 49.42 2.72 34.75
C ASP B 221 48.91 4.12 35.05
N VAL B 222 48.93 4.49 36.30
CA VAL B 222 48.53 5.82 36.70
C VAL B 222 49.43 6.90 36.05
N GLU B 223 50.75 6.72 36.16
CA GLU B 223 51.71 7.73 35.69
C GLU B 223 51.69 7.85 34.15
N GLU B 224 51.50 6.72 33.48
CA GLU B 224 51.32 6.68 32.02
CA GLU B 224 51.37 6.76 32.04
C GLU B 224 50.14 7.55 31.61
N ALA B 225 49.01 7.35 32.27
CA ALA B 225 47.82 8.13 31.95
C ALA B 225 48.03 9.62 32.23
N ARG B 226 48.61 9.92 33.40
CA ARG B 226 48.92 11.30 33.76
C ARG B 226 49.89 11.95 32.76
N ARG B 227 50.86 11.16 32.27
CA ARG B 227 51.79 11.70 31.28
C ARG B 227 51.11 12.17 29.97
N TYR B 228 50.02 11.51 29.55
CA TYR B 228 49.32 11.96 28.33
C TYR B 228 48.83 13.39 28.58
N LEU B 229 48.26 13.63 29.77
CA LEU B 229 47.71 14.95 30.09
C LEU B 229 48.81 15.99 30.29
N ARG B 230 49.90 15.59 30.94
CA ARG B 230 51.07 16.47 31.08
C ARG B 230 51.53 16.93 29.69
N ARG B 231 51.65 15.98 28.77
CA ARG B 231 52.06 16.36 27.40
C ARG B 231 51.09 17.33 26.74
N ALA B 232 49.78 17.08 26.89
CA ALA B 232 48.73 17.96 26.34
C ALA B 232 48.92 19.38 26.86
N ALA B 233 49.36 19.48 28.10
CA ALA B 233 49.42 20.76 28.83
C ALA B 233 50.73 21.51 28.61
N GLU B 234 51.70 20.83 28.02
CA GLU B 234 53.05 21.35 27.89
C GLU B 234 53.17 22.27 26.70
N LYS B 235 53.72 23.47 26.91
CA LYS B 235 54.01 24.38 25.79
C LYS B 235 55.17 23.76 24.99
N PRO B 236 55.00 23.56 23.65
CA PRO B 236 56.06 22.89 22.88
C PRO B 236 57.43 23.54 23.03
N ALA B 237 58.46 22.69 23.15
CA ALA B 237 59.86 23.14 23.26
C ALA B 237 60.32 23.82 21.97
N LYS B 238 59.91 23.27 20.83
CA LYS B 238 60.34 23.74 19.52
C LYS B 238 59.22 23.45 18.53
N LEU B 239 58.83 24.44 17.74
CA LEU B 239 57.74 24.28 16.78
C LEU B 239 58.23 23.67 15.46
N LEU B 240 57.51 22.66 14.97
CA LEU B 240 57.91 21.97 13.74
C LEU B 240 57.89 22.88 12.50
N TYR B 241 57.20 24.02 12.59
CA TYR B 241 57.22 25.01 11.51
C TYR B 241 58.62 25.60 11.34
N GLU B 242 59.30 25.81 12.48
CA GLU B 242 60.65 26.36 12.52
C GLU B 242 61.64 25.52 11.70
N PRO C 1 21.54 -1.38 -15.09
CA PRO C 1 21.46 -0.11 -15.79
C PRO C 1 21.45 1.11 -14.86
N GLY C 2 21.43 2.30 -15.45
CA GLY C 2 21.47 3.54 -14.69
C GLY C 2 20.85 4.68 -15.48
N SER C 3 20.39 5.71 -14.79
CA SER C 3 19.80 6.88 -15.44
C SER C 3 20.86 7.87 -15.92
N ILE C 4 20.59 8.47 -17.06
CA ILE C 4 21.41 9.53 -17.65
C ILE C 4 20.49 10.64 -18.16
N PRO C 5 21.02 11.87 -18.32
CA PRO C 5 20.28 12.86 -19.10
C PRO C 5 20.23 12.39 -20.55
N LEU C 6 19.37 13.02 -21.36
CA LEU C 6 19.20 12.60 -22.74
C LEU C 6 19.47 13.73 -23.74
N ILE C 7 19.95 13.35 -24.93
CA ILE C 7 20.11 14.30 -26.05
C ILE C 7 18.80 15.03 -26.29
N GLY C 8 18.88 16.34 -26.45
CA GLY C 8 17.71 17.17 -26.68
C GLY C 8 17.08 17.68 -25.40
N GLU C 9 17.51 17.14 -24.26
CA GLU C 9 17.10 17.66 -22.95
C GLU C 9 17.96 18.86 -22.58
N ARG C 10 17.38 19.75 -21.77
CA ARG C 10 18.15 20.83 -21.18
C ARG C 10 19.05 20.23 -20.10
N PHE C 11 20.32 20.63 -20.10
CA PHE C 11 21.29 20.15 -19.10
C PHE C 11 20.68 20.35 -17.71
N PRO C 12 20.77 19.34 -16.83
CA PRO C 12 20.20 19.43 -15.48
C PRO C 12 20.66 20.70 -14.77
N GLU C 13 19.70 21.48 -14.26
CA GLU C 13 20.02 22.68 -13.48
C GLU C 13 20.70 22.27 -12.17
N MET C 14 21.85 22.87 -11.89
CA MET C 14 22.61 22.52 -10.70
C MET C 14 23.62 23.60 -10.40
N GLU C 15 23.87 23.78 -9.10
CA GLU C 15 24.97 24.57 -8.62
C GLU C 15 26.13 23.60 -8.43
N VAL C 16 27.31 23.97 -8.93
CA VAL C 16 28.50 23.13 -8.73
C VAL C 16 29.68 23.92 -8.20
N THR C 17 30.46 23.29 -7.34
CA THR C 17 31.68 23.86 -6.79
C THR C 17 32.86 23.49 -7.69
N THR C 18 33.51 24.50 -8.25
CA THR C 18 34.68 24.24 -9.10
C THR C 18 35.90 24.82 -8.41
N ASP C 19 37.08 24.54 -8.96
CA ASP C 19 38.31 25.13 -8.45
C ASP C 19 38.50 26.57 -8.95
N HIS C 20 37.49 27.10 -9.63
CA HIS C 20 37.43 28.52 -9.99
C HIS C 20 36.36 29.26 -9.15
N GLY C 21 35.61 28.49 -8.35
CA GLY C 21 34.44 29.01 -7.61
C GLY C 21 33.16 28.26 -7.94
N VAL C 22 32.07 28.69 -7.29
CA VAL C 22 30.76 28.10 -7.49
C VAL C 22 30.14 28.69 -8.74
N ILE C 23 29.52 27.84 -9.55
CA ILE C 23 28.76 28.31 -10.72
C ILE C 23 27.47 27.52 -10.90
N LYS C 24 26.51 28.14 -11.60
CA LYS C 24 25.26 27.47 -11.91
C LYS C 24 25.30 26.96 -13.36
N LEU C 25 24.98 25.68 -13.54
CA LEU C 25 24.90 25.10 -14.89
C LEU C 25 23.45 24.89 -15.27
N PRO C 26 23.10 25.04 -16.57
CA PRO C 26 23.96 25.54 -17.65
C PRO C 26 24.04 27.08 -17.71
N ASP C 27 23.31 27.74 -16.81
CA ASP C 27 23.11 29.21 -16.86
C ASP C 27 24.38 30.03 -17.01
N HIS C 28 25.45 29.65 -16.31
CA HIS C 28 26.71 30.36 -16.38
C HIS C 28 27.19 30.55 -17.81
N TYR C 29 26.96 29.55 -18.66
CA TYR C 29 27.40 29.60 -20.04
C TYR C 29 26.31 30.14 -20.98
N VAL C 30 25.07 29.74 -20.72
CA VAL C 30 23.89 30.19 -21.47
C VAL C 30 23.88 31.75 -21.52
N SER C 31 24.12 32.37 -20.36
CA SER C 31 24.18 33.84 -20.21
C SER C 31 25.26 34.54 -21.04
N GLN C 32 26.34 33.82 -21.36
CA GLN C 32 27.40 34.37 -22.19
C GLN C 32 27.22 34.01 -23.65
N GLY C 33 26.18 33.24 -23.97
CA GLY C 33 25.96 32.73 -25.33
C GLY C 33 27.03 31.74 -25.78
N LYS C 34 27.63 31.05 -24.80
CA LYS C 34 28.66 30.05 -25.07
C LYS C 34 28.09 28.63 -25.04
N TRP C 35 28.65 27.78 -25.89
CA TRP C 35 28.48 26.36 -25.69
C TRP C 35 29.44 25.93 -24.57
N PHE C 36 29.24 24.75 -24.00
CA PHE C 36 30.29 24.18 -23.17
C PHE C 36 30.41 22.69 -23.35
N VAL C 37 31.61 22.19 -23.12
CA VAL C 37 31.86 20.74 -23.01
C VAL C 37 32.16 20.47 -21.53
N LEU C 38 31.26 19.74 -20.90
CA LEU C 38 31.52 19.19 -19.56
C LEU C 38 32.03 17.77 -19.76
N PHE C 39 33.18 17.48 -19.18
CA PHE C 39 33.70 16.13 -19.24
C PHE C 39 34.14 15.68 -17.86
N SER C 40 34.19 14.36 -17.63
CA SER C 40 34.56 13.85 -16.31
C SER C 40 35.78 12.98 -16.44
N HIS C 41 36.45 12.77 -15.31
CA HIS C 41 37.61 11.88 -15.28
C HIS C 41 37.62 11.16 -13.93
N PRO C 42 38.07 9.90 -13.91
CA PRO C 42 37.96 9.20 -12.65
C PRO C 42 38.69 9.79 -11.46
N ALA C 43 39.92 10.27 -11.65
CA ALA C 43 40.75 10.71 -10.51
C ALA C 43 41.90 11.62 -10.86
N ASP C 44 42.00 12.75 -10.16
CA ASP C 44 43.23 13.53 -10.13
C ASP C 44 44.42 12.64 -9.75
N PHE C 45 45.59 13.05 -10.22
CA PHE C 45 46.84 12.31 -9.95
C PHE C 45 46.76 10.88 -10.45
N THR C 46 46.08 10.71 -11.59
CA THR C 46 46.17 9.43 -12.30
C THR C 46 46.52 9.73 -13.75
N PRO C 47 47.21 8.77 -14.38
CA PRO C 47 47.91 9.09 -15.62
C PRO C 47 47.07 9.34 -16.89
N VAL C 48 46.03 8.54 -17.16
CA VAL C 48 45.27 8.79 -18.40
C VAL C 48 44.59 10.16 -18.25
N CYS C 49 44.01 10.40 -17.07
CA CYS C 49 43.37 11.66 -16.77
C CYS C 49 44.32 12.83 -17.05
N THR C 50 45.56 12.70 -16.59
CA THR C 50 46.54 13.76 -16.77
C THR C 50 46.80 14.01 -18.28
N THR C 51 46.94 12.95 -19.06
CA THR C 51 47.13 13.10 -20.51
C THR C 51 45.95 13.82 -21.19
N GLU C 52 44.73 13.59 -20.69
CA GLU C 52 43.54 14.20 -21.31
C GLU C 52 43.50 15.68 -20.95
N PHE C 53 43.81 16.00 -19.71
CA PHE C 53 43.89 17.44 -19.37
C PHE C 53 44.89 18.20 -20.21
N VAL C 54 46.05 17.59 -20.40
CA VAL C 54 47.08 18.20 -21.24
C VAL C 54 46.57 18.38 -22.68
N SER C 55 45.80 17.40 -23.17
CA SER C 55 45.27 17.43 -24.54
C SER C 55 44.21 18.55 -24.70
N PHE C 56 43.31 18.61 -23.73
CA PHE C 56 42.33 19.70 -23.67
C PHE C 56 42.99 21.08 -23.56
N ALA C 57 44.01 21.19 -22.72
CA ALA C 57 44.73 22.49 -22.63
C ALA C 57 45.41 22.87 -23.95
N ARG C 58 45.99 21.89 -24.66
CA ARG C 58 46.59 22.14 -25.97
C ARG C 58 45.55 22.73 -26.94
N ARG C 59 44.32 22.24 -26.83
CA ARG C 59 43.22 22.59 -27.75
C ARG C 59 42.35 23.73 -27.22
N TYR C 60 42.78 24.35 -26.14
CA TYR C 60 41.96 25.34 -25.44
C TYR C 60 41.60 26.51 -26.37
N GLU C 61 42.61 27.02 -27.06
CA GLU C 61 42.47 28.12 -28.03
C GLU C 61 41.49 27.73 -29.16
N ASP C 62 41.56 26.49 -29.63
CA ASP C 62 40.61 26.00 -30.63
C ASP C 62 39.16 26.00 -30.13
N PHE C 63 38.94 25.61 -28.87
CA PHE C 63 37.59 25.62 -28.32
C PHE C 63 37.15 27.08 -28.12
N GLN C 64 38.07 27.92 -27.65
CA GLN C 64 37.77 29.35 -27.45
C GLN C 64 37.34 30.03 -28.75
N ARG C 65 38.04 29.73 -29.85
CA ARG C 65 37.70 30.30 -31.17
C ARG C 65 36.27 29.95 -31.59
N LEU C 66 35.81 28.76 -31.19
CA LEU C 66 34.47 28.31 -31.54
C LEU C 66 33.41 28.87 -30.58
N GLY C 67 33.82 29.56 -29.53
CA GLY C 67 32.87 30.02 -28.52
C GLY C 67 32.40 28.87 -27.63
N VAL C 68 33.33 27.97 -27.30
CA VAL C 68 33.05 26.79 -26.49
C VAL C 68 33.95 26.82 -25.26
N ASP C 69 33.32 26.80 -24.08
CA ASP C 69 34.02 26.68 -22.81
C ASP C 69 34.22 25.21 -22.42
N LEU C 70 35.20 24.95 -21.54
CA LEU C 70 35.48 23.61 -21.05
C LEU C 70 35.28 23.60 -19.55
N ILE C 71 34.74 22.50 -19.05
CA ILE C 71 34.65 22.29 -17.62
C ILE C 71 34.81 20.81 -17.29
N GLY C 72 35.75 20.50 -16.41
CA GLY C 72 35.97 19.11 -15.96
C GLY C 72 35.14 18.73 -14.75
N LEU C 73 35.26 17.46 -14.34
CA LEU C 73 34.51 16.95 -13.21
C LEU C 73 35.17 15.68 -12.71
N SER C 74 35.45 15.62 -11.40
CA SER C 74 35.80 14.34 -10.76
C SER C 74 35.27 14.34 -9.33
N VAL C 75 35.35 13.19 -8.68
CA VAL C 75 34.97 13.08 -7.25
C VAL C 75 36.03 13.60 -6.28
N ASP C 76 37.10 14.19 -6.79
CA ASP C 76 38.18 14.74 -5.94
C ASP C 76 37.78 16.13 -5.43
N SER C 77 38.47 16.59 -4.38
CA SER C 77 38.23 17.91 -3.78
C SER C 77 38.85 19.05 -4.58
N VAL C 78 38.42 20.27 -4.30
CA VAL C 78 39.05 21.44 -4.93
C VAL C 78 40.52 21.54 -4.55
N PHE C 79 40.88 21.07 -3.36
CA PHE C 79 42.30 21.09 -2.94
C PHE C 79 43.14 20.17 -3.80
N SER C 80 42.61 18.97 -4.03
CA SER C 80 43.24 18.02 -4.97
C SER C 80 43.35 18.63 -6.38
N HIS C 81 42.26 19.20 -6.90
CA HIS C 81 42.29 19.88 -8.19
C HIS C 81 43.42 20.90 -8.27
N ILE C 82 43.55 21.75 -7.25
CA ILE C 82 44.55 22.80 -7.32
C ILE C 82 45.98 22.22 -7.25
N LYS C 83 46.19 21.24 -6.37
CA LYS C 83 47.49 20.58 -6.27
C LYS C 83 47.84 19.86 -7.58
N TRP C 84 46.83 19.25 -8.19
CA TRP C 84 47.07 18.52 -9.46
C TRP C 84 47.49 19.46 -10.58
N LYS C 85 46.78 20.58 -10.71
CA LYS C 85 47.14 21.61 -11.66
C LYS C 85 48.57 22.15 -11.42
N GLU C 86 48.94 22.36 -10.17
CA GLU C 86 50.32 22.72 -9.82
C GLU C 86 51.33 21.71 -10.32
N TRP C 87 51.03 20.43 -10.08
CA TRP C 87 51.89 19.34 -10.50
C TRP C 87 52.04 19.39 -12.03
N ILE C 88 50.92 19.52 -12.73
CA ILE C 88 50.97 19.48 -14.21
C ILE C 88 51.78 20.64 -14.77
N GLU C 89 51.56 21.83 -14.21
CA GLU C 89 52.31 23.02 -14.61
C GLU C 89 53.80 22.81 -14.35
N ARG C 90 54.15 22.30 -13.17
CA ARG C 90 55.55 22.16 -12.78
C ARG C 90 56.28 21.03 -13.53
N HIS C 91 55.63 19.88 -13.67
CA HIS C 91 56.26 18.69 -14.25
C HIS C 91 56.10 18.50 -15.75
N ILE C 92 55.00 19.03 -16.31
CA ILE C 92 54.74 18.93 -17.76
C ILE C 92 54.94 20.27 -18.45
N GLY C 93 54.84 21.37 -17.70
CA GLY C 93 55.03 22.71 -18.26
C GLY C 93 53.78 23.23 -18.96
N VAL C 94 52.64 22.65 -18.60
CA VAL C 94 51.36 23.07 -19.17
C VAL C 94 50.44 23.60 -18.06
N ARG C 95 49.89 24.78 -18.27
CA ARG C 95 48.92 25.36 -17.35
CA ARG C 95 48.91 25.31 -17.33
C ARG C 95 47.50 24.97 -17.80
N ILE C 96 46.73 24.35 -16.93
CA ILE C 96 45.34 24.02 -17.21
C ILE C 96 44.49 25.22 -16.90
N PRO C 97 43.90 25.86 -17.94
CA PRO C 97 43.20 27.15 -17.75
C PRO C 97 41.73 27.06 -17.37
N PHE C 98 41.12 25.88 -17.53
CA PHE C 98 39.68 25.77 -17.36
C PHE C 98 39.32 25.18 -15.99
N PRO C 99 38.08 25.41 -15.52
CA PRO C 99 37.68 24.92 -14.21
C PRO C 99 37.45 23.41 -14.16
N ILE C 100 37.60 22.84 -12.97
CA ILE C 100 37.21 21.46 -12.72
C ILE C 100 36.22 21.45 -11.54
N ILE C 101 35.07 20.80 -11.74
CA ILE C 101 34.09 20.58 -10.65
C ILE C 101 34.64 19.56 -9.67
N ALA C 102 34.48 19.88 -8.39
CA ALA C 102 34.85 19.00 -7.29
C ALA C 102 33.56 18.35 -6.79
N ASP C 103 33.49 17.03 -6.89
CA ASP C 103 32.25 16.29 -6.62
C ASP C 103 32.46 15.12 -5.65
N PRO C 104 33.07 15.40 -4.47
CA PRO C 104 33.23 14.29 -3.52
C PRO C 104 31.86 13.99 -2.95
N GLN C 105 31.48 12.71 -3.00
CA GLN C 105 30.14 12.22 -2.62
CA GLN C 105 30.13 12.23 -2.62
C GLN C 105 29.37 11.82 -3.89
N GLY C 106 29.92 12.19 -5.04
CA GLY C 106 29.36 11.81 -6.33
C GLY C 106 27.96 12.32 -6.63
N THR C 107 27.57 13.41 -5.98
CA THR C 107 26.23 13.99 -6.15
C THR C 107 25.97 14.42 -7.60
N VAL C 108 26.91 15.16 -8.18
CA VAL C 108 26.80 15.62 -9.57
C VAL C 108 26.90 14.44 -10.54
N ALA C 109 27.87 13.56 -10.28
CA ALA C 109 28.07 12.34 -11.08
C ALA C 109 26.80 11.49 -11.21
N ARG C 110 26.07 11.30 -10.11
CA ARG C 110 24.82 10.54 -10.14
C ARG C 110 23.74 11.18 -11.02
N ARG C 111 23.62 12.49 -10.96
CA ARG C 111 22.70 13.27 -11.79
C ARG C 111 23.03 13.13 -13.27
N LEU C 112 24.31 12.99 -13.58
CA LEU C 112 24.77 12.93 -14.95
C LEU C 112 24.93 11.48 -15.42
N GLY C 113 24.69 10.54 -14.51
CA GLY C 113 24.82 9.11 -14.81
C GLY C 113 26.24 8.68 -15.11
N LEU C 114 27.20 9.23 -14.37
CA LEU C 114 28.63 9.01 -14.67
C LEU C 114 29.24 7.92 -13.81
N LEU C 115 28.44 7.30 -12.97
CA LEU C 115 28.89 6.16 -12.18
C LEU C 115 28.38 4.85 -12.78
N HIS C 116 29.28 4.12 -13.41
CA HIS C 116 28.90 2.91 -14.13
C HIS C 116 29.28 1.67 -13.32
N ALA C 117 29.22 0.49 -13.94
CA ALA C 117 29.44 -0.78 -13.24
C ALA C 117 30.92 -1.08 -13.00
N GLU C 118 31.78 -0.56 -13.87
CA GLU C 118 33.24 -0.68 -13.83
C GLU C 118 33.84 -0.27 -12.46
N SER C 119 33.37 0.84 -11.89
CA SER C 119 33.82 1.31 -10.58
C SER C 119 32.67 1.89 -9.78
N ALA C 120 32.68 1.59 -8.48
CA ALA C 120 31.65 2.08 -7.58
C ALA C 120 32.00 3.49 -7.11
N THR C 121 33.29 3.83 -7.18
CA THR C 121 33.84 5.01 -6.50
C THR C 121 34.20 6.23 -7.37
N HIS C 122 34.65 5.98 -8.62
CA HIS C 122 35.09 7.06 -9.51
C HIS C 122 34.22 7.09 -10.78
N THR C 123 34.09 8.28 -11.40
CA THR C 123 33.26 8.42 -12.61
C THR C 123 33.97 7.80 -13.81
N VAL C 124 33.18 7.45 -14.83
CA VAL C 124 33.74 7.12 -16.15
C VAL C 124 34.26 8.39 -16.82
N ARG C 125 34.71 8.24 -18.07
CA ARG C 125 35.17 9.40 -18.84
C ARG C 125 34.04 9.89 -19.72
N GLY C 126 33.11 10.61 -19.11
CA GLY C 126 31.94 11.10 -19.83
C GLY C 126 32.20 12.43 -20.50
N VAL C 127 31.41 12.72 -21.54
CA VAL C 127 31.50 13.98 -22.26
C VAL C 127 30.10 14.45 -22.60
N PHE C 128 29.75 15.67 -22.19
CA PHE C 128 28.44 16.24 -22.54
C PHE C 128 28.75 17.47 -23.35
N ILE C 129 28.23 17.52 -24.57
CA ILE C 129 28.37 18.69 -25.41
C ILE C 129 27.05 19.44 -25.29
N VAL C 130 27.14 20.69 -24.84
CA VAL C 130 25.93 21.45 -24.49
C VAL C 130 25.94 22.77 -25.27
N ASP C 131 24.85 23.08 -25.97
CA ASP C 131 24.81 24.26 -26.82
C ASP C 131 24.45 25.54 -26.05
N ALA C 132 24.36 26.67 -26.76
CA ALA C 132 24.21 27.97 -26.10
C ALA C 132 22.80 28.20 -25.61
N ARG C 133 21.90 27.26 -25.90
CA ARG C 133 20.56 27.23 -25.32
C ARG C 133 20.48 26.36 -24.08
N GLY C 134 21.59 25.72 -23.70
CA GLY C 134 21.59 24.82 -22.55
C GLY C 134 21.20 23.38 -22.85
N VAL C 135 21.10 23.03 -24.12
CA VAL C 135 20.55 21.73 -24.55
C VAL C 135 21.71 20.75 -24.78
N ILE C 136 21.59 19.54 -24.24
CA ILE C 136 22.57 18.46 -24.49
C ILE C 136 22.48 17.99 -25.94
N ARG C 137 23.62 17.96 -26.65
CA ARG C 137 23.61 17.69 -28.09
C ARG C 137 24.26 16.37 -28.47
N THR C 138 25.18 15.90 -27.63
CA THR C 138 25.94 14.65 -27.84
C THR C 138 26.45 14.21 -26.48
N MET C 139 26.53 12.89 -26.25
CA MET C 139 27.08 12.35 -25.01
C MET C 139 28.01 11.21 -25.35
N LEU C 140 29.17 11.19 -24.73
CA LEU C 140 30.15 10.10 -24.94
C LEU C 140 30.51 9.51 -23.60
N TYR C 141 30.57 8.18 -23.55
CA TYR C 141 31.01 7.50 -22.33
C TYR C 141 32.18 6.59 -22.62
N TYR C 142 33.39 7.08 -22.32
CA TYR C 142 34.62 6.29 -22.46
C TYR C 142 34.90 5.70 -21.09
N PRO C 143 35.67 4.60 -21.05
CA PRO C 143 35.96 3.90 -19.80
C PRO C 143 37.27 4.36 -19.16
N MET C 144 37.54 3.93 -17.92
CA MET C 144 38.75 4.35 -17.20
CA MET C 144 38.74 4.40 -17.23
C MET C 144 40.03 4.07 -17.97
N GLU C 145 40.06 2.95 -18.68
CA GLU C 145 41.30 2.49 -19.27
C GLU C 145 41.65 3.08 -20.64
N LEU C 146 40.82 4.01 -21.15
CA LEU C 146 40.93 4.45 -22.52
C LEU C 146 40.75 5.97 -22.61
N GLY C 147 41.83 6.65 -22.89
CA GLY C 147 41.80 8.13 -23.06
C GLY C 147 40.98 8.52 -24.29
N ARG C 148 40.36 9.70 -24.23
CA ARG C 148 39.58 10.24 -25.35
C ARG C 148 40.45 10.72 -26.53
N LEU C 149 39.80 10.87 -27.68
CA LEU C 149 40.39 11.53 -28.83
C LEU C 149 39.79 12.94 -28.87
N VAL C 150 40.54 13.89 -28.32
CA VAL C 150 39.99 15.23 -28.11
C VAL C 150 39.66 15.95 -29.41
N ASP C 151 40.40 15.68 -30.48
CA ASP C 151 40.05 16.26 -31.76
C ASP C 151 38.67 15.85 -32.30
N GLU C 152 38.17 14.67 -31.94
CA GLU C 152 36.80 14.31 -32.31
C GLU C 152 35.78 15.14 -31.54
N ILE C 153 36.11 15.56 -30.33
CA ILE C 153 35.21 16.44 -29.56
C ILE C 153 35.13 17.80 -30.27
N LEU C 154 36.27 18.31 -30.71
CA LEU C 154 36.30 19.56 -31.52
C LEU C 154 35.52 19.37 -32.83
N ARG C 155 35.74 18.24 -33.52
CA ARG C 155 34.98 18.00 -34.76
C ARG C 155 33.46 18.02 -34.52
N ILE C 156 33.01 17.35 -33.46
CA ILE C 156 31.61 17.28 -33.08
C ILE C 156 31.04 18.69 -32.94
N VAL C 157 31.71 19.50 -32.13
CA VAL C 157 31.24 20.87 -31.84
C VAL C 157 31.21 21.75 -33.09
N LYS C 158 32.29 21.76 -33.85
CA LYS C 158 32.39 22.46 -35.13
C LYS C 158 31.21 22.05 -36.07
N ALA C 159 31.04 20.74 -36.26
CA ALA C 159 30.01 20.25 -37.17
C ALA C 159 28.56 20.53 -36.69
N LEU C 160 28.32 20.51 -35.38
CA LEU C 160 26.98 20.78 -34.82
C LEU C 160 26.68 22.27 -35.04
N LYS C 161 27.68 23.10 -34.83
CA LYS C 161 27.50 24.56 -35.04
C LYS C 161 27.21 24.87 -36.49
N LEU C 162 27.95 24.22 -37.38
CA LEU C 162 27.79 24.36 -38.82
CA LEU C 162 27.77 24.37 -38.82
C LEU C 162 26.42 23.85 -39.27
N GLY C 163 26.03 22.67 -38.78
CA GLY C 163 24.68 22.15 -39.06
C GLY C 163 23.61 23.14 -38.64
N ASP C 164 23.74 23.67 -37.42
CA ASP C 164 22.79 24.61 -36.83
C ASP C 164 22.73 25.90 -37.66
N SER C 165 23.89 26.43 -38.05
CA SER C 165 23.91 27.71 -38.77
C SER C 165 23.48 27.58 -40.23
N LEU C 166 23.71 26.39 -40.82
CA LEU C 166 23.48 26.19 -42.26
C LEU C 166 22.19 25.45 -42.53
N LYS C 167 21.48 25.09 -41.45
CA LYS C 167 20.28 24.23 -41.46
C LYS C 167 20.52 22.94 -42.25
N ARG C 168 21.53 22.18 -41.82
CA ARG C 168 21.99 21.05 -42.62
C ARG C 168 22.35 19.92 -41.67
N ALA C 169 22.27 18.69 -42.16
CA ALA C 169 22.76 17.54 -41.38
C ALA C 169 24.13 17.20 -41.90
N VAL C 170 24.91 16.45 -41.11
CA VAL C 170 26.32 16.31 -41.38
C VAL C 170 26.62 14.83 -41.63
N PRO C 171 27.21 14.50 -42.79
CA PRO C 171 27.37 13.07 -43.11
C PRO C 171 28.46 12.43 -42.28
N ALA C 172 28.44 11.09 -42.23
CA ALA C 172 29.52 10.39 -41.58
C ALA C 172 30.90 10.90 -42.02
N ASP C 173 31.82 11.01 -41.07
CA ASP C 173 33.22 11.29 -41.37
C ASP C 173 33.48 12.69 -41.96
N TRP C 174 32.47 13.54 -41.90
CA TRP C 174 32.60 14.93 -42.42
C TRP C 174 33.81 15.61 -41.74
N PRO C 175 34.61 16.42 -42.49
CA PRO C 175 34.41 16.82 -43.90
C PRO C 175 35.02 15.91 -44.95
N ASN C 176 35.26 14.65 -44.61
CA ASN C 176 35.87 13.69 -45.51
C ASN C 176 34.95 12.50 -45.81
N ASN C 177 33.68 12.79 -46.01
CA ASN C 177 32.72 11.75 -46.31
C ASN C 177 33.01 11.15 -47.67
N GLU C 178 32.96 9.82 -47.75
CA GLU C 178 33.33 9.12 -48.97
C GLU C 178 32.35 9.36 -50.11
N ILE C 179 31.10 9.66 -49.78
CA ILE C 179 30.05 9.84 -50.81
C ILE C 179 30.00 11.28 -51.30
N ILE C 180 29.99 12.20 -50.35
CA ILE C 180 29.74 13.62 -50.68
C ILE C 180 30.86 14.57 -50.22
N GLY C 181 31.93 14.01 -49.63
CA GLY C 181 33.07 14.82 -49.24
C GLY C 181 32.78 15.79 -48.13
N GLU C 182 32.91 17.09 -48.43
CA GLU C 182 32.60 18.17 -47.47
C GLU C 182 31.18 18.68 -47.62
N GLY C 183 30.42 18.00 -48.47
CA GLY C 183 28.99 18.26 -48.62
C GLY C 183 28.22 18.10 -47.34
N LEU C 184 27.12 18.86 -47.25
CA LEU C 184 26.20 18.80 -46.11
C LEU C 184 24.80 18.45 -46.62
N ILE C 185 24.05 17.79 -45.76
CA ILE C 185 22.81 17.13 -46.15
C ILE C 185 21.56 17.96 -45.85
N VAL C 186 20.67 18.04 -46.84
CA VAL C 186 19.37 18.65 -46.63
C VAL C 186 18.48 17.66 -45.88
N PRO C 187 17.94 18.07 -44.72
CA PRO C 187 17.02 17.18 -43.99
C PRO C 187 15.94 16.60 -44.93
N PRO C 188 15.70 15.28 -44.84
CA PRO C 188 14.79 14.65 -45.81
C PRO C 188 13.34 15.19 -45.73
N PRO C 189 12.62 15.16 -46.87
CA PRO C 189 11.19 15.50 -46.90
C PRO C 189 10.43 14.49 -46.07
N THR C 190 9.33 14.90 -45.44
CA THR C 190 8.56 13.97 -44.60
C THR C 190 7.12 13.76 -45.07
N THR C 191 6.78 14.36 -46.22
CA THR C 191 5.50 14.07 -46.87
C THR C 191 5.71 13.77 -48.33
N GLU C 192 4.73 13.08 -48.92
CA GLU C 192 4.82 12.69 -50.30
C GLU C 192 4.88 13.93 -51.21
N ASP C 193 4.09 14.95 -50.88
CA ASP C 193 4.05 16.18 -51.66
C ASP C 193 5.38 16.94 -51.60
N GLN C 194 5.94 17.04 -50.40
CA GLN C 194 7.25 17.68 -50.19
CA GLN C 194 7.25 17.68 -50.19
C GLN C 194 8.33 16.93 -50.96
N ALA C 195 8.26 15.60 -50.91
CA ALA C 195 9.19 14.76 -51.62
C ALA C 195 9.12 14.92 -53.14
N ARG C 196 7.90 15.00 -53.69
CA ARG C 196 7.74 15.19 -55.14
C ARG C 196 8.24 16.57 -55.56
N ALA C 197 7.92 17.58 -54.76
CA ALA C 197 8.36 18.95 -54.99
C ALA C 197 9.89 19.03 -55.05
N ARG C 198 10.56 18.50 -54.02
CA ARG C 198 12.01 18.56 -53.96
C ARG C 198 12.66 17.90 -55.16
N MET C 199 12.07 16.82 -55.64
CA MET C 199 12.59 16.16 -56.81
CA MET C 199 12.54 16.11 -56.83
C MET C 199 12.48 16.99 -58.08
N GLU C 200 11.37 17.71 -58.22
CA GLU C 200 11.12 18.52 -59.41
C GLU C 200 11.80 19.90 -59.38
N SER C 201 12.16 20.35 -58.19
CA SER C 201 12.73 21.69 -58.00
C SER C 201 14.13 21.85 -58.63
N GLY C 202 14.85 20.74 -58.77
CA GLY C 202 16.25 20.77 -59.23
C GLY C 202 17.21 21.59 -58.35
N GLN C 203 16.78 21.93 -57.14
CA GLN C 203 17.53 22.80 -56.24
C GLN C 203 18.86 22.21 -55.75
N TYR C 204 18.91 20.88 -55.62
CA TYR C 204 20.04 20.22 -54.94
C TYR C 204 20.63 19.06 -55.74
N ARG C 205 21.90 18.74 -55.47
CA ARG C 205 22.49 17.48 -55.90
CA ARG C 205 22.49 17.48 -55.90
C ARG C 205 21.71 16.39 -55.15
N SER C 206 21.51 15.24 -55.79
CA SER C 206 20.62 14.24 -55.20
CA SER C 206 20.57 14.25 -55.24
C SER C 206 20.87 12.82 -55.69
N LEU C 207 20.66 11.86 -54.78
CA LEU C 207 20.71 10.44 -55.10
CA LEU C 207 20.71 10.45 -55.14
C LEU C 207 19.31 9.84 -55.15
N ASP C 208 18.40 10.47 -54.43
CA ASP C 208 16.96 10.14 -54.38
C ASP C 208 16.27 11.30 -53.67
N TRP C 209 14.94 11.31 -53.64
CA TRP C 209 14.24 12.42 -52.95
C TRP C 209 14.65 12.61 -51.49
N TRP C 210 15.11 11.54 -50.84
CA TRP C 210 15.41 11.60 -49.41
C TRP C 210 16.92 11.87 -49.15
N PHE C 211 17.70 11.86 -50.22
CA PHE C 211 19.16 12.07 -50.16
C PHE C 211 19.55 13.25 -51.07
N CYS C 212 19.36 14.47 -50.56
CA CYS C 212 19.79 15.70 -51.26
C CYS C 212 20.88 16.40 -50.46
N TRP C 213 21.81 17.06 -51.17
CA TRP C 213 22.96 17.68 -50.53
CA TRP C 213 22.94 17.69 -50.52
C TRP C 213 23.50 18.88 -51.31
N ASP C 214 24.23 19.74 -50.61
CA ASP C 214 24.96 20.80 -51.29
C ASP C 214 26.28 21.06 -50.60
N THR C 215 26.91 22.18 -50.92
CA THR C 215 28.23 22.49 -50.36
C THR C 215 28.26 23.92 -49.77
N PRO C 216 27.48 24.16 -48.69
CA PRO C 216 27.35 25.51 -48.12
C PRO C 216 28.50 25.93 -47.19
N ALA C 217 29.26 24.96 -46.68
CA ALA C 217 30.34 25.31 -45.76
C ALA C 217 31.46 26.09 -46.45
N SER C 218 31.94 27.14 -45.77
CA SER C 218 33.08 27.92 -46.27
C SER C 218 34.37 27.10 -46.30
N ARG C 219 35.29 27.47 -47.18
CA ARG C 219 36.64 26.89 -47.17
C ARG C 219 37.24 26.97 -45.75
N ASP C 220 37.13 28.12 -45.09
CA ASP C 220 37.69 28.28 -43.75
C ASP C 220 37.10 27.30 -42.74
N ASP C 221 35.77 27.14 -42.76
CA ASP C 221 35.10 26.25 -41.82
C ASP C 221 35.47 24.80 -42.08
N VAL C 222 35.58 24.42 -43.35
CA VAL C 222 35.99 23.06 -43.74
C VAL C 222 37.45 22.79 -43.36
N GLU C 223 38.33 23.75 -43.66
CA GLU C 223 39.73 23.60 -43.29
C GLU C 223 39.96 23.54 -41.78
N GLU C 224 39.20 24.30 -41.01
CA GLU C 224 39.30 24.24 -39.56
C GLU C 224 39.03 22.82 -39.07
N ALA C 225 37.93 22.23 -39.56
CA ALA C 225 37.60 20.83 -39.23
C ALA C 225 38.62 19.82 -39.69
N ARG C 226 39.11 19.93 -40.93
CA ARG C 226 40.18 19.06 -41.41
C ARG C 226 41.44 19.17 -40.56
N ARG C 227 41.72 20.40 -40.10
CA ARG C 227 42.88 20.64 -39.26
CA ARG C 227 42.85 20.70 -39.22
C ARG C 227 42.83 19.81 -37.97
N TYR C 228 41.66 19.75 -37.31
CA TYR C 228 41.47 18.90 -36.11
C TYR C 228 41.92 17.48 -36.43
N LEU C 229 41.45 16.94 -37.54
CA LEU C 229 41.70 15.51 -37.85
C LEU C 229 43.14 15.25 -38.28
N ARG C 230 43.70 16.18 -39.05
CA ARG C 230 45.11 16.09 -39.43
C ARG C 230 45.98 16.10 -38.17
N ARG C 231 45.61 16.92 -37.18
CA ARG C 231 46.36 16.92 -35.91
C ARG C 231 46.23 15.58 -35.21
N ALA C 232 45.02 15.02 -35.15
CA ALA C 232 44.81 13.70 -34.55
C ALA C 232 45.67 12.61 -35.19
N ALA C 233 45.88 12.73 -36.50
CA ALA C 233 46.57 11.71 -37.30
C ALA C 233 48.10 11.86 -37.32
N GLU C 234 48.59 13.03 -36.94
CA GLU C 234 50.03 13.34 -37.05
C GLU C 234 50.82 12.73 -35.90
N LYS C 235 51.89 12.02 -36.24
CA LYS C 235 52.83 11.52 -35.24
C LYS C 235 53.50 12.73 -34.59
N PRO C 236 53.48 12.81 -33.25
CA PRO C 236 54.10 13.95 -32.58
C PRO C 236 55.58 14.08 -32.95
N ALA C 237 56.05 15.31 -33.20
CA ALA C 237 57.44 15.56 -33.56
C ALA C 237 58.32 15.76 -32.32
N LYS C 238 57.70 16.28 -31.25
CA LYS C 238 58.35 16.38 -29.93
C LYS C 238 57.42 15.90 -28.80
N LEU C 239 57.87 14.92 -28.04
CA LEU C 239 57.13 14.42 -26.87
C LEU C 239 57.42 15.27 -25.64
N LEU C 240 56.36 15.68 -24.94
CA LEU C 240 56.49 16.48 -23.71
C LEU C 240 57.16 15.73 -22.55
N TYR C 241 57.23 14.40 -22.63
CA TYR C 241 57.99 13.63 -21.65
C TYR C 241 59.47 13.98 -21.69
N GLU C 242 60.00 14.10 -22.90
CA GLU C 242 61.41 14.44 -23.11
C GLU C 242 61.72 15.90 -22.77
N GLU C 243 60.70 16.74 -22.83
CA GLU C 243 60.82 18.17 -22.54
C GLU C 243 60.25 18.52 -21.17
N PRO D 1 16.91 11.37 -16.97
CA PRO D 1 15.57 11.16 -17.51
C PRO D 1 15.51 10.11 -18.62
N GLY D 2 16.47 9.19 -18.61
CA GLY D 2 16.43 7.99 -19.44
C GLY D 2 17.36 6.94 -18.88
N SER D 3 16.95 5.68 -18.89
CA SER D 3 17.75 4.59 -18.34
C SER D 3 18.55 3.91 -19.45
N ILE D 4 19.83 3.66 -19.20
CA ILE D 4 20.71 2.98 -20.16
C ILE D 4 21.53 1.88 -19.48
N PRO D 5 21.97 0.86 -20.25
CA PRO D 5 22.99 -0.10 -19.80
C PRO D 5 24.24 0.68 -19.42
N LEU D 6 25.10 0.11 -18.57
CA LEU D 6 26.29 0.84 -18.12
C LEU D 6 27.58 0.12 -18.52
N ILE D 7 28.65 0.89 -18.68
CA ILE D 7 29.97 0.32 -18.87
C ILE D 7 30.31 -0.64 -17.72
N GLY D 8 30.82 -1.80 -18.08
CA GLY D 8 31.12 -2.84 -17.09
C GLY D 8 30.00 -3.83 -16.84
N GLU D 9 28.80 -3.54 -17.32
CA GLU D 9 27.63 -4.43 -17.20
C GLU D 9 27.68 -5.40 -18.35
N ARG D 10 27.18 -6.62 -18.12
CA ARG D 10 26.94 -7.52 -19.23
C ARG D 10 25.85 -6.93 -20.13
N PHE D 11 26.07 -6.99 -21.44
CA PHE D 11 25.07 -6.55 -22.42
C PHE D 11 23.72 -7.23 -22.10
N PRO D 12 22.61 -6.46 -22.07
CA PRO D 12 21.31 -7.04 -21.71
C PRO D 12 21.00 -8.25 -22.57
N GLU D 13 20.62 -9.37 -21.93
CA GLU D 13 20.32 -10.59 -22.68
C GLU D 13 19.00 -10.44 -23.42
N MET D 14 19.00 -10.69 -24.71
CA MET D 14 17.81 -10.51 -25.53
C MET D 14 17.88 -11.30 -26.81
N GLU D 15 16.71 -11.77 -27.27
CA GLU D 15 16.62 -12.32 -28.61
C GLU D 15 16.24 -11.17 -29.52
N VAL D 16 16.91 -11.07 -30.67
CA VAL D 16 16.63 -9.99 -31.63
C VAL D 16 16.44 -10.52 -33.03
N THR D 17 15.54 -9.89 -33.77
CA THR D 17 15.33 -10.25 -35.17
C THR D 17 16.16 -9.32 -36.05
N THR D 18 17.04 -9.92 -36.85
CA THR D 18 17.86 -9.14 -37.80
C THR D 18 17.49 -9.56 -39.22
N ASP D 19 17.95 -8.78 -40.21
CA ASP D 19 17.77 -9.14 -41.64
C ASP D 19 18.67 -10.30 -42.10
N HIS D 20 19.42 -10.87 -41.15
CA HIS D 20 20.17 -12.13 -41.37
C HIS D 20 19.53 -13.32 -40.64
N GLY D 21 18.54 -13.04 -39.79
CA GLY D 21 17.90 -14.09 -38.98
C GLY D 21 17.84 -13.71 -37.52
N VAL D 22 17.30 -14.61 -36.71
CA VAL D 22 17.08 -14.32 -35.32
C VAL D 22 18.33 -14.73 -34.56
N ILE D 23 18.80 -13.86 -33.68
CA ILE D 23 19.91 -14.24 -32.80
C ILE D 23 19.70 -13.79 -31.35
N LYS D 24 20.51 -14.36 -30.46
CA LYS D 24 20.49 -14.01 -29.05
C LYS D 24 21.73 -13.18 -28.74
N LEU D 25 21.51 -12.02 -28.13
CA LEU D 25 22.63 -11.18 -27.72
C LEU D 25 22.81 -11.27 -26.21
N PRO D 26 24.07 -11.19 -25.74
CA PRO D 26 25.33 -11.12 -26.49
C PRO D 26 25.87 -12.48 -26.89
N ASP D 27 25.16 -13.53 -26.48
CA ASP D 27 25.63 -14.92 -26.62
C ASP D 27 26.11 -15.28 -28.02
N HIS D 28 25.40 -14.79 -29.04
CA HIS D 28 25.72 -15.09 -30.44
C HIS D 28 27.18 -14.78 -30.73
N TYR D 29 27.69 -13.69 -30.15
CA TYR D 29 29.06 -13.28 -30.40
C TYR D 29 30.02 -13.84 -29.36
N VAL D 30 29.55 -13.92 -28.11
CA VAL D 30 30.38 -14.46 -27.02
C VAL D 30 30.82 -15.89 -27.42
N SER D 31 29.89 -16.66 -27.99
CA SER D 31 30.19 -18.07 -28.26
C SER D 31 31.19 -18.20 -29.39
N GLN D 32 31.37 -17.13 -30.18
CA GLN D 32 32.37 -17.11 -31.26
C GLN D 32 33.70 -16.44 -30.83
N GLY D 33 33.79 -15.99 -29.58
CA GLY D 33 34.95 -15.23 -29.13
C GLY D 33 35.11 -13.85 -29.78
N LYS D 34 34.01 -13.32 -30.31
CA LYS D 34 34.04 -12.06 -31.06
C LYS D 34 33.58 -10.91 -30.18
N TRP D 35 34.21 -9.75 -30.34
CA TRP D 35 33.64 -8.51 -29.84
C TRP D 35 32.55 -8.09 -30.83
N PHE D 36 31.64 -7.21 -30.41
CA PHE D 36 30.77 -6.60 -31.43
C PHE D 36 30.54 -5.14 -31.14
N VAL D 37 30.32 -4.41 -32.23
CA VAL D 37 29.85 -3.03 -32.14
C VAL D 37 28.39 -3.08 -32.57
N LEU D 38 27.50 -2.79 -31.63
CA LEU D 38 26.08 -2.62 -31.96
C LEU D 38 25.87 -1.12 -32.05
N PHE D 39 25.41 -0.67 -33.20
CA PHE D 39 25.13 0.75 -33.39
C PHE D 39 23.70 0.92 -33.88
N SER D 40 23.07 2.06 -33.56
CA SER D 40 21.70 2.28 -34.01
C SER D 40 21.64 3.48 -34.92
N HIS D 41 20.60 3.54 -35.73
CA HIS D 41 20.39 4.71 -36.61
C HIS D 41 18.88 4.98 -36.64
N PRO D 42 18.48 6.26 -36.75
CA PRO D 42 17.05 6.54 -36.61
C PRO D 42 16.13 5.89 -37.66
N ALA D 43 16.55 5.87 -38.92
CA ALA D 43 15.68 5.38 -40.01
C ALA D 43 16.40 4.96 -41.30
N ASP D 44 16.04 3.79 -41.82
CA ASP D 44 16.40 3.39 -43.17
C ASP D 44 15.86 4.44 -44.15
N PHE D 45 16.51 4.58 -45.28
CA PHE D 45 16.07 5.57 -46.31
C PHE D 45 16.15 6.99 -45.77
N THR D 46 17.13 7.23 -44.91
CA THR D 46 17.47 8.60 -44.56
C THR D 46 18.96 8.79 -44.81
N PRO D 47 19.36 10.01 -45.14
CA PRO D 47 20.69 10.23 -45.70
C PRO D 47 21.88 10.08 -44.74
N VAL D 48 21.83 10.61 -43.52
CA VAL D 48 23.01 10.55 -42.65
C VAL D 48 23.23 9.06 -42.37
N CYS D 49 22.13 8.36 -42.07
CA CYS D 49 22.18 6.92 -41.80
C CYS D 49 22.86 6.19 -42.96
N THR D 50 22.47 6.54 -44.18
CA THR D 50 23.03 5.91 -45.38
C THR D 50 24.53 6.13 -45.48
N THR D 51 25.00 7.36 -45.25
CA THR D 51 26.44 7.63 -45.28
C THR D 51 27.17 6.81 -44.20
N GLU D 52 26.54 6.64 -43.06
CA GLU D 52 27.14 5.84 -41.93
C GLU D 52 27.24 4.36 -42.30
N PHE D 53 26.18 3.82 -42.88
CA PHE D 53 26.30 2.41 -43.38
C PHE D 53 27.40 2.20 -44.42
N VAL D 54 27.53 3.14 -45.35
CA VAL D 54 28.59 3.07 -46.33
C VAL D 54 29.99 3.17 -45.69
N SER D 55 30.11 4.03 -44.66
CA SER D 55 31.38 4.15 -43.93
C SER D 55 31.75 2.86 -43.21
N PHE D 56 30.78 2.29 -42.47
CA PHE D 56 30.98 0.99 -41.79
C PHE D 56 31.35 -0.10 -42.80
N ALA D 57 30.62 -0.13 -43.93
CA ALA D 57 30.91 -1.12 -44.97
C ALA D 57 32.35 -0.97 -45.50
N ARG D 58 32.82 0.27 -45.67
CA ARG D 58 34.20 0.50 -46.12
C ARG D 58 35.19 -0.11 -45.10
N ARG D 59 34.86 0.00 -43.82
CA ARG D 59 35.76 -0.41 -42.72
C ARG D 59 35.51 -1.85 -42.27
N TYR D 60 34.64 -2.56 -42.99
CA TYR D 60 34.23 -3.90 -42.56
C TYR D 60 35.47 -4.82 -42.41
N GLU D 61 36.34 -4.83 -43.40
CA GLU D 61 37.58 -5.66 -43.31
C GLU D 61 38.45 -5.27 -42.12
N ASP D 62 38.55 -3.96 -41.84
CA ASP D 62 39.30 -3.49 -40.66
C ASP D 62 38.70 -4.00 -39.34
N PHE D 63 37.37 -3.92 -39.20
CA PHE D 63 36.72 -4.43 -38.01
C PHE D 63 36.93 -5.94 -37.91
N GLN D 64 36.78 -6.62 -39.03
CA GLN D 64 36.95 -8.12 -39.04
C GLN D 64 38.34 -8.51 -38.57
N ARG D 65 39.34 -7.73 -38.97
CA ARG D 65 40.75 -8.09 -38.63
C ARG D 65 40.99 -7.95 -37.15
N LEU D 66 40.20 -7.11 -36.50
CA LEU D 66 40.27 -7.04 -35.04
C LEU D 66 39.42 -8.04 -34.25
N GLY D 67 38.68 -8.91 -34.97
CA GLY D 67 37.79 -9.87 -34.35
C GLY D 67 36.55 -9.18 -33.80
N VAL D 68 36.12 -8.14 -34.53
CA VAL D 68 34.98 -7.35 -34.13
C VAL D 68 33.88 -7.44 -35.20
N ASP D 69 32.70 -7.92 -34.79
CA ASP D 69 31.54 -8.00 -35.66
C ASP D 69 30.75 -6.70 -35.55
N LEU D 70 29.94 -6.43 -36.57
CA LEU D 70 29.10 -5.21 -36.62
C LEU D 70 27.65 -5.61 -36.67
N ILE D 71 26.81 -4.89 -35.93
CA ILE D 71 25.37 -5.13 -36.02
C ILE D 71 24.65 -3.80 -35.85
N GLY D 72 23.75 -3.51 -36.80
CA GLY D 72 22.97 -2.27 -36.76
C GLY D 72 21.63 -2.48 -36.06
N LEU D 73 20.90 -1.38 -35.88
CA LEU D 73 19.59 -1.41 -35.25
C LEU D 73 18.83 -0.18 -35.64
N SER D 74 17.59 -0.38 -36.07
CA SER D 74 16.66 0.74 -36.16
C SER D 74 15.27 0.21 -35.91
N VAL D 75 14.30 1.11 -35.81
CA VAL D 75 12.93 0.67 -35.56
C VAL D 75 12.21 0.21 -36.84
N ASP D 76 12.91 0.15 -37.96
CA ASP D 76 12.36 -0.29 -39.25
C ASP D 76 12.25 -1.81 -39.31
N SER D 77 11.45 -2.32 -40.25
CA SER D 77 11.25 -3.79 -40.42
C SER D 77 12.41 -4.43 -41.15
N VAL D 78 12.49 -5.77 -41.10
CA VAL D 78 13.46 -6.48 -41.94
C VAL D 78 13.27 -6.25 -43.44
N PHE D 79 12.01 -6.02 -43.86
CA PHE D 79 11.71 -5.79 -45.25
C PHE D 79 12.30 -4.47 -45.69
N SER D 80 12.11 -3.46 -44.84
CA SER D 80 12.75 -2.15 -45.06
C SER D 80 14.27 -2.29 -45.13
N HIS D 81 14.86 -3.00 -44.16
CA HIS D 81 16.31 -3.22 -44.18
C HIS D 81 16.77 -3.82 -45.48
N ILE D 82 16.09 -4.88 -45.93
CA ILE D 82 16.52 -5.53 -47.15
C ILE D 82 16.39 -4.61 -48.37
N LYS D 83 15.29 -3.87 -48.46
CA LYS D 83 15.09 -2.92 -49.57
C LYS D 83 16.18 -1.79 -49.56
N TRP D 84 16.49 -1.31 -48.37
CA TRP D 84 17.48 -0.25 -48.21
C TRP D 84 18.85 -0.72 -48.67
N LYS D 85 19.22 -1.93 -48.28
CA LYS D 85 20.48 -2.51 -48.72
C LYS D 85 20.53 -2.69 -50.23
N GLU D 86 19.40 -3.09 -50.82
CA GLU D 86 19.28 -3.14 -52.26
C GLU D 86 19.49 -1.77 -52.89
N TRP D 87 18.89 -0.76 -52.28
CA TRP D 87 19.04 0.59 -52.78
C TRP D 87 20.51 0.99 -52.73
N ILE D 88 21.16 0.77 -51.58
CA ILE D 88 22.55 1.19 -51.42
C ILE D 88 23.46 0.50 -52.45
N GLU D 89 23.25 -0.79 -52.66
CA GLU D 89 24.09 -1.49 -53.63
C GLU D 89 23.87 -0.98 -55.05
N ARG D 90 22.62 -0.68 -55.39
CA ARG D 90 22.26 -0.24 -56.72
C ARG D 90 22.75 1.17 -57.02
N HIS D 91 22.54 2.10 -56.08
CA HIS D 91 22.77 3.51 -56.31
C HIS D 91 24.13 4.05 -55.85
N ILE D 92 24.74 3.38 -54.89
CA ILE D 92 26.07 3.77 -54.39
C ILE D 92 27.14 2.75 -54.77
N GLY D 93 26.72 1.52 -55.04
CA GLY D 93 27.66 0.48 -55.48
C GLY D 93 28.38 -0.19 -54.34
N VAL D 94 27.81 -0.08 -53.14
CA VAL D 94 28.36 -0.68 -51.94
C VAL D 94 27.40 -1.72 -51.35
N ARG D 95 27.91 -2.93 -51.08
CA ARG D 95 27.10 -3.96 -50.44
C ARG D 95 27.34 -3.87 -48.94
N ILE D 96 26.27 -3.77 -48.16
CA ILE D 96 26.37 -3.77 -46.70
C ILE D 96 26.39 -5.24 -46.25
N PRO D 97 27.52 -5.74 -45.69
CA PRO D 97 27.62 -7.18 -45.38
C PRO D 97 27.08 -7.62 -44.01
N PHE D 98 26.82 -6.69 -43.10
CA PHE D 98 26.52 -6.99 -41.72
C PHE D 98 25.00 -6.87 -41.42
N PRO D 99 24.52 -7.57 -40.37
CA PRO D 99 23.09 -7.64 -40.10
C PRO D 99 22.60 -6.32 -39.52
N ILE D 100 21.30 -6.05 -39.67
CA ILE D 100 20.65 -4.95 -38.96
C ILE D 100 19.44 -5.48 -38.18
N ILE D 101 19.37 -5.16 -36.90
CA ILE D 101 18.23 -5.51 -36.07
C ILE D 101 17.01 -4.70 -36.51
N ALA D 102 15.89 -5.40 -36.64
CA ALA D 102 14.62 -4.75 -36.93
C ALA D 102 13.85 -4.67 -35.63
N ASP D 103 13.56 -3.44 -35.18
CA ASP D 103 12.99 -3.25 -33.88
C ASP D 103 11.71 -2.40 -33.91
N PRO D 104 10.75 -2.75 -34.79
CA PRO D 104 9.52 -1.96 -34.82
C PRO D 104 8.80 -2.21 -33.51
N GLN D 105 8.30 -1.16 -32.88
CA GLN D 105 7.78 -1.26 -31.49
C GLN D 105 8.75 -0.65 -30.51
N GLY D 106 10.02 -0.63 -30.91
CA GLY D 106 11.08 -0.08 -30.07
C GLY D 106 11.43 -0.84 -28.81
N THR D 107 11.11 -2.14 -28.76
CA THR D 107 11.44 -2.95 -27.59
C THR D 107 12.93 -2.94 -27.27
N VAL D 108 13.76 -3.19 -28.27
CA VAL D 108 15.20 -3.22 -28.07
C VAL D 108 15.71 -1.80 -27.75
N ALA D 109 15.25 -0.82 -28.52
CA ALA D 109 15.61 0.59 -28.34
C ALA D 109 15.42 1.03 -26.89
N ARG D 110 14.26 0.67 -26.34
CA ARG D 110 13.92 1.01 -24.96
C ARG D 110 14.86 0.37 -23.93
N ARG D 111 15.17 -0.91 -24.12
CA ARG D 111 16.06 -1.66 -23.23
C ARG D 111 17.46 -1.06 -23.23
N LEU D 112 17.88 -0.54 -24.39
CA LEU D 112 19.21 0.02 -24.56
C LEU D 112 19.25 1.55 -24.31
N GLY D 113 18.10 2.13 -23.99
CA GLY D 113 17.99 3.56 -23.71
C GLY D 113 18.28 4.43 -24.92
N LEU D 114 17.85 3.98 -26.09
CA LEU D 114 18.15 4.66 -27.35
C LEU D 114 17.10 5.68 -27.79
N LEU D 115 16.05 5.84 -27.01
CA LEU D 115 15.05 6.87 -27.29
C LEU D 115 15.32 8.07 -26.38
N HIS D 116 15.81 9.15 -26.99
CA HIS D 116 16.17 10.36 -26.23
C HIS D 116 15.08 11.43 -26.42
N ALA D 117 15.35 12.67 -26.01
CA ALA D 117 14.31 13.72 -26.10
C ALA D 117 14.10 14.29 -27.51
N GLU D 118 15.03 14.05 -28.43
CA GLU D 118 14.94 14.53 -29.82
C GLU D 118 13.78 13.91 -30.61
N SER D 119 13.48 12.64 -30.34
CA SER D 119 12.47 11.90 -31.10
C SER D 119 11.79 10.88 -30.22
N ALA D 120 10.47 10.83 -30.33
CA ALA D 120 9.64 9.83 -29.65
C ALA D 120 9.64 8.51 -30.43
N THR D 121 9.94 8.60 -31.72
CA THR D 121 9.71 7.48 -32.64
C THR D 121 10.99 6.77 -33.11
N HIS D 122 12.10 7.49 -33.20
CA HIS D 122 13.33 6.90 -33.78
C HIS D 122 14.50 7.00 -32.82
N THR D 123 15.41 6.02 -32.91
CA THR D 123 16.57 5.97 -32.03
C THR D 123 17.56 7.09 -32.36
N VAL D 124 18.32 7.52 -31.35
CA VAL D 124 19.54 8.30 -31.60
C VAL D 124 20.57 7.41 -32.30
N ARG D 125 21.75 7.98 -32.53
CA ARG D 125 22.85 7.29 -33.16
C ARG D 125 23.73 6.72 -32.06
N GLY D 126 23.29 5.64 -31.46
CA GLY D 126 23.97 5.04 -30.31
C GLY D 126 25.06 4.07 -30.77
N VAL D 127 26.05 3.86 -29.91
CA VAL D 127 27.12 2.89 -30.20
C VAL D 127 27.47 2.17 -28.91
N PHE D 128 27.38 0.82 -28.95
CA PHE D 128 27.81 -0.01 -27.81
C PHE D 128 28.98 -0.84 -28.30
N ILE D 129 30.09 -0.74 -27.60
CA ILE D 129 31.24 -1.54 -27.90
C ILE D 129 31.27 -2.66 -26.83
N VAL D 130 31.11 -3.91 -27.28
CA VAL D 130 30.90 -5.07 -26.37
C VAL D 130 32.03 -6.07 -26.57
N ASP D 131 32.64 -6.52 -25.47
CA ASP D 131 33.78 -7.43 -25.62
C ASP D 131 33.33 -8.87 -25.73
N ALA D 132 34.31 -9.77 -25.82
CA ALA D 132 34.02 -11.20 -26.00
C ALA D 132 33.55 -11.93 -24.75
N ARG D 133 33.48 -11.23 -23.62
CA ARG D 133 32.81 -11.71 -22.41
C ARG D 133 31.37 -11.20 -22.35
N GLY D 134 30.96 -10.47 -23.38
CA GLY D 134 29.62 -9.85 -23.44
C GLY D 134 29.49 -8.59 -22.60
N VAL D 135 30.61 -7.96 -22.26
CA VAL D 135 30.59 -6.81 -21.34
C VAL D 135 30.66 -5.49 -22.13
N ILE D 136 29.80 -4.53 -21.78
CA ILE D 136 29.81 -3.19 -22.43
C ILE D 136 31.07 -2.44 -22.01
N ARG D 137 31.83 -1.92 -22.98
CA ARG D 137 33.12 -1.31 -22.71
C ARG D 137 33.18 0.21 -22.95
N THR D 138 32.27 0.70 -23.78
CA THR D 138 32.25 2.13 -24.18
C THR D 138 30.87 2.33 -24.79
N MET D 139 30.31 3.54 -24.66
CA MET D 139 29.01 3.86 -25.26
C MET D 139 29.10 5.26 -25.81
N LEU D 140 28.60 5.46 -27.02
CA LEU D 140 28.61 6.80 -27.65
C LEU D 140 27.18 7.12 -28.03
N TYR D 141 26.77 8.39 -27.89
CA TYR D 141 25.42 8.77 -28.29
C TYR D 141 25.52 10.03 -29.11
N TYR D 142 25.45 9.87 -30.43
CA TYR D 142 25.45 10.99 -31.38
C TYR D 142 24.00 11.25 -31.73
N PRO D 143 23.68 12.50 -32.12
CA PRO D 143 22.31 12.90 -32.45
C PRO D 143 21.93 12.66 -33.93
N MET D 144 20.65 12.89 -34.23
CA MET D 144 20.12 12.72 -35.59
CA MET D 144 20.10 12.73 -35.58
C MET D 144 20.91 13.45 -36.65
N GLU D 145 21.35 14.68 -36.32
CA GLU D 145 21.91 15.61 -37.31
C GLU D 145 23.41 15.48 -37.55
N LEU D 146 24.05 14.53 -36.86
CA LEU D 146 25.51 14.49 -36.90
C LEU D 146 25.96 13.06 -37.08
N GLY D 147 26.57 12.78 -38.23
CA GLY D 147 27.14 11.44 -38.49
C GLY D 147 28.36 11.14 -37.66
N ARG D 148 28.57 9.86 -37.36
CA ARG D 148 29.69 9.47 -36.51
C ARG D 148 31.00 9.52 -37.30
N LEU D 149 32.12 9.48 -36.58
CA LEU D 149 33.46 9.34 -37.17
C LEU D 149 33.85 7.88 -36.98
N VAL D 150 33.69 7.07 -38.02
CA VAL D 150 33.77 5.61 -37.83
C VAL D 150 35.22 5.14 -37.55
N ASP D 151 36.21 5.89 -38.03
CA ASP D 151 37.60 5.61 -37.65
C ASP D 151 37.86 5.73 -36.14
N GLU D 152 37.09 6.56 -35.43
CA GLU D 152 37.25 6.61 -33.97
C GLU D 152 36.70 5.35 -33.30
N ILE D 153 35.65 4.78 -33.87
CA ILE D 153 35.12 3.52 -33.36
C ILE D 153 36.18 2.44 -33.52
N LEU D 154 36.86 2.43 -34.67
CA LEU D 154 37.98 1.49 -34.88
C LEU D 154 39.10 1.73 -33.88
N ARG D 155 39.48 3.01 -33.68
CA ARG D 155 40.52 3.33 -32.72
C ARG D 155 40.13 2.84 -31.32
N ILE D 156 38.86 3.02 -30.95
CA ILE D 156 38.42 2.62 -29.61
C ILE D 156 38.58 1.11 -29.45
N VAL D 157 38.03 0.35 -30.39
CA VAL D 157 38.04 -1.12 -30.23
C VAL D 157 39.48 -1.65 -30.25
N LYS D 158 40.31 -1.09 -31.13
CA LYS D 158 41.70 -1.47 -31.25
C LYS D 158 42.45 -1.23 -29.92
N ALA D 159 42.30 -0.03 -29.39
CA ALA D 159 42.98 0.32 -28.16
C ALA D 159 42.48 -0.46 -26.95
N LEU D 160 41.18 -0.76 -26.88
CA LEU D 160 40.61 -1.52 -25.75
C LEU D 160 41.18 -2.94 -25.79
N LYS D 161 41.16 -3.54 -26.97
CA LYS D 161 41.73 -4.89 -27.15
C LYS D 161 43.21 -4.95 -26.79
N LEU D 162 43.95 -3.95 -27.23
CA LEU D 162 45.37 -3.82 -26.93
CA LEU D 162 45.38 -3.82 -26.93
C LEU D 162 45.63 -3.62 -25.44
N GLY D 163 44.83 -2.75 -24.81
CA GLY D 163 44.97 -2.54 -23.37
C GLY D 163 44.71 -3.82 -22.60
N ASP D 164 43.65 -4.52 -23.00
CA ASP D 164 43.29 -5.80 -22.36
C ASP D 164 44.45 -6.80 -22.47
N SER D 165 44.96 -6.96 -23.70
CA SER D 165 46.05 -7.88 -23.99
C SER D 165 47.34 -7.56 -23.24
N LEU D 166 47.67 -6.28 -23.18
CA LEU D 166 48.97 -5.88 -22.64
C LEU D 166 48.88 -5.41 -21.18
N LYS D 167 47.67 -5.41 -20.61
CA LYS D 167 47.39 -4.95 -19.23
C LYS D 167 47.91 -3.52 -19.08
N ARG D 168 47.48 -2.67 -20.02
CA ARG D 168 47.93 -1.27 -20.03
C ARG D 168 46.72 -0.38 -20.23
N ALA D 169 46.82 0.83 -19.71
CA ALA D 169 45.86 1.88 -20.01
C ALA D 169 46.39 2.69 -21.20
N VAL D 170 45.49 3.43 -21.85
CA VAL D 170 45.79 4.03 -23.14
C VAL D 170 45.67 5.57 -23.01
N PRO D 171 46.74 6.31 -23.34
CA PRO D 171 46.69 7.78 -23.09
C PRO D 171 45.78 8.51 -24.08
N ALA D 172 45.40 9.76 -23.76
CA ALA D 172 44.66 10.60 -24.72
C ALA D 172 45.29 10.57 -26.10
N ASP D 173 44.46 10.45 -27.13
CA ASP D 173 44.92 10.65 -28.51
C ASP D 173 45.87 9.56 -29.03
N TRP D 174 45.99 8.45 -28.28
CA TRP D 174 46.86 7.33 -28.67
C TRP D 174 46.45 6.89 -30.08
N PRO D 175 47.43 6.59 -30.96
CA PRO D 175 48.87 6.42 -30.79
C PRO D 175 49.71 7.69 -30.94
N ASN D 176 49.07 8.86 -30.92
CA ASN D 176 49.74 10.13 -31.11
C ASN D 176 49.65 11.04 -29.88
N ASN D 177 49.79 10.45 -28.70
CA ASN D 177 49.70 11.24 -27.46
C ASN D 177 50.84 12.27 -27.39
N GLU D 178 50.57 13.50 -26.97
CA GLU D 178 51.62 14.52 -27.03
C GLU D 178 52.73 14.38 -25.97
N ILE D 179 52.44 13.66 -24.88
CA ILE D 179 53.40 13.41 -23.81
C ILE D 179 54.24 12.15 -24.09
N ILE D 180 53.57 11.06 -24.43
CA ILE D 180 54.24 9.75 -24.53
C ILE D 180 54.10 9.06 -25.89
N GLY D 181 53.49 9.75 -26.85
CA GLY D 181 53.36 9.26 -28.23
C GLY D 181 52.57 7.96 -28.29
N GLU D 182 53.23 6.89 -28.75
CA GLU D 182 52.59 5.57 -28.86
C GLU D 182 52.75 4.75 -27.57
N GLY D 183 53.36 5.37 -26.57
CA GLY D 183 53.47 4.77 -25.25
C GLY D 183 52.16 4.32 -24.66
N LEU D 184 52.22 3.29 -23.82
CA LEU D 184 51.05 2.86 -23.06
C LEU D 184 51.34 2.95 -21.57
N ILE D 185 50.28 3.17 -20.81
CA ILE D 185 50.39 3.50 -19.39
C ILE D 185 50.25 2.27 -18.45
N VAL D 186 51.16 2.18 -17.49
CA VAL D 186 51.08 1.18 -16.44
C VAL D 186 50.00 1.59 -15.43
N PRO D 187 49.01 0.72 -15.17
CA PRO D 187 47.97 1.08 -14.19
C PRO D 187 48.63 1.51 -12.87
N PRO D 188 48.26 2.67 -12.33
CA PRO D 188 49.04 3.19 -11.20
C PRO D 188 49.01 2.31 -9.95
N PRO D 189 50.02 2.45 -9.08
CA PRO D 189 50.02 1.74 -7.81
C PRO D 189 48.87 2.24 -6.95
N THR D 190 48.32 1.37 -6.10
CA THR D 190 47.18 1.72 -5.25
C THR D 190 47.51 1.66 -3.75
N THR D 191 48.77 1.31 -3.43
CA THR D 191 49.25 1.35 -2.05
C THR D 191 50.56 2.09 -1.98
N GLU D 192 50.88 2.57 -0.79
CA GLU D 192 52.09 3.31 -0.57
C GLU D 192 53.36 2.45 -0.81
N ASP D 193 53.32 1.20 -0.36
CA ASP D 193 54.45 0.28 -0.54
C ASP D 193 54.66 -0.05 -2.02
N GLN D 194 53.56 -0.27 -2.74
CA GLN D 194 53.60 -0.52 -4.19
C GLN D 194 54.14 0.70 -4.93
N ALA D 195 53.73 1.90 -4.52
CA ALA D 195 54.24 3.14 -5.09
C ALA D 195 55.75 3.26 -4.89
N ARG D 196 56.22 3.03 -3.67
CA ARG D 196 57.62 3.20 -3.33
C ARG D 196 58.46 2.20 -4.10
N ALA D 197 57.95 0.96 -4.19
CA ALA D 197 58.59 -0.15 -4.88
C ALA D 197 58.76 0.13 -6.38
N ARG D 198 57.72 0.67 -7.00
CA ARG D 198 57.75 1.00 -8.42
C ARG D 198 58.86 1.97 -8.72
N MET D 199 58.98 2.99 -7.87
CA MET D 199 60.02 4.00 -7.99
C MET D 199 61.44 3.46 -7.78
N GLU D 200 61.61 2.59 -6.77
CA GLU D 200 62.91 1.97 -6.49
C GLU D 200 63.42 1.08 -7.62
N SER D 201 62.50 0.41 -8.32
CA SER D 201 62.85 -0.55 -9.36
C SER D 201 63.52 0.11 -10.57
N GLY D 202 63.12 1.34 -10.87
CA GLY D 202 63.57 2.02 -12.09
C GLY D 202 63.23 1.28 -13.39
N GLN D 203 62.21 0.42 -13.35
CA GLN D 203 61.90 -0.37 -14.55
C GLN D 203 61.16 0.42 -15.63
N TYR D 204 60.47 1.49 -15.25
CA TYR D 204 59.70 2.27 -16.26
C TYR D 204 60.14 3.72 -16.44
N ARG D 205 59.98 4.24 -17.65
CA ARG D 205 60.00 5.68 -17.85
C ARG D 205 58.86 6.23 -16.97
N SER D 206 59.09 7.38 -16.33
CA SER D 206 58.15 7.86 -15.30
CA SER D 206 58.10 7.88 -15.36
C SER D 206 58.17 9.37 -15.14
N LEU D 207 57.02 9.95 -14.80
CA LEU D 207 56.99 11.35 -14.39
CA LEU D 207 56.93 11.35 -14.41
C LEU D 207 56.71 11.46 -12.89
N ASP D 208 56.09 10.43 -12.33
CA ASP D 208 55.89 10.26 -10.88
C ASP D 208 55.51 8.81 -10.62
N TRP D 209 55.39 8.41 -9.36
CA TRP D 209 55.04 7.00 -9.06
C TRP D 209 53.75 6.55 -9.72
N TRP D 210 52.82 7.50 -9.96
CA TRP D 210 51.51 7.19 -10.52
C TRP D 210 51.46 7.33 -12.05
N PHE D 211 52.56 7.76 -12.66
CA PHE D 211 52.62 8.01 -14.09
C PHE D 211 53.85 7.34 -14.65
N CYS D 212 53.73 6.04 -14.93
CA CYS D 212 54.78 5.23 -15.49
C CYS D 212 54.27 4.71 -16.81
N TRP D 213 55.15 4.58 -17.80
CA TRP D 213 54.71 4.08 -19.10
C TRP D 213 55.80 3.31 -19.81
N ASP D 214 55.42 2.55 -20.84
CA ASP D 214 56.40 1.90 -21.71
C ASP D 214 55.85 1.83 -23.12
N THR D 215 56.56 1.12 -23.99
CA THR D 215 56.12 0.97 -25.37
C THR D 215 56.00 -0.50 -25.76
N PRO D 216 54.96 -1.19 -25.25
CA PRO D 216 54.81 -2.64 -25.50
C PRO D 216 54.01 -3.02 -26.77
N ALA D 217 53.33 -2.05 -27.40
CA ALA D 217 52.55 -2.38 -28.61
C ALA D 217 53.49 -2.68 -29.76
N SER D 218 53.15 -3.67 -30.59
CA SER D 218 53.94 -3.96 -31.79
C SER D 218 53.88 -2.82 -32.80
N ARG D 219 54.92 -2.68 -33.60
CA ARG D 219 54.93 -1.73 -34.68
C ARG D 219 53.68 -1.87 -35.57
N ASP D 220 53.29 -3.12 -35.88
CA ASP D 220 52.08 -3.37 -36.68
C ASP D 220 50.82 -2.83 -36.03
N ASP D 221 50.70 -3.01 -34.71
CA ASP D 221 49.49 -2.60 -33.97
C ASP D 221 49.41 -1.07 -33.95
N VAL D 222 50.56 -0.44 -33.76
CA VAL D 222 50.65 1.01 -33.76
C VAL D 222 50.32 1.61 -35.13
N GLU D 223 50.92 1.05 -36.18
CA GLU D 223 50.71 1.50 -37.55
CA GLU D 223 50.68 1.56 -37.53
C GLU D 223 49.24 1.31 -37.99
N GLU D 224 48.63 0.22 -37.56
CA GLU D 224 47.22 -0.04 -37.89
C GLU D 224 46.35 1.09 -37.32
N ALA D 225 46.58 1.43 -36.05
CA ALA D 225 45.84 2.50 -35.37
C ALA D 225 46.07 3.85 -36.02
N ARG D 226 47.31 4.16 -36.34
CA ARG D 226 47.65 5.43 -37.04
C ARG D 226 46.97 5.49 -38.40
N ARG D 227 46.89 4.33 -39.07
CA ARG D 227 46.21 4.19 -40.36
CA ARG D 227 46.23 4.29 -40.38
C ARG D 227 44.76 4.68 -40.31
N TYR D 228 44.06 4.31 -39.23
CA TYR D 228 42.63 4.69 -39.04
C TYR D 228 42.52 6.20 -39.05
N LEU D 229 43.42 6.84 -38.29
CA LEU D 229 43.39 8.31 -38.16
C LEU D 229 43.81 9.02 -39.43
N ARG D 230 44.81 8.49 -40.11
CA ARG D 230 45.24 9.06 -41.38
CA ARG D 230 45.22 9.07 -41.39
C ARG D 230 44.06 9.03 -42.37
N ARG D 231 43.32 7.91 -42.39
CA ARG D 231 42.16 7.81 -43.28
C ARG D 231 41.09 8.82 -42.90
N ALA D 232 40.86 9.02 -41.60
CA ALA D 232 39.87 10.00 -41.15
C ALA D 232 40.23 11.41 -41.61
N ALA D 233 41.52 11.70 -41.66
CA ALA D 233 41.99 13.07 -41.94
C ALA D 233 42.12 13.37 -43.42
N GLU D 234 42.16 12.33 -44.25
CA GLU D 234 42.47 12.44 -45.68
C GLU D 234 41.28 12.89 -46.49
N LYS D 235 41.49 13.93 -47.30
CA LYS D 235 40.47 14.39 -48.25
C LYS D 235 40.25 13.28 -49.30
N PRO D 236 39.02 12.75 -49.43
CA PRO D 236 38.70 11.63 -50.32
C PRO D 236 39.25 11.83 -51.74
N ALA D 237 39.83 10.77 -52.32
CA ALA D 237 40.24 10.79 -53.73
C ALA D 237 39.07 10.21 -54.51
N LYS D 238 38.36 11.08 -55.22
CA LYS D 238 37.12 10.72 -55.95
C LYS D 238 35.95 10.29 -55.04
N LEU D 239 34.87 11.05 -55.09
CA LEU D 239 33.66 10.78 -54.31
C LEU D 239 32.80 9.67 -54.95
N LEU D 240 32.05 8.95 -54.13
CA LEU D 240 31.11 7.96 -54.65
C LEU D 240 29.87 8.66 -55.21
N PRO E 1 -5.26 -11.67 -23.66
CA PRO E 1 -6.20 -10.64 -24.07
C PRO E 1 -5.51 -9.29 -24.25
N GLY E 2 -6.27 -8.31 -24.71
CA GLY E 2 -5.77 -6.95 -24.88
C GLY E 2 -6.95 -6.00 -25.00
N SER E 3 -6.69 -4.72 -24.74
CA SER E 3 -7.75 -3.71 -24.65
C SER E 3 -7.99 -3.07 -26.03
N ILE E 4 -9.25 -2.77 -26.34
CA ILE E 4 -9.59 -2.13 -27.61
C ILE E 4 -10.61 -1.01 -27.40
N PRO E 5 -10.62 -0.02 -28.31
CA PRO E 5 -11.75 0.93 -28.33
C PRO E 5 -13.05 0.16 -28.62
N LEU E 6 -14.20 0.72 -28.29
CA LEU E 6 -15.47 -0.02 -28.41
C LEU E 6 -16.49 0.66 -29.34
N ILE E 7 -17.32 -0.15 -29.98
CA ILE E 7 -18.43 0.38 -30.79
C ILE E 7 -19.28 1.28 -29.90
N GLY E 8 -19.54 2.48 -30.39
CA GLY E 8 -20.32 3.43 -29.64
C GLY E 8 -19.47 4.45 -28.90
N GLU E 9 -18.18 4.17 -28.79
CA GLU E 9 -17.23 5.12 -28.19
C GLU E 9 -16.75 6.13 -29.22
N ARG E 10 -16.48 7.35 -28.76
CA ARG E 10 -15.78 8.31 -29.61
C ARG E 10 -14.40 7.74 -29.88
N PHE E 11 -13.93 7.87 -31.12
CA PHE E 11 -12.59 7.45 -31.51
C PHE E 11 -11.57 8.17 -30.62
N PRO E 12 -10.56 7.43 -30.09
CA PRO E 12 -9.51 8.00 -29.22
C PRO E 12 -8.87 9.25 -29.83
N GLU E 13 -8.92 10.36 -29.09
CA GLU E 13 -8.27 11.58 -29.53
C GLU E 13 -6.76 11.40 -29.62
N MET E 14 -6.18 11.76 -30.75
CA MET E 14 -4.74 11.57 -30.95
C MET E 14 -4.18 12.42 -32.08
N GLU E 15 -2.93 12.86 -31.90
CA GLU E 15 -2.19 13.44 -32.99
C GLU E 15 -1.38 12.31 -33.63
N VAL E 16 -1.45 12.21 -34.95
CA VAL E 16 -0.76 11.15 -35.69
C VAL E 16 0.02 11.74 -36.85
N THR E 17 1.19 11.18 -37.11
CA THR E 17 1.99 11.55 -38.24
C THR E 17 1.72 10.62 -39.42
N THR E 18 1.28 11.22 -40.52
CA THR E 18 1.06 10.50 -41.79
C THR E 18 2.06 10.94 -42.85
N ASP E 19 2.13 10.20 -43.95
CA ASP E 19 2.94 10.57 -45.10
C ASP E 19 2.34 11.76 -45.87
N HIS E 20 1.22 12.29 -45.37
CA HIS E 20 0.64 13.53 -45.92
C HIS E 20 0.84 14.67 -44.93
N GLY E 21 1.37 14.36 -43.75
CA GLY E 21 1.51 15.31 -42.67
C GLY E 21 0.86 14.91 -41.36
N VAL E 22 0.89 15.83 -40.41
CA VAL E 22 0.38 15.58 -39.09
C VAL E 22 -1.09 15.94 -39.09
N ILE E 23 -1.91 15.05 -38.55
CA ILE E 23 -3.34 15.32 -38.34
C ILE E 23 -3.83 14.87 -36.97
N LYS E 24 -4.94 15.47 -36.53
CA LYS E 24 -5.59 15.11 -35.29
C LYS E 24 -6.83 14.26 -35.60
N LEU E 25 -6.91 13.09 -34.97
CA LEU E 25 -8.07 12.22 -35.08
C LEU E 25 -8.90 12.28 -33.81
N PRO E 26 -10.24 12.18 -33.92
CA PRO E 26 -10.99 12.09 -35.17
C PRO E 26 -11.25 13.46 -35.83
N ASP E 27 -10.81 14.53 -35.16
CA ASP E 27 -11.19 15.90 -35.51
C ASP E 27 -11.01 16.30 -36.97
N HIS E 28 -9.92 15.86 -37.59
CA HIS E 28 -9.59 16.19 -38.98
C HIS E 28 -10.76 15.91 -39.88
N TYR E 29 -11.47 14.80 -39.58
CA TYR E 29 -12.58 14.33 -40.41
C TYR E 29 -13.92 14.86 -39.90
N VAL E 30 -14.11 14.85 -38.59
CA VAL E 30 -15.32 15.41 -37.98
C VAL E 30 -15.53 16.87 -38.46
N SER E 31 -14.44 17.64 -38.44
CA SER E 31 -14.40 19.03 -38.98
C SER E 31 -14.98 19.17 -40.39
N GLN E 32 -14.76 18.17 -41.24
CA GLN E 32 -15.22 18.20 -42.60
C GLN E 32 -16.61 17.55 -42.77
N GLY E 33 -17.18 17.07 -41.66
CA GLY E 33 -18.43 16.29 -41.66
C GLY E 33 -18.31 14.97 -42.42
N LYS E 34 -17.09 14.44 -42.46
CA LYS E 34 -16.84 13.20 -43.19
CA LYS E 34 -16.78 13.20 -43.19
C LYS E 34 -16.74 11.99 -42.25
N TRP E 35 -17.11 10.82 -42.76
CA TRP E 35 -16.81 9.57 -42.06
C TRP E 35 -15.38 9.20 -42.42
N PHE E 36 -14.75 8.32 -41.64
CA PHE E 36 -13.50 7.74 -42.11
C PHE E 36 -13.39 6.26 -41.79
N VAL E 37 -12.65 5.56 -42.66
CA VAL E 37 -12.24 4.18 -42.38
C VAL E 37 -10.75 4.24 -42.10
N LEU E 38 -10.35 3.91 -40.87
CA LEU E 38 -8.96 3.78 -40.52
C LEU E 38 -8.71 2.28 -40.54
N PHE E 39 -7.71 1.88 -41.30
CA PHE E 39 -7.36 0.46 -41.31
C PHE E 39 -5.86 0.33 -41.08
N SER E 40 -5.42 -0.84 -40.64
CA SER E 40 -3.99 -1.05 -40.42
C SER E 40 -3.53 -2.21 -41.24
N HIS E 41 -2.23 -2.29 -41.43
CA HIS E 41 -1.63 -3.43 -42.09
C HIS E 41 -0.28 -3.70 -41.41
N PRO E 42 0.10 -4.98 -41.34
CA PRO E 42 1.36 -5.28 -40.65
C PRO E 42 2.61 -4.55 -41.15
N ALA E 43 2.83 -4.52 -42.46
CA ALA E 43 4.12 -4.01 -42.95
C ALA E 43 4.10 -3.59 -44.42
N ASP E 44 4.66 -2.39 -44.69
CA ASP E 44 4.96 -1.98 -46.04
C ASP E 44 5.91 -3.02 -46.66
N PHE E 45 5.90 -3.09 -48.00
CA PHE E 45 6.71 -4.04 -48.78
C PHE E 45 6.43 -5.48 -48.35
N THR E 46 5.17 -5.74 -48.02
CA THR E 46 4.72 -7.13 -47.89
C THR E 46 3.51 -7.31 -48.82
N PRO E 47 3.32 -8.53 -49.32
CA PRO E 47 2.41 -8.76 -50.44
C PRO E 47 0.90 -8.67 -50.16
N VAL E 48 0.39 -9.24 -49.07
CA VAL E 48 -1.07 -9.13 -48.79
C VAL E 48 -1.38 -7.64 -48.62
N CYS E 49 -0.56 -6.95 -47.82
CA CYS E 49 -0.74 -5.52 -47.62
C CYS E 49 -0.81 -4.73 -48.93
N THR E 50 0.11 -5.05 -49.85
CA THR E 50 0.16 -4.40 -51.16
C THR E 50 -1.15 -4.62 -51.91
N THR E 51 -1.60 -5.86 -51.96
CA THR E 51 -2.89 -6.14 -52.62
C THR E 51 -4.06 -5.37 -52.01
N GLU E 52 -4.05 -5.19 -50.69
CA GLU E 52 -5.14 -4.48 -50.03
C GLU E 52 -5.09 -3.01 -50.37
N PHE E 53 -3.89 -2.43 -50.34
CA PHE E 53 -3.76 -1.01 -50.74
C PHE E 53 -4.25 -0.75 -52.14
N VAL E 54 -3.93 -1.65 -53.07
CA VAL E 54 -4.39 -1.52 -54.44
C VAL E 54 -5.94 -1.63 -54.53
N SER E 55 -6.50 -2.59 -53.80
CA SER E 55 -7.97 -2.74 -53.74
C SER E 55 -8.65 -1.49 -53.15
N PHE E 56 -8.09 -0.93 -52.09
CA PHE E 56 -8.66 0.32 -51.53
C PHE E 56 -8.55 1.45 -52.57
N ALA E 57 -7.40 1.55 -53.22
CA ALA E 57 -7.15 2.65 -54.18
C ALA E 57 -8.10 2.55 -55.36
N ARG E 58 -8.38 1.32 -55.80
CA ARG E 58 -9.37 1.12 -56.86
C ARG E 58 -10.78 1.55 -56.47
N ARG E 59 -11.06 1.50 -55.17
CA ARG E 59 -12.39 1.81 -54.62
C ARG E 59 -12.46 3.22 -54.01
N TYR E 60 -11.36 3.96 -54.16
CA TYR E 60 -11.28 5.32 -53.62
C TYR E 60 -12.49 6.18 -54.02
N GLU E 61 -12.80 6.20 -55.31
CA GLU E 61 -13.92 7.00 -55.81
C GLU E 61 -15.24 6.56 -55.17
N ASP E 62 -15.41 5.25 -54.96
CA ASP E 62 -16.63 4.78 -54.29
C ASP E 62 -16.72 5.27 -52.86
N PHE E 63 -15.60 5.31 -52.16
CA PHE E 63 -15.58 5.86 -50.81
C PHE E 63 -15.87 7.37 -50.81
N GLN E 64 -15.26 8.06 -51.76
CA GLN E 64 -15.43 9.53 -51.90
C GLN E 64 -16.90 9.87 -52.13
N ARG E 65 -17.55 9.12 -53.03
CA ARG E 65 -18.99 9.30 -53.35
CA ARG E 65 -18.97 9.34 -53.34
C ARG E 65 -19.83 9.25 -52.08
N LEU E 66 -19.45 8.35 -51.16
CA LEU E 66 -20.17 8.20 -49.89
C LEU E 66 -19.83 9.25 -48.85
N GLY E 67 -18.84 10.10 -49.12
CA GLY E 67 -18.35 11.08 -48.12
C GLY E 67 -17.51 10.43 -47.03
N VAL E 68 -16.70 9.45 -47.44
CA VAL E 68 -15.89 8.65 -46.52
C VAL E 68 -14.44 8.74 -46.98
N ASP E 69 -13.58 9.21 -46.07
CA ASP E 69 -12.15 9.25 -46.29
C ASP E 69 -11.49 7.94 -45.81
N LEU E 70 -10.31 7.64 -46.36
CA LEU E 70 -9.52 6.46 -45.98
C LEU E 70 -8.21 6.90 -45.34
N ILE E 71 -7.79 6.18 -44.32
CA ILE E 71 -6.47 6.42 -43.73
C ILE E 71 -5.90 5.08 -43.30
N GLY E 72 -4.67 4.80 -43.73
CA GLY E 72 -3.98 3.55 -43.32
C GLY E 72 -3.09 3.74 -42.09
N LEU E 73 -2.47 2.65 -41.64
CA LEU E 73 -1.63 2.67 -40.46
C LEU E 73 -0.75 1.44 -40.45
N SER E 74 0.57 1.63 -40.30
CA SER E 74 1.44 0.53 -39.90
C SER E 74 2.54 1.11 -39.02
N VAL E 75 3.35 0.23 -38.43
CA VAL E 75 4.47 0.68 -37.62
C VAL E 75 5.69 1.11 -38.47
N ASP E 76 5.55 1.17 -39.79
CA ASP E 76 6.67 1.62 -40.65
C ASP E 76 6.80 3.16 -40.61
N SER E 77 7.96 3.67 -41.01
CA SER E 77 8.20 5.14 -41.07
C SER E 77 7.51 5.84 -42.25
N VAL E 78 7.41 7.17 -42.22
CA VAL E 78 6.94 7.89 -43.40
C VAL E 78 7.81 7.67 -44.63
N PHE E 79 9.11 7.42 -44.42
CA PHE E 79 10.03 7.22 -45.53
C PHE E 79 9.68 5.90 -46.23
N SER E 80 9.42 4.87 -45.42
CA SER E 80 8.98 3.59 -45.96
C SER E 80 7.64 3.74 -46.71
N HIS E 81 6.68 4.40 -46.08
CA HIS E 81 5.40 4.68 -46.77
C HIS E 81 5.56 5.30 -48.14
N ILE E 82 6.33 6.38 -48.25
CA ILE E 82 6.53 7.04 -49.52
C ILE E 82 7.23 6.15 -50.54
N LYS E 83 8.25 5.40 -50.10
CA LYS E 83 8.98 4.49 -51.00
C LYS E 83 8.06 3.38 -51.51
N TRP E 84 7.20 2.89 -50.61
CA TRP E 84 6.25 1.82 -50.94
C TRP E 84 5.21 2.29 -51.95
N LYS E 85 4.68 3.49 -51.73
CA LYS E 85 3.80 4.12 -52.71
C LYS E 85 4.46 4.29 -54.09
N GLU E 86 5.74 4.65 -54.09
CA GLU E 86 6.50 4.81 -55.31
C GLU E 86 6.56 3.46 -55.99
N TRP E 87 6.84 2.43 -55.19
CA TRP E 87 6.95 1.06 -55.71
C TRP E 87 5.63 0.62 -56.38
N ILE E 88 4.53 0.85 -55.68
CA ILE E 88 3.22 0.41 -56.18
C ILE E 88 2.85 1.13 -57.46
N GLU E 89 3.08 2.43 -57.52
CA GLU E 89 2.81 3.18 -58.75
C GLU E 89 3.71 2.73 -59.92
N ARG E 90 5.00 2.53 -59.66
CA ARG E 90 5.93 2.07 -60.72
C ARG E 90 5.65 0.65 -61.21
N HIS E 91 5.37 -0.28 -60.28
CA HIS E 91 5.28 -1.71 -60.63
C HIS E 91 3.87 -2.26 -60.90
N ILE E 92 2.86 -1.66 -60.27
CA ILE E 92 1.47 -2.09 -60.45
C ILE E 92 0.72 -1.07 -61.30
N GLY E 93 1.24 0.16 -61.36
CA GLY E 93 0.61 1.24 -62.13
C GLY E 93 -0.58 1.84 -61.40
N VAL E 94 -0.60 1.71 -60.08
CA VAL E 94 -1.68 2.26 -59.25
C VAL E 94 -1.15 3.31 -58.26
N ARG E 95 -1.73 4.51 -58.33
CA ARG E 95 -1.43 5.56 -57.35
C ARG E 95 -2.29 5.39 -56.11
N ILE E 96 -1.63 5.35 -54.94
CA ILE E 96 -2.33 5.31 -53.67
C ILE E 96 -2.58 6.74 -53.20
N PRO E 97 -3.86 7.20 -53.25
CA PRO E 97 -4.13 8.63 -53.00
C PRO E 97 -4.32 9.07 -51.55
N PHE E 98 -4.49 8.12 -50.64
CA PHE E 98 -4.85 8.44 -49.26
C PHE E 98 -3.66 8.29 -48.30
N PRO E 99 -3.72 8.94 -47.13
CA PRO E 99 -2.59 9.00 -46.18
C PRO E 99 -2.42 7.66 -45.45
N ILE E 100 -1.19 7.36 -45.03
CA ILE E 100 -0.91 6.25 -44.14
C ILE E 100 -0.20 6.78 -42.88
N ILE E 101 -0.73 6.45 -41.72
CA ILE E 101 -0.09 6.79 -40.45
C ILE E 101 1.24 6.00 -40.31
N ALA E 102 2.30 6.69 -39.90
CA ALA E 102 3.57 6.03 -39.57
C ALA E 102 3.65 5.96 -38.04
N ASP E 103 3.71 4.73 -37.52
CA ASP E 103 3.62 4.45 -36.10
C ASP E 103 4.79 3.60 -35.57
N PRO E 104 6.04 3.98 -35.88
CA PRO E 104 7.19 3.25 -35.30
C PRO E 104 7.09 3.41 -33.80
N GLN E 105 7.47 2.41 -33.01
CA GLN E 105 7.21 2.45 -31.55
C GLN E 105 5.85 1.90 -31.16
N GLY E 106 4.92 1.84 -32.12
CA GLY E 106 3.61 1.24 -31.91
C GLY E 106 2.70 1.96 -30.93
N THR E 107 2.90 3.27 -30.78
CA THR E 107 2.13 4.08 -29.84
C THR E 107 0.66 4.12 -30.23
N VAL E 108 0.38 4.34 -31.51
CA VAL E 108 -1.01 4.36 -31.98
C VAL E 108 -1.59 2.95 -31.98
N ALA E 109 -0.81 2.00 -32.49
CA ALA E 109 -1.23 0.59 -32.51
C ALA E 109 -1.67 0.08 -31.14
N ARG E 110 -0.85 0.33 -30.12
CA ARG E 110 -1.16 -0.03 -28.73
C ARG E 110 -2.47 0.61 -28.27
N ARG E 111 -2.64 1.90 -28.58
CA ARG E 111 -3.82 2.67 -28.22
C ARG E 111 -5.09 2.11 -28.87
N LEU E 112 -4.97 1.59 -30.09
CA LEU E 112 -6.11 1.03 -30.79
C LEU E 112 -6.27 -0.49 -30.62
N GLY E 113 -5.38 -1.10 -29.85
CA GLY E 113 -5.42 -2.54 -29.58
C GLY E 113 -5.16 -3.35 -30.82
N LEU E 114 -4.21 -2.91 -31.63
CA LEU E 114 -3.92 -3.56 -32.91
C LEU E 114 -2.77 -4.54 -32.85
N LEU E 115 -2.19 -4.68 -31.67
CA LEU E 115 -1.15 -5.68 -31.45
C LEU E 115 -1.75 -6.94 -30.84
N HIS E 116 -1.85 -7.99 -31.65
CA HIS E 116 -2.44 -9.25 -31.21
C HIS E 116 -1.35 -10.31 -31.01
N ALA E 117 -1.75 -11.57 -30.80
CA ALA E 117 -0.82 -12.65 -30.45
C ALA E 117 0.01 -13.21 -31.62
N GLU E 118 -0.39 -12.92 -32.86
CA GLU E 118 0.39 -13.36 -34.03
C GLU E 118 1.78 -12.74 -34.10
N SER E 119 1.85 -11.45 -33.78
CA SER E 119 3.10 -10.70 -33.89
C SER E 119 3.23 -9.73 -32.73
N ALA E 120 4.44 -9.70 -32.16
CA ALA E 120 4.77 -8.74 -31.11
C ALA E 120 5.14 -7.39 -31.73
N THR E 121 5.45 -7.41 -33.02
CA THR E 121 6.06 -6.27 -33.73
C THR E 121 5.13 -5.51 -34.70
N HIS E 122 4.25 -6.24 -35.40
CA HIS E 122 3.43 -5.63 -36.45
C HIS E 122 1.94 -5.76 -36.14
N THR E 123 1.14 -4.80 -36.62
CA THR E 123 -0.27 -4.79 -36.29
C THR E 123 -1.02 -5.85 -37.07
N VAL E 124 -2.18 -6.24 -36.56
CA VAL E 124 -3.11 -7.06 -37.33
C VAL E 124 -3.73 -6.19 -38.42
N ARG E 125 -4.61 -6.78 -39.21
CA ARG E 125 -5.33 -6.08 -40.27
C ARG E 125 -6.63 -5.58 -39.67
N GLY E 126 -6.57 -4.47 -38.97
CA GLY E 126 -7.77 -3.95 -38.30
C GLY E 126 -8.47 -2.91 -39.15
N VAL E 127 -9.76 -2.70 -38.86
CA VAL E 127 -10.58 -1.74 -39.57
C VAL E 127 -11.49 -1.09 -38.57
N PHE E 128 -11.45 0.24 -38.52
CA PHE E 128 -12.38 1.01 -37.71
C PHE E 128 -13.20 1.86 -38.66
N ILE E 129 -14.52 1.72 -38.56
CA ILE E 129 -15.42 2.56 -39.33
C ILE E 129 -15.94 3.63 -38.36
N VAL E 130 -15.67 4.88 -38.69
CA VAL E 130 -15.92 5.99 -37.76
C VAL E 130 -16.82 7.02 -38.46
N ASP E 131 -17.90 7.42 -37.77
CA ASP E 131 -18.87 8.30 -38.41
C ASP E 131 -18.49 9.78 -38.28
N ALA E 132 -19.32 10.64 -38.85
CA ALA E 132 -19.05 12.09 -38.88
C ALA E 132 -19.15 12.78 -37.52
N ARG E 133 -19.59 12.03 -36.50
CA ARG E 133 -19.57 12.47 -35.10
C ARG E 133 -18.32 11.95 -34.36
N GLY E 134 -17.47 11.20 -35.07
CA GLY E 134 -16.24 10.67 -34.47
C GLY E 134 -16.44 9.37 -33.71
N VAL E 135 -17.60 8.75 -33.89
CA VAL E 135 -17.98 7.57 -33.13
C VAL E 135 -17.66 6.29 -33.91
N ILE E 136 -17.00 5.34 -33.25
CA ILE E 136 -16.71 4.02 -33.84
C ILE E 136 -18.02 3.26 -34.03
N ARG E 137 -18.26 2.77 -35.27
CA ARG E 137 -19.52 2.13 -35.62
C ARG E 137 -19.41 0.63 -35.90
N THR E 138 -18.22 0.20 -36.28
CA THR E 138 -17.96 -1.22 -36.60
C THR E 138 -16.46 -1.44 -36.49
N MET E 139 -16.01 -2.64 -36.08
CA MET E 139 -14.59 -2.92 -36.08
C MET E 139 -14.39 -4.31 -36.63
N LEU E 140 -13.35 -4.47 -37.44
CA LEU E 140 -13.01 -5.78 -37.99
C LEU E 140 -11.53 -6.10 -37.76
N TYR E 141 -11.20 -7.36 -37.49
CA TYR E 141 -9.81 -7.74 -37.23
C TYR E 141 -9.51 -8.99 -38.03
N TYR E 142 -8.87 -8.77 -39.19
CA TYR E 142 -8.36 -9.85 -40.04
C TYR E 142 -6.92 -10.10 -39.64
N PRO E 143 -6.42 -11.30 -39.96
CA PRO E 143 -5.06 -11.65 -39.62
C PRO E 143 -4.02 -11.42 -40.71
N MET E 144 -2.75 -11.63 -40.37
CA MET E 144 -1.68 -11.36 -41.30
C MET E 144 -1.83 -12.13 -42.61
N GLU E 145 -2.34 -13.36 -42.53
CA GLU E 145 -2.33 -14.26 -43.68
C GLU E 145 -3.55 -14.16 -44.58
N LEU E 146 -4.46 -13.23 -44.27
CA LEU E 146 -5.72 -13.14 -45.00
C LEU E 146 -6.10 -11.73 -45.33
N GLY E 147 -6.14 -11.42 -46.60
CA GLY E 147 -6.52 -10.07 -47.03
C GLY E 147 -8.02 -9.83 -46.88
N ARG E 148 -8.40 -8.56 -46.70
CA ARG E 148 -9.79 -8.18 -46.45
C ARG E 148 -10.61 -8.24 -47.77
N LEU E 149 -11.93 -8.23 -47.63
CA LEU E 149 -12.87 -8.08 -48.74
C LEU E 149 -13.32 -6.62 -48.71
N VAL E 150 -12.69 -5.79 -49.52
CA VAL E 150 -12.88 -4.34 -49.41
C VAL E 150 -14.34 -3.92 -49.78
N ASP E 151 -14.99 -4.66 -50.69
CA ASP E 151 -16.40 -4.36 -51.00
C ASP E 151 -17.34 -4.49 -49.78
N GLU E 152 -17.00 -5.35 -48.82
CA GLU E 152 -17.84 -5.46 -47.61
C GLU E 152 -17.68 -4.22 -46.73
N ILE E 153 -16.49 -3.62 -46.75
CA ILE E 153 -16.28 -2.34 -46.06
C ILE E 153 -17.16 -1.24 -46.69
N LEU E 154 -17.24 -1.20 -48.02
CA LEU E 154 -18.16 -0.22 -48.66
C LEU E 154 -19.60 -0.52 -48.27
N ARG E 155 -19.98 -1.82 -48.27
CA ARG E 155 -21.35 -2.16 -47.95
C ARG E 155 -21.70 -1.75 -46.52
N ILE E 156 -20.78 -2.01 -45.58
CA ILE E 156 -20.99 -1.59 -44.19
C ILE E 156 -21.23 -0.07 -44.10
N VAL E 157 -20.33 0.73 -44.65
CA VAL E 157 -20.51 2.20 -44.57
C VAL E 157 -21.80 2.69 -45.21
N LYS E 158 -22.12 2.18 -46.39
CA LYS E 158 -23.34 2.56 -47.10
C LYS E 158 -24.58 2.22 -46.27
N ALA E 159 -24.58 1.00 -45.73
CA ALA E 159 -25.74 0.50 -45.00
C ALA E 159 -25.89 1.27 -43.70
N LEU E 160 -24.78 1.59 -43.04
CA LEU E 160 -24.88 2.34 -41.74
C LEU E 160 -25.41 3.74 -42.03
N LYS E 161 -24.93 4.33 -43.12
CA LYS E 161 -25.43 5.67 -43.50
C LYS E 161 -26.92 5.64 -43.83
N LEU E 162 -27.33 4.63 -44.59
CA LEU E 162 -28.75 4.45 -44.91
C LEU E 162 -29.62 4.22 -43.65
N GLY E 163 -29.15 3.37 -42.75
CA GLY E 163 -29.88 3.14 -41.49
C GLY E 163 -30.01 4.42 -40.67
N ASP E 164 -28.93 5.18 -40.61
CA ASP E 164 -28.92 6.46 -39.87
C ASP E 164 -29.93 7.43 -40.45
N SER E 165 -29.88 7.60 -41.78
CA SER E 165 -30.75 8.58 -42.45
C SER E 165 -32.22 8.20 -42.47
N LEU E 166 -32.52 6.90 -42.61
CA LEU E 166 -33.88 6.43 -42.69
C LEU E 166 -34.47 5.93 -41.35
N LYS E 167 -33.67 5.98 -40.29
CA LYS E 167 -34.03 5.48 -38.97
C LYS E 167 -34.48 4.01 -39.04
N ARG E 168 -33.61 3.16 -39.62
CA ARG E 168 -33.90 1.73 -39.77
C ARG E 168 -32.68 0.87 -39.42
N ALA E 169 -32.96 -0.38 -39.04
CA ALA E 169 -31.94 -1.40 -38.88
C ALA E 169 -31.85 -2.15 -40.22
N VAL E 170 -30.71 -2.80 -40.44
CA VAL E 170 -30.40 -3.36 -41.75
C VAL E 170 -30.27 -4.89 -41.61
N PRO E 171 -31.09 -5.66 -42.36
CA PRO E 171 -31.09 -7.12 -42.16
C PRO E 171 -29.82 -7.76 -42.67
N ALA E 172 -29.59 -9.03 -42.26
CA ALA E 172 -28.47 -9.81 -42.73
C ALA E 172 -28.41 -9.73 -44.27
N ASP E 173 -27.20 -9.59 -44.82
CA ASP E 173 -27.00 -9.79 -46.28
C ASP E 173 -27.69 -8.72 -47.14
N TRP E 174 -28.12 -7.63 -46.51
CA TRP E 174 -28.78 -6.55 -47.26
C TRP E 174 -27.84 -6.00 -48.36
N PRO E 175 -28.39 -5.67 -49.56
CA PRO E 175 -29.82 -5.62 -49.93
C PRO E 175 -30.39 -6.90 -50.52
N ASN E 176 -29.75 -8.04 -50.22
CA ASN E 176 -30.19 -9.33 -50.72
C ASN E 176 -30.62 -10.26 -49.58
N ASN E 177 -31.32 -9.72 -48.59
CA ASN E 177 -31.71 -10.54 -47.46
C ASN E 177 -32.73 -11.59 -47.88
N GLU E 178 -32.56 -12.83 -47.40
CA GLU E 178 -33.45 -13.91 -47.86
C GLU E 178 -34.90 -13.86 -47.35
N ILE E 179 -35.14 -13.10 -46.28
CA ILE E 179 -36.52 -12.92 -45.79
C ILE E 179 -37.22 -11.71 -46.40
N ILE E 180 -36.56 -10.57 -46.38
CA ILE E 180 -37.18 -9.31 -46.79
C ILE E 180 -36.48 -8.57 -47.96
N GLY E 181 -35.49 -9.22 -48.58
CA GLY E 181 -34.83 -8.65 -49.77
C GLY E 181 -34.12 -7.34 -49.44
N GLU E 182 -34.59 -6.25 -50.06
CA GLU E 182 -33.96 -4.94 -49.84
C GLU E 182 -34.73 -4.15 -48.77
N GLY E 183 -35.70 -4.81 -48.15
CA GLY E 183 -36.43 -4.23 -47.03
C GLY E 183 -35.51 -3.82 -45.89
N LEU E 184 -35.96 -2.82 -45.12
CA LEU E 184 -35.24 -2.34 -43.96
C LEU E 184 -36.16 -2.44 -42.76
N ILE E 185 -35.57 -2.65 -41.59
CA ILE E 185 -36.33 -3.05 -40.40
C ILE E 185 -36.61 -1.85 -39.49
N VAL E 186 -37.85 -1.76 -38.99
CA VAL E 186 -38.22 -0.74 -38.00
C VAL E 186 -37.70 -1.19 -36.63
N PRO E 187 -36.91 -0.35 -35.92
CA PRO E 187 -36.45 -0.85 -34.62
C PRO E 187 -37.65 -1.33 -33.79
N PRO E 188 -37.51 -2.49 -33.09
CA PRO E 188 -38.70 -3.13 -32.48
C PRO E 188 -39.25 -2.32 -31.31
N PRO E 189 -40.55 -2.46 -31.02
CA PRO E 189 -41.14 -1.80 -29.85
C PRO E 189 -40.46 -2.27 -28.56
N THR E 190 -40.38 -1.40 -27.57
CA THR E 190 -39.79 -1.80 -26.28
C THR E 190 -40.78 -1.76 -25.11
N THR E 191 -42.06 -1.53 -25.40
CA THR E 191 -43.12 -1.62 -24.40
C THR E 191 -44.32 -2.38 -24.96
N GLU E 192 -45.12 -2.94 -24.08
CA GLU E 192 -46.34 -3.68 -24.45
C GLU E 192 -47.30 -2.81 -25.24
N ASP E 193 -47.49 -1.57 -24.75
CA ASP E 193 -48.43 -0.64 -25.36
C ASP E 193 -47.98 -0.31 -26.77
N GLN E 194 -46.70 0.00 -26.90
CA GLN E 194 -46.11 0.34 -28.19
C GLN E 194 -46.25 -0.83 -29.15
N ALA E 195 -45.99 -2.05 -28.67
CA ALA E 195 -46.19 -3.26 -29.49
C ALA E 195 -47.62 -3.39 -30.02
N ARG E 196 -48.60 -3.19 -29.13
CA ARG E 196 -50.01 -3.28 -29.52
C ARG E 196 -50.39 -2.21 -30.55
N ALA E 197 -49.92 -0.98 -30.32
CA ALA E 197 -50.24 0.13 -31.21
C ALA E 197 -49.72 -0.14 -32.61
N ARG E 198 -48.47 -0.60 -32.69
CA ARG E 198 -47.84 -0.84 -34.00
C ARG E 198 -48.60 -1.89 -34.79
N MET E 199 -49.06 -2.94 -34.13
CA MET E 199 -49.88 -3.96 -34.78
C MET E 199 -51.26 -3.43 -35.21
N GLU E 200 -51.89 -2.63 -34.37
CA GLU E 200 -53.22 -2.11 -34.70
C GLU E 200 -53.19 -1.05 -35.80
N SER E 201 -52.03 -0.43 -36.02
CA SER E 201 -51.88 0.63 -37.01
C SER E 201 -51.92 0.12 -38.45
N GLY E 202 -51.49 -1.13 -38.64
CA GLY E 202 -51.34 -1.72 -39.98
C GLY E 202 -50.35 -0.98 -40.87
N GLN E 203 -49.46 -0.19 -40.27
CA GLN E 203 -48.57 0.69 -41.01
C GLN E 203 -47.49 -0.07 -41.82
N TYR E 204 -47.00 -1.18 -41.26
CA TYR E 204 -45.86 -1.90 -41.81
C TYR E 204 -46.15 -3.34 -42.19
N ARG E 205 -45.37 -3.87 -43.13
CA ARG E 205 -45.33 -5.30 -43.37
C ARG E 205 -44.73 -5.88 -42.09
N SER E 206 -45.17 -7.09 -41.71
CA SER E 206 -44.79 -7.63 -40.40
CA SER E 206 -44.89 -7.61 -40.38
C SER E 206 -44.89 -9.14 -40.34
N LEU E 207 -44.02 -9.71 -39.50
CA LEU E 207 -44.05 -11.15 -39.22
C LEU E 207 -44.56 -11.34 -37.77
N ASP E 208 -44.33 -10.31 -36.96
CA ASP E 208 -44.80 -10.25 -35.57
C ASP E 208 -44.60 -8.81 -35.09
N TRP E 209 -45.08 -8.46 -33.90
CA TRP E 209 -44.96 -7.08 -33.46
C TRP E 209 -43.52 -6.55 -33.39
N TRP E 210 -42.54 -7.45 -33.25
CA TRP E 210 -41.14 -7.10 -33.08
C TRP E 210 -40.37 -7.20 -34.42
N PHE E 211 -41.09 -7.56 -35.48
CA PHE E 211 -40.49 -7.77 -36.82
C PHE E 211 -41.38 -7.09 -37.85
N CYS E 212 -41.19 -5.78 -37.94
CA CYS E 212 -41.86 -4.95 -38.95
C CYS E 212 -40.80 -4.33 -39.85
N TRP E 213 -41.18 -4.08 -41.09
CA TRP E 213 -40.23 -3.59 -42.08
C TRP E 213 -40.94 -2.84 -43.19
N ASP E 214 -40.17 -2.02 -43.89
CA ASP E 214 -40.66 -1.41 -45.12
C ASP E 214 -39.57 -1.29 -46.15
N THR E 215 -39.85 -0.57 -47.24
CA THR E 215 -38.86 -0.43 -48.32
C THR E 215 -38.62 1.05 -48.62
N PRO E 216 -37.97 1.78 -47.68
CA PRO E 216 -37.79 3.22 -47.84
C PRO E 216 -36.53 3.62 -48.60
N ALA E 217 -35.63 2.68 -48.87
CA ALA E 217 -34.38 3.04 -49.56
C ALA E 217 -34.70 3.26 -51.05
N SER E 218 -34.10 4.30 -51.62
CA SER E 218 -34.25 4.54 -53.06
C SER E 218 -33.67 3.40 -53.89
N ARG E 219 -34.14 3.24 -55.12
CA ARG E 219 -33.57 2.26 -56.05
C ARG E 219 -32.07 2.55 -56.25
N ASP E 220 -31.68 3.82 -56.27
CA ASP E 220 -30.27 4.18 -56.46
C ASP E 220 -29.41 3.64 -55.30
N ASP E 221 -29.89 3.82 -54.08
CA ASP E 221 -29.14 3.32 -52.91
C ASP E 221 -29.05 1.80 -52.87
N VAL E 222 -30.14 1.11 -53.21
CA VAL E 222 -30.16 -0.34 -53.21
C VAL E 222 -29.22 -0.86 -54.29
N GLU E 223 -29.32 -0.31 -55.50
CA GLU E 223 -28.49 -0.88 -56.59
C GLU E 223 -27.00 -0.58 -56.38
N GLU E 224 -26.70 0.56 -55.79
CA GLU E 224 -25.31 0.87 -55.48
C GLU E 224 -24.72 -0.13 -54.50
N ALA E 225 -25.46 -0.40 -53.41
CA ALA E 225 -25.03 -1.44 -52.47
C ALA E 225 -24.87 -2.82 -53.09
N ARG E 226 -25.82 -3.21 -53.94
CA ARG E 226 -25.72 -4.50 -54.59
C ARG E 226 -24.50 -4.55 -55.53
N ARG E 227 -24.17 -3.42 -56.15
CA ARG E 227 -23.04 -3.37 -57.09
C ARG E 227 -21.71 -3.66 -56.38
N TYR E 228 -21.58 -3.24 -55.11
CA TYR E 228 -20.34 -3.57 -54.36
C TYR E 228 -20.17 -5.08 -54.32
N LEU E 229 -21.27 -5.80 -54.07
CA LEU E 229 -21.24 -7.25 -53.93
C LEU E 229 -21.05 -7.90 -55.31
N ARG E 230 -21.71 -7.34 -56.32
CA ARG E 230 -21.49 -7.84 -57.68
CA ARG E 230 -21.50 -7.77 -57.70
C ARG E 230 -20.01 -7.74 -58.07
N ARG E 231 -19.38 -6.61 -57.79
CA ARG E 231 -17.95 -6.44 -58.05
C ARG E 231 -17.12 -7.47 -57.26
N ALA E 232 -17.43 -7.67 -55.98
CA ALA E 232 -16.73 -8.65 -55.17
C ALA E 232 -16.76 -10.05 -55.81
N ALA E 233 -17.89 -10.38 -56.45
CA ALA E 233 -18.12 -11.71 -56.96
C ALA E 233 -17.57 -11.91 -58.38
N GLU E 234 -17.26 -10.81 -59.07
CA GLU E 234 -16.87 -10.90 -60.48
CA GLU E 234 -16.83 -10.77 -60.50
C GLU E 234 -15.39 -11.27 -60.64
N LYS E 235 -15.15 -12.24 -61.53
CA LYS E 235 -13.76 -12.56 -61.90
C LYS E 235 -13.17 -11.37 -62.68
N PRO E 236 -12.00 -10.83 -62.25
CA PRO E 236 -11.47 -9.64 -62.94
C PRO E 236 -11.25 -9.84 -64.45
N ALA E 237 -11.52 -8.82 -65.25
CA ALA E 237 -11.39 -8.92 -66.72
C ALA E 237 -9.93 -9.07 -67.13
N LYS E 238 -9.06 -8.39 -66.38
CA LYS E 238 -7.64 -8.42 -66.66
C LYS E 238 -6.90 -8.29 -65.34
N LEU E 239 -5.84 -9.10 -65.19
CA LEU E 239 -5.05 -9.07 -63.97
C LEU E 239 -3.95 -8.04 -64.10
N LEU E 240 -3.77 -7.25 -63.06
CA LEU E 240 -2.76 -6.18 -63.07
C LEU E 240 -1.32 -6.69 -63.14
N TYR E 241 -1.08 -7.96 -62.78
CA TYR E 241 0.30 -8.49 -62.87
C TYR E 241 0.71 -8.63 -64.33
N GLU E 242 -0.26 -8.94 -65.19
CA GLU E 242 -0.05 -9.03 -66.64
C GLU E 242 0.34 -7.68 -67.23
N PRO F 1 -12.64 1.97 -23.28
CA PRO F 1 -12.17 0.74 -23.87
C PRO F 1 -12.66 -0.51 -23.15
N GLY F 2 -12.29 -1.68 -23.68
CA GLY F 2 -12.65 -2.95 -23.07
C GLY F 2 -11.72 -4.04 -23.53
N SER F 3 -11.64 -5.12 -22.76
CA SER F 3 -10.69 -6.18 -23.05
C SER F 3 -11.29 -7.25 -23.96
N ILE F 4 -10.52 -7.70 -24.96
CA ILE F 4 -10.97 -8.76 -25.86
C ILE F 4 -9.91 -9.86 -26.01
N PRO F 5 -10.35 -11.08 -26.34
CA PRO F 5 -9.37 -12.09 -26.73
C PRO F 5 -8.70 -11.60 -28.01
N LEU F 6 -7.53 -12.15 -28.35
CA LEU F 6 -6.77 -11.65 -29.49
C LEU F 6 -6.52 -12.72 -30.55
N ILE F 7 -6.32 -12.28 -31.79
CA ILE F 7 -5.96 -13.20 -32.87
C ILE F 7 -4.64 -13.87 -32.50
N GLY F 8 -4.58 -15.20 -32.69
CA GLY F 8 -3.37 -15.96 -32.35
C GLY F 8 -3.42 -16.57 -30.96
N GLU F 9 -4.33 -16.10 -30.10
CA GLU F 9 -4.54 -16.68 -28.77
C GLU F 9 -5.44 -17.90 -28.86
N ARG F 10 -5.22 -18.89 -27.98
CA ARG F 10 -6.20 -19.95 -27.83
C ARG F 10 -7.50 -19.34 -27.30
N PHE F 11 -8.64 -19.80 -27.83
CA PHE F 11 -9.94 -19.33 -27.36
C PHE F 11 -10.06 -19.59 -25.84
N PRO F 12 -10.52 -18.60 -25.07
CA PRO F 12 -10.68 -18.69 -23.61
C PRO F 12 -11.41 -19.97 -23.20
N GLU F 13 -10.74 -20.81 -22.41
CA GLU F 13 -11.35 -22.04 -21.91
C GLU F 13 -12.57 -21.72 -21.04
N MET F 14 -13.69 -22.34 -21.35
CA MET F 14 -14.93 -22.09 -20.62
C MET F 14 -15.98 -23.16 -20.85
N GLU F 15 -16.74 -23.44 -19.79
CA GLU F 15 -17.96 -24.25 -19.86
C GLU F 15 -19.10 -23.30 -20.13
N VAL F 16 -19.92 -23.62 -21.13
CA VAL F 16 -21.04 -22.78 -21.51
C VAL F 16 -22.30 -23.64 -21.57
N THR F 17 -23.41 -23.05 -21.18
CA THR F 17 -24.69 -23.70 -21.29
C THR F 17 -25.34 -23.24 -22.58
N THR F 18 -25.64 -24.20 -23.43
CA THR F 18 -26.37 -23.95 -24.67
C THR F 18 -27.75 -24.63 -24.64
N ASP F 19 -28.60 -24.30 -25.63
CA ASP F 19 -29.89 -24.98 -25.78
C ASP F 19 -29.77 -26.42 -26.32
N HIS F 20 -28.54 -26.88 -26.52
CA HIS F 20 -28.20 -28.28 -26.83
C HIS F 20 -27.58 -28.98 -25.64
N GLY F 21 -27.31 -28.22 -24.60
CA GLY F 21 -26.65 -28.75 -23.40
C GLY F 21 -25.38 -27.98 -23.06
N VAL F 22 -24.71 -28.45 -22.02
CA VAL F 22 -23.48 -27.86 -21.56
C VAL F 22 -22.31 -28.41 -22.36
N ILE F 23 -21.47 -27.54 -22.90
CA ILE F 23 -20.24 -28.00 -23.55
C ILE F 23 -19.04 -27.17 -23.14
N LYS F 24 -17.87 -27.70 -23.44
CA LYS F 24 -16.63 -27.02 -23.11
C LYS F 24 -16.00 -26.45 -24.36
N LEU F 25 -15.74 -25.15 -24.33
CA LEU F 25 -15.05 -24.49 -25.44
C LEU F 25 -13.58 -24.19 -25.10
N PRO F 26 -12.68 -24.30 -26.10
CA PRO F 26 -12.91 -24.75 -27.47
C PRO F 26 -12.89 -26.27 -27.59
N ASP F 27 -12.67 -26.96 -26.45
CA ASP F 27 -12.43 -28.41 -26.44
C ASP F 27 -13.42 -29.23 -27.23
N HIS F 28 -14.71 -28.91 -27.08
CA HIS F 28 -15.77 -29.66 -27.71
C HIS F 28 -15.52 -29.81 -29.20
N TYR F 29 -14.96 -28.77 -29.82
CA TYR F 29 -14.73 -28.73 -31.25
C TYR F 29 -13.34 -29.20 -31.59
N VAL F 30 -12.36 -28.81 -30.79
CA VAL F 30 -10.97 -29.26 -30.99
C VAL F 30 -10.91 -30.80 -31.02
N SER F 31 -11.64 -31.40 -30.07
CA SER F 31 -11.69 -32.87 -29.93
CA SER F 31 -11.75 -32.88 -29.92
C SER F 31 -12.20 -33.57 -31.19
N GLN F 32 -13.02 -32.87 -31.99
CA GLN F 32 -13.50 -33.44 -33.26
C GLN F 32 -12.73 -32.99 -34.50
N GLY F 33 -11.69 -32.18 -34.32
CA GLY F 33 -10.92 -31.66 -35.43
C GLY F 33 -11.70 -30.63 -36.25
N LYS F 34 -12.65 -29.97 -35.60
CA LYS F 34 -13.56 -29.06 -36.31
C LYS F 34 -13.18 -27.62 -35.98
N TRP F 35 -13.25 -26.76 -36.98
CA TRP F 35 -13.21 -25.31 -36.73
C TRP F 35 -14.59 -24.92 -36.17
N PHE F 36 -14.70 -23.74 -35.54
CA PHE F 36 -16.04 -23.27 -35.20
C PHE F 36 -16.14 -21.78 -35.37
N VAL F 37 -17.34 -21.31 -35.70
CA VAL F 37 -17.61 -19.88 -35.71
C VAL F 37 -18.55 -19.65 -34.56
N LEU F 38 -18.05 -18.92 -33.55
CA LEU F 38 -18.91 -18.48 -32.46
C LEU F 38 -19.34 -17.06 -32.80
N PHE F 39 -20.64 -16.84 -32.82
CA PHE F 39 -21.10 -15.48 -33.13
C PHE F 39 -22.09 -15.08 -32.07
N SER F 40 -22.21 -13.77 -31.81
CA SER F 40 -23.15 -13.33 -30.80
C SER F 40 -24.23 -12.44 -31.42
N HIS F 41 -25.33 -12.30 -30.72
CA HIS F 41 -26.41 -11.40 -31.14
C HIS F 41 -27.04 -10.76 -29.90
N PRO F 42 -27.48 -9.50 -30.03
CA PRO F 42 -28.03 -8.86 -28.85
C PRO F 42 -29.20 -9.56 -28.17
N ALA F 43 -30.22 -9.99 -28.93
CA ALA F 43 -31.44 -10.52 -28.31
C ALA F 43 -32.25 -11.41 -29.19
N ASP F 44 -32.65 -12.55 -28.63
CA ASP F 44 -33.73 -13.35 -29.21
C ASP F 44 -35.00 -12.47 -29.38
N PHE F 45 -35.83 -12.81 -30.35
CA PHE F 45 -37.09 -12.10 -30.62
C PHE F 45 -36.84 -10.66 -31.03
N THR F 46 -35.70 -10.45 -31.70
CA THR F 46 -35.46 -9.17 -32.40
C THR F 46 -35.10 -9.45 -33.86
N PRO F 47 -35.44 -8.50 -34.72
CA PRO F 47 -35.53 -8.76 -36.15
C PRO F 47 -34.21 -8.94 -36.86
N VAL F 48 -33.18 -8.12 -36.59
CA VAL F 48 -31.92 -8.29 -37.35
C VAL F 48 -31.35 -9.64 -36.93
N CYS F 49 -31.44 -9.92 -35.63
CA CYS F 49 -30.93 -11.22 -35.14
C CYS F 49 -31.60 -12.38 -35.85
N THR F 50 -32.92 -12.31 -36.00
CA THR F 50 -33.71 -13.36 -36.66
C THR F 50 -33.21 -13.53 -38.12
N THR F 51 -33.03 -12.42 -38.81
CA THR F 51 -32.53 -12.54 -40.21
C THR F 51 -31.15 -13.21 -40.27
N GLU F 52 -30.31 -12.97 -39.29
CA GLU F 52 -28.94 -13.55 -39.30
C GLU F 52 -29.00 -15.03 -38.98
N PHE F 53 -29.87 -15.43 -38.04
CA PHE F 53 -30.03 -16.86 -37.78
C PHE F 53 -30.52 -17.63 -39.00
N VAL F 54 -31.46 -17.04 -39.75
CA VAL F 54 -31.97 -17.68 -40.95
C VAL F 54 -30.87 -17.75 -42.02
N SER F 55 -30.07 -16.71 -42.14
CA SER F 55 -28.92 -16.70 -43.06
C SER F 55 -27.92 -17.78 -42.73
N PHE F 56 -27.57 -17.93 -41.45
CA PHE F 56 -26.60 -18.97 -41.06
C PHE F 56 -27.21 -20.36 -41.32
N ALA F 57 -28.52 -20.49 -41.04
CA ALA F 57 -29.20 -21.79 -41.22
C ALA F 57 -29.20 -22.18 -42.69
N ARG F 58 -29.41 -21.19 -43.56
CA ARG F 58 -29.41 -21.47 -44.99
C ARG F 58 -28.02 -21.91 -45.44
N ARG F 59 -26.98 -21.41 -44.77
CA ARG F 59 -25.58 -21.69 -45.12
C ARG F 59 -24.96 -22.82 -44.33
N TYR F 60 -25.79 -23.50 -43.54
CA TYR F 60 -25.30 -24.52 -42.60
C TYR F 60 -24.61 -25.70 -43.30
N GLU F 61 -25.18 -26.16 -44.42
CA GLU F 61 -24.54 -27.22 -45.23
C GLU F 61 -23.16 -26.81 -45.77
N ASP F 62 -23.04 -25.54 -46.19
CA ASP F 62 -21.75 -25.03 -46.66
C ASP F 62 -20.72 -25.04 -45.55
N PHE F 63 -21.13 -24.64 -44.35
CA PHE F 63 -20.22 -24.69 -43.20
C PHE F 63 -19.80 -26.14 -42.85
N GLN F 64 -20.79 -27.02 -42.82
CA GLN F 64 -20.54 -28.44 -42.48
C GLN F 64 -19.59 -29.10 -43.47
N ARG F 65 -19.79 -28.79 -44.75
CA ARG F 65 -18.93 -29.29 -45.84
C ARG F 65 -17.46 -28.92 -45.63
N LEU F 66 -17.22 -27.75 -45.05
CA LEU F 66 -15.87 -27.29 -44.71
C LEU F 66 -15.32 -27.84 -43.39
N GLY F 67 -16.14 -28.54 -42.62
CA GLY F 67 -15.74 -29.02 -41.30
C GLY F 67 -15.75 -27.91 -40.27
N VAL F 68 -16.74 -27.03 -40.40
CA VAL F 68 -16.90 -25.88 -39.51
C VAL F 68 -18.26 -25.94 -38.83
N ASP F 69 -18.24 -25.91 -37.50
CA ASP F 69 -19.48 -25.84 -36.72
C ASP F 69 -19.84 -24.41 -36.41
N LEU F 70 -21.10 -24.22 -36.08
CA LEU F 70 -21.61 -22.88 -35.71
C LEU F 70 -22.15 -22.95 -34.29
N ILE F 71 -21.96 -21.85 -33.57
CA ILE F 71 -22.53 -21.72 -32.23
C ILE F 71 -22.84 -20.26 -31.98
N GLY F 72 -24.08 -19.98 -31.57
CA GLY F 72 -24.49 -18.59 -31.31
C GLY F 72 -24.37 -18.27 -29.83
N LEU F 73 -24.71 -17.05 -29.48
CA LEU F 73 -24.58 -16.58 -28.09
C LEU F 73 -25.42 -15.32 -27.90
N SER F 74 -26.29 -15.33 -26.89
CA SER F 74 -26.85 -14.07 -26.40
C SER F 74 -27.03 -14.13 -24.88
N VAL F 75 -27.41 -13.01 -24.29
CA VAL F 75 -27.69 -12.99 -22.84
C VAL F 75 -29.06 -13.57 -22.46
N ASP F 76 -29.83 -14.07 -23.45
CA ASP F 76 -31.12 -14.69 -23.19
C ASP F 76 -30.94 -16.11 -22.62
N SER F 77 -32.00 -16.63 -22.01
CA SER F 77 -32.00 -17.96 -21.41
C SER F 77 -32.15 -19.07 -22.44
N VAL F 78 -31.91 -20.31 -22.01
CA VAL F 78 -32.18 -21.47 -22.86
CA VAL F 78 -32.16 -21.44 -22.88
C VAL F 78 -33.65 -21.55 -23.25
N PHE F 79 -34.55 -21.16 -22.34
CA PHE F 79 -35.99 -21.23 -22.60
C PHE F 79 -36.35 -20.30 -23.74
N SER F 80 -35.79 -19.09 -23.71
CA SER F 80 -35.97 -18.10 -24.78
CA SER F 80 -35.99 -18.10 -24.77
C SER F 80 -35.45 -18.65 -26.10
N HIS F 81 -34.24 -19.19 -26.06
CA HIS F 81 -33.62 -19.75 -27.27
C HIS F 81 -34.55 -20.78 -27.90
N ILE F 82 -35.04 -21.71 -27.09
CA ILE F 82 -35.89 -22.76 -27.60
C ILE F 82 -37.19 -22.22 -28.20
N LYS F 83 -37.87 -21.30 -27.48
CA LYS F 83 -39.08 -20.67 -27.97
C LYS F 83 -38.85 -19.88 -29.27
N TRP F 84 -37.71 -19.20 -29.36
CA TRP F 84 -37.38 -18.37 -30.54
C TRP F 84 -37.18 -19.29 -31.74
N LYS F 85 -36.46 -20.37 -31.52
CA LYS F 85 -36.29 -21.35 -32.59
C LYS F 85 -37.61 -21.92 -33.05
N GLU F 86 -38.51 -22.21 -32.09
CA GLU F 86 -39.88 -22.61 -32.42
C GLU F 86 -40.59 -21.58 -33.29
N TRP F 87 -40.44 -20.31 -32.93
CA TRP F 87 -41.09 -19.25 -33.68
C TRP F 87 -40.58 -19.18 -35.11
N ILE F 88 -39.26 -19.30 -35.26
CA ILE F 88 -38.62 -19.19 -36.59
C ILE F 88 -39.04 -20.35 -37.47
N GLU F 89 -39.06 -21.55 -36.90
CA GLU F 89 -39.55 -22.72 -37.66
C GLU F 89 -41.01 -22.55 -38.09
N ARG F 90 -41.86 -22.11 -37.17
CA ARG F 90 -43.28 -21.95 -37.43
C ARG F 90 -43.58 -20.84 -38.44
N HIS F 91 -42.99 -19.66 -38.25
CA HIS F 91 -43.35 -18.49 -39.06
C HIS F 91 -42.52 -18.26 -40.33
N ILE F 92 -41.25 -18.67 -40.29
CA ILE F 92 -40.34 -18.55 -41.44
C ILE F 92 -40.15 -19.89 -42.17
N GLY F 93 -40.38 -20.99 -41.45
CA GLY F 93 -40.26 -22.32 -42.03
C GLY F 93 -38.83 -22.80 -42.13
N VAL F 94 -37.95 -22.22 -41.31
CA VAL F 94 -36.53 -22.57 -41.31
C VAL F 94 -36.19 -23.13 -39.94
N ARG F 95 -35.62 -24.33 -39.90
CA ARG F 95 -35.14 -24.91 -38.65
C ARG F 95 -33.72 -24.42 -38.39
N ILE F 96 -33.46 -23.94 -37.19
CA ILE F 96 -32.09 -23.57 -36.81
C ILE F 96 -31.42 -24.79 -36.17
N PRO F 97 -30.41 -25.38 -36.86
CA PRO F 97 -29.88 -26.67 -36.39
C PRO F 97 -28.78 -26.56 -35.35
N PHE F 98 -28.19 -25.39 -35.18
CA PHE F 98 -26.99 -25.25 -34.34
C PHE F 98 -27.30 -24.66 -32.94
N PRO F 99 -26.43 -24.91 -31.96
CA PRO F 99 -26.70 -24.49 -30.58
C PRO F 99 -26.52 -22.99 -30.38
N ILE F 100 -27.20 -22.44 -29.38
CA ILE F 100 -27.01 -21.06 -28.99
C ILE F 100 -26.69 -21.05 -27.49
N ILE F 101 -25.59 -20.41 -27.12
CA ILE F 101 -25.20 -20.23 -25.71
C ILE F 101 -26.19 -19.28 -25.05
N ALA F 102 -26.64 -19.64 -23.84
CA ALA F 102 -27.46 -18.78 -22.99
C ALA F 102 -26.56 -18.18 -21.94
N ASP F 103 -26.50 -16.85 -21.89
CA ASP F 103 -25.52 -16.17 -21.07
C ASP F 103 -26.18 -15.07 -20.22
N PRO F 104 -27.24 -15.43 -19.46
CA PRO F 104 -27.86 -14.38 -18.65
C PRO F 104 -26.85 -13.99 -17.58
N GLN F 105 -26.70 -12.71 -17.29
CA GLN F 105 -25.62 -12.23 -16.41
C GLN F 105 -24.39 -11.78 -17.18
N GLY F 106 -24.30 -12.19 -18.45
CA GLY F 106 -23.23 -11.72 -19.32
C GLY F 106 -21.83 -12.17 -18.98
N THR F 107 -21.69 -13.34 -18.35
CA THR F 107 -20.37 -13.82 -17.93
C THR F 107 -19.49 -14.11 -19.14
N VAL F 108 -20.04 -14.85 -20.11
CA VAL F 108 -19.31 -15.18 -21.31
C VAL F 108 -19.10 -13.93 -22.16
N ALA F 109 -20.14 -13.09 -22.29
CA ALA F 109 -20.05 -11.83 -23.03
C ALA F 109 -18.84 -11.02 -22.60
N ARG F 110 -18.70 -10.85 -21.28
CA ARG F 110 -17.63 -10.07 -20.68
C ARG F 110 -16.26 -10.64 -21.05
N ARG F 111 -16.14 -11.96 -20.91
CA ARG F 111 -14.88 -12.65 -21.19
C ARG F 111 -14.44 -12.52 -22.66
N LEU F 112 -15.41 -12.42 -23.56
CA LEU F 112 -15.13 -12.28 -24.99
C LEU F 112 -15.13 -10.81 -25.47
N GLY F 113 -15.39 -9.89 -24.54
CA GLY F 113 -15.40 -8.45 -24.83
C GLY F 113 -16.53 -8.01 -25.75
N LEU F 114 -17.69 -8.63 -25.57
CA LEU F 114 -18.82 -8.43 -26.46
C LEU F 114 -19.79 -7.36 -25.98
N LEU F 115 -19.51 -6.77 -24.82
CA LEU F 115 -20.32 -5.66 -24.35
C LEU F 115 -19.60 -4.36 -24.67
N HIS F 116 -20.11 -3.63 -25.67
CA HIS F 116 -19.50 -2.37 -26.08
C HIS F 116 -20.29 -1.17 -25.52
N ALA F 117 -19.98 0.03 -26.00
CA ALA F 117 -20.60 1.27 -25.50
C ALA F 117 -22.04 1.51 -25.98
N GLU F 118 -22.43 0.80 -27.04
CA GLU F 118 -23.79 0.87 -27.56
C GLU F 118 -24.81 0.49 -26.48
N SER F 119 -24.50 -0.59 -25.76
CA SER F 119 -25.44 -1.17 -24.81
C SER F 119 -24.70 -1.76 -23.63
N ALA F 120 -25.22 -1.50 -22.44
CA ALA F 120 -24.69 -2.10 -21.23
C ALA F 120 -25.22 -3.52 -21.07
N THR F 121 -26.39 -3.79 -21.66
CA THR F 121 -27.19 -4.99 -21.36
C THR F 121 -27.13 -6.13 -22.40
N HIS F 122 -26.87 -5.80 -23.67
CA HIS F 122 -26.89 -6.82 -24.74
C HIS F 122 -25.61 -6.79 -25.55
N THR F 123 -25.18 -7.96 -26.04
CA THR F 123 -23.92 -8.06 -26.80
C THR F 123 -24.06 -7.36 -28.18
N VAL F 124 -22.93 -6.93 -28.72
CA VAL F 124 -22.84 -6.53 -30.12
C VAL F 124 -22.86 -7.80 -30.98
N ARG F 125 -22.69 -7.62 -32.29
CA ARG F 125 -22.74 -8.75 -33.22
C ARG F 125 -21.32 -9.18 -33.50
N GLY F 126 -20.70 -9.92 -32.56
CA GLY F 126 -19.32 -10.36 -32.68
C GLY F 126 -19.25 -11.71 -33.41
N VAL F 127 -18.11 -11.96 -34.03
CA VAL F 127 -17.82 -13.22 -34.70
C VAL F 127 -16.38 -13.60 -34.37
N PHE F 128 -16.18 -14.82 -33.88
CA PHE F 128 -14.86 -15.37 -33.62
C PHE F 128 -14.75 -16.57 -34.50
N ILE F 129 -13.72 -16.59 -35.34
CA ILE F 129 -13.46 -17.74 -36.15
C ILE F 129 -12.30 -18.48 -35.52
N VAL F 130 -12.56 -19.73 -35.12
CA VAL F 130 -11.62 -20.50 -34.27
C VAL F 130 -11.25 -21.78 -35.00
N ASP F 131 -9.94 -22.04 -35.14
CA ASP F 131 -9.50 -23.22 -35.91
C ASP F 131 -9.51 -24.50 -35.07
N ALA F 132 -9.09 -25.61 -35.70
CA ALA F 132 -9.12 -26.94 -35.08
C ALA F 132 -8.10 -27.11 -33.94
N ARG F 133 -7.20 -26.13 -33.79
CA ARG F 133 -6.26 -26.10 -32.66
C ARG F 133 -6.81 -25.24 -31.52
N GLY F 134 -8.01 -24.70 -31.72
CA GLY F 134 -8.66 -23.85 -30.72
C GLY F 134 -8.16 -22.40 -30.76
N VAL F 135 -7.45 -22.03 -31.83
CA VAL F 135 -6.83 -20.70 -31.89
C VAL F 135 -7.76 -19.72 -32.61
N ILE F 136 -7.90 -18.51 -32.07
CA ILE F 136 -8.70 -17.47 -32.71
C ILE F 136 -7.98 -16.94 -33.95
N ARG F 137 -8.69 -16.89 -35.09
CA ARG F 137 -8.05 -16.63 -36.37
C ARG F 137 -8.47 -15.29 -37.00
N THR F 138 -9.67 -14.86 -36.61
CA THR F 138 -10.29 -13.64 -37.14
C THR F 138 -11.41 -13.23 -36.19
N MET F 139 -11.63 -11.92 -36.03
CA MET F 139 -12.73 -11.43 -35.18
C MET F 139 -13.40 -10.28 -35.89
N LEU F 140 -14.73 -10.30 -35.87
CA LEU F 140 -15.50 -9.20 -36.50
C LEU F 140 -16.46 -8.65 -35.45
N TYR F 141 -16.60 -7.32 -35.41
CA TYR F 141 -17.59 -6.73 -34.48
C TYR F 141 -18.51 -5.80 -35.25
N TYR F 142 -19.70 -6.28 -35.54
CA TYR F 142 -20.73 -5.49 -36.20
C TYR F 142 -21.62 -4.93 -35.08
N PRO F 143 -22.32 -3.83 -35.35
CA PRO F 143 -23.19 -3.20 -34.35
C PRO F 143 -24.62 -3.70 -34.39
N MET F 144 -25.40 -3.28 -33.40
CA MET F 144 -26.77 -3.77 -33.29
CA MET F 144 -26.81 -3.68 -33.27
C MET F 144 -27.63 -3.46 -34.54
N GLU F 145 -27.38 -2.32 -35.17
CA GLU F 145 -28.23 -1.85 -36.25
C GLU F 145 -27.87 -2.42 -37.64
N LEU F 146 -26.86 -3.27 -37.71
CA LEU F 146 -26.36 -3.69 -39.04
C LEU F 146 -26.12 -5.18 -39.02
N GLY F 147 -26.87 -5.89 -39.86
CA GLY F 147 -26.69 -7.35 -39.96
C GLY F 147 -25.41 -7.71 -40.71
N ARG F 148 -24.89 -8.89 -40.40
CA ARG F 148 -23.64 -9.36 -41.01
C ARG F 148 -23.88 -9.84 -42.45
N LEU F 149 -22.77 -9.98 -43.18
CA LEU F 149 -22.76 -10.61 -44.50
C LEU F 149 -22.17 -12.03 -44.30
N VAL F 150 -23.06 -13.01 -44.22
CA VAL F 150 -22.65 -14.36 -43.79
C VAL F 150 -21.74 -15.02 -44.83
N ASP F 151 -21.92 -14.70 -46.11
CA ASP F 151 -21.06 -15.30 -47.14
C ASP F 151 -19.60 -14.86 -46.97
N GLU F 152 -19.36 -13.70 -46.36
CA GLU F 152 -17.96 -13.31 -46.08
C GLU F 152 -17.36 -14.16 -44.99
N ILE F 153 -18.20 -14.60 -44.05
CA ILE F 153 -17.76 -15.56 -43.01
C ILE F 153 -17.31 -16.89 -43.63
N LEU F 154 -18.09 -17.39 -44.58
CA LEU F 154 -17.67 -18.59 -45.35
C LEU F 154 -16.40 -18.33 -46.12
N ARG F 155 -16.30 -17.18 -46.76
CA ARG F 155 -15.07 -16.90 -47.53
C ARG F 155 -13.83 -16.88 -46.61
N ILE F 156 -13.97 -16.28 -45.43
CA ILE F 156 -12.86 -16.20 -44.48
C ILE F 156 -12.38 -17.62 -44.10
N VAL F 157 -13.32 -18.48 -43.72
CA VAL F 157 -12.97 -19.86 -43.25
C VAL F 157 -12.39 -20.70 -44.38
N LYS F 158 -13.01 -20.66 -45.57
CA LYS F 158 -12.49 -21.34 -46.74
C LYS F 158 -11.05 -20.90 -47.02
N ALA F 159 -10.82 -19.58 -47.03
CA ALA F 159 -9.52 -19.06 -47.45
C ALA F 159 -8.45 -19.35 -46.41
N LEU F 160 -8.80 -19.24 -45.13
CA LEU F 160 -7.84 -19.57 -44.05
C LEU F 160 -7.48 -21.06 -44.11
N LYS F 161 -8.49 -21.91 -44.33
CA LYS F 161 -8.23 -23.35 -44.48
C LYS F 161 -7.31 -23.64 -45.67
N LEU F 162 -7.56 -23.01 -46.80
CA LEU F 162 -6.67 -23.10 -47.95
C LEU F 162 -5.28 -22.58 -47.65
N GLY F 163 -5.20 -21.44 -46.99
CA GLY F 163 -3.91 -20.88 -46.67
C GLY F 163 -3.12 -21.86 -45.80
N ASP F 164 -3.80 -22.43 -44.82
CA ASP F 164 -3.16 -23.39 -43.88
C ASP F 164 -2.63 -24.64 -44.61
N SER F 165 -3.50 -25.27 -45.41
CA SER F 165 -3.13 -26.50 -46.10
C SER F 165 -2.08 -26.28 -47.19
N LEU F 166 -2.13 -25.13 -47.87
CA LEU F 166 -1.22 -24.85 -49.00
C LEU F 166 0.03 -24.03 -48.60
N LYS F 167 0.10 -23.65 -47.33
CA LYS F 167 1.18 -22.80 -46.82
C LYS F 167 1.29 -21.50 -47.65
N ARG F 168 0.14 -20.81 -47.75
CA ARG F 168 0.07 -19.58 -48.56
C ARG F 168 -0.73 -18.52 -47.80
N ALA F 169 -0.38 -17.26 -48.07
CA ALA F 169 -1.17 -16.09 -47.68
C ALA F 169 -2.20 -15.80 -48.79
N VAL F 170 -3.26 -15.09 -48.43
CA VAL F 170 -4.39 -14.93 -49.35
C VAL F 170 -4.55 -13.43 -49.69
N PRO F 171 -4.56 -13.08 -50.97
CA PRO F 171 -4.59 -11.66 -51.37
C PRO F 171 -5.93 -11.04 -51.08
N ALA F 172 -5.96 -9.70 -51.05
CA ALA F 172 -7.23 -8.95 -50.90
C ALA F 172 -8.27 -9.49 -51.90
N ASP F 173 -9.51 -9.63 -51.45
CA ASP F 173 -10.64 -9.96 -52.37
C ASP F 173 -10.55 -11.33 -53.08
N TRP F 174 -9.69 -12.20 -52.57
CA TRP F 174 -9.56 -13.55 -53.14
C TRP F 174 -10.94 -14.26 -53.13
N PRO F 175 -11.26 -15.04 -54.20
CA PRO F 175 -10.48 -15.45 -55.39
C PRO F 175 -10.50 -14.52 -56.59
N ASN F 176 -10.91 -13.26 -56.35
CA ASN F 176 -11.05 -12.26 -57.39
C ASN F 176 -10.12 -11.07 -57.17
N ASN F 177 -8.91 -11.36 -56.69
CA ASN F 177 -7.93 -10.28 -56.52
C ASN F 177 -7.58 -9.61 -57.84
N GLU F 178 -7.48 -8.29 -57.84
CA GLU F 178 -7.28 -7.55 -59.06
CA GLU F 178 -7.29 -7.63 -59.10
C GLU F 178 -5.87 -7.71 -59.67
N ILE F 179 -4.89 -8.07 -58.82
CA ILE F 179 -3.49 -8.19 -59.27
C ILE F 179 -3.20 -9.61 -59.77
N ILE F 180 -3.56 -10.60 -58.96
CA ILE F 180 -3.19 -11.99 -59.20
C ILE F 180 -4.38 -12.96 -59.28
N GLY F 181 -5.61 -12.43 -59.21
CA GLY F 181 -6.82 -13.25 -59.37
C GLY F 181 -7.02 -14.25 -58.27
N GLU F 182 -6.99 -15.53 -58.64
CA GLU F 182 -7.14 -16.63 -57.70
C GLU F 182 -5.77 -17.14 -57.18
N GLY F 183 -4.73 -16.48 -57.63
CA GLY F 183 -3.37 -16.68 -57.13
C GLY F 183 -3.27 -16.61 -55.63
N LEU F 184 -2.32 -17.38 -55.07
CA LEU F 184 -2.07 -17.35 -53.64
C LEU F 184 -0.62 -16.97 -53.38
N ILE F 185 -0.38 -16.33 -52.24
CA ILE F 185 0.90 -15.64 -52.03
C ILE F 185 1.87 -16.47 -51.19
N VAL F 186 3.13 -16.55 -51.64
CA VAL F 186 4.20 -17.16 -50.85
C VAL F 186 4.60 -16.21 -49.72
N PRO F 187 4.60 -16.69 -48.46
CA PRO F 187 4.97 -15.75 -47.36
C PRO F 187 6.36 -15.17 -47.61
N PRO F 188 6.51 -13.85 -47.45
CA PRO F 188 7.75 -13.19 -47.91
C PRO F 188 9.02 -13.67 -47.18
N PRO F 189 10.17 -13.63 -47.87
CA PRO F 189 11.43 -13.94 -47.20
C PRO F 189 11.67 -12.95 -46.07
N THR F 190 12.31 -13.42 -45.00
CA THR F 190 12.60 -12.55 -43.84
C THR F 190 14.10 -12.35 -43.63
N THR F 191 14.93 -12.95 -44.47
CA THR F 191 16.34 -12.62 -44.46
C THR F 191 16.83 -12.30 -45.87
N GLU F 192 17.96 -11.61 -45.92
CA GLU F 192 18.57 -11.24 -47.17
C GLU F 192 18.96 -12.46 -48.04
N ASP F 193 19.56 -13.46 -47.41
CA ASP F 193 19.92 -14.69 -48.13
C ASP F 193 18.69 -15.41 -48.67
N GLN F 194 17.63 -15.43 -47.87
CA GLN F 194 16.39 -16.12 -48.26
C GLN F 194 15.77 -15.37 -49.43
N ALA F 195 15.81 -14.03 -49.36
CA ALA F 195 15.33 -13.19 -50.47
C ALA F 195 16.11 -13.42 -51.75
N ARG F 196 17.44 -13.44 -51.62
CA ARG F 196 18.31 -13.64 -52.78
C ARG F 196 18.08 -15.00 -53.42
N ALA F 197 17.95 -16.05 -52.60
CA ALA F 197 17.77 -17.44 -53.06
C ALA F 197 16.42 -17.68 -53.71
N ARG F 198 15.39 -16.97 -53.24
CA ARG F 198 14.05 -17.10 -53.83
C ARG F 198 14.06 -16.62 -55.27
N MET F 199 14.74 -15.51 -55.50
CA MET F 199 14.86 -14.91 -56.81
C MET F 199 15.73 -15.72 -57.78
N GLU F 200 16.78 -16.34 -57.26
CA GLU F 200 17.67 -17.18 -58.06
C GLU F 200 17.02 -18.50 -58.49
N SER F 201 16.06 -18.98 -57.69
CA SER F 201 15.37 -20.23 -57.97
C SER F 201 14.45 -20.16 -59.20
N GLY F 202 13.95 -18.95 -59.50
CA GLY F 202 12.93 -18.75 -60.55
C GLY F 202 11.69 -19.62 -60.40
N GLN F 203 11.41 -20.02 -59.16
CA GLN F 203 10.35 -20.97 -58.84
C GLN F 203 8.91 -20.42 -59.04
N TYR F 204 8.73 -19.14 -58.73
CA TYR F 204 7.39 -18.55 -58.66
C TYR F 204 7.24 -17.36 -59.57
N ARG F 205 5.99 -17.07 -59.97
CA ARG F 205 5.71 -15.76 -60.53
C ARG F 205 6.01 -14.72 -59.45
N SER F 206 6.43 -13.55 -59.87
CA SER F 206 7.00 -12.57 -58.96
C SER F 206 6.92 -11.15 -59.48
N LEU F 207 6.61 -10.22 -58.57
CA LEU F 207 6.74 -8.80 -58.83
C LEU F 207 7.97 -8.17 -58.16
N ASP F 208 8.40 -8.77 -57.03
CA ASP F 208 9.67 -8.44 -56.37
C ASP F 208 10.01 -9.66 -55.51
N TRP F 209 11.18 -9.66 -54.86
CA TRP F 209 11.51 -10.79 -53.95
C TRP F 209 10.50 -11.01 -52.83
N TRP F 210 9.80 -9.95 -52.42
CA TRP F 210 8.82 -10.04 -51.34
C TRP F 210 7.39 -10.30 -51.84
N PHE F 211 7.21 -10.38 -53.16
CA PHE F 211 5.87 -10.57 -53.77
C PHE F 211 5.96 -11.68 -54.81
N CYS F 212 5.89 -12.92 -54.32
CA CYS F 212 5.87 -14.10 -55.17
C CYS F 212 4.55 -14.83 -54.94
N TRP F 213 4.07 -15.52 -55.95
CA TRP F 213 2.82 -16.26 -55.81
CA TRP F 213 2.77 -16.19 -55.88
C TRP F 213 2.70 -17.36 -56.84
N ASP F 214 1.72 -18.23 -56.63
CA ASP F 214 1.44 -19.25 -57.62
C ASP F 214 -0.06 -19.54 -57.62
N THR F 215 -0.46 -20.64 -58.25
CA THR F 215 -1.89 -20.95 -58.32
C THR F 215 -2.13 -22.40 -57.85
N PRO F 216 -1.92 -22.68 -56.53
CA PRO F 216 -2.00 -24.06 -56.03
C PRO F 216 -3.40 -24.57 -55.62
N ALA F 217 -4.37 -23.66 -55.58
CA ALA F 217 -5.76 -24.00 -55.20
C ALA F 217 -6.46 -24.73 -56.35
N SER F 218 -7.21 -25.78 -56.04
CA SER F 218 -7.89 -26.52 -57.13
C SER F 218 -9.01 -25.70 -57.73
N ARG F 219 -9.41 -26.02 -58.97
CA ARG F 219 -10.55 -25.36 -59.58
C ARG F 219 -11.78 -25.45 -58.66
N ASP F 220 -12.02 -26.63 -58.09
CA ASP F 220 -13.13 -26.82 -57.13
C ASP F 220 -13.07 -25.89 -55.92
N ASP F 221 -11.88 -25.68 -55.34
CA ASP F 221 -11.72 -24.82 -54.15
C ASP F 221 -12.03 -23.36 -54.50
N VAL F 222 -11.47 -22.93 -55.63
CA VAL F 222 -11.71 -21.58 -56.16
C VAL F 222 -13.18 -21.36 -56.46
N GLU F 223 -13.81 -22.32 -57.14
CA GLU F 223 -15.22 -22.17 -57.52
C GLU F 223 -16.14 -22.16 -56.29
N GLU F 224 -15.82 -22.97 -55.29
CA GLU F 224 -16.55 -22.96 -54.02
C GLU F 224 -16.56 -21.55 -53.38
N ALA F 225 -15.39 -20.91 -53.31
CA ALA F 225 -15.28 -19.57 -52.76
C ALA F 225 -15.98 -18.56 -53.61
N ARG F 226 -15.80 -18.64 -54.92
CA ARG F 226 -16.55 -17.77 -55.81
C ARG F 226 -18.06 -17.87 -55.63
N ARG F 227 -18.55 -19.10 -55.41
CA ARG F 227 -19.97 -19.34 -55.22
C ARG F 227 -20.52 -18.58 -54.02
N TYR F 228 -19.71 -18.47 -52.97
CA TYR F 228 -20.23 -17.75 -51.78
C TYR F 228 -20.49 -16.29 -52.17
N LEU F 229 -19.54 -15.73 -52.93
CA LEU F 229 -19.62 -14.31 -53.29
C LEU F 229 -20.73 -14.11 -54.33
N ARG F 230 -20.84 -15.03 -55.31
CA ARG F 230 -21.96 -14.93 -56.26
C ARG F 230 -23.29 -14.94 -55.53
N ARG F 231 -23.43 -15.78 -54.51
CA ARG F 231 -24.66 -15.84 -53.70
C ARG F 231 -24.88 -14.54 -52.97
N ALA F 232 -23.84 -14.03 -52.32
CA ALA F 232 -23.96 -12.72 -51.65
C ALA F 232 -24.53 -11.65 -52.58
N ALA F 233 -24.08 -11.65 -53.84
CA ALA F 233 -24.44 -10.58 -54.79
C ALA F 233 -25.82 -10.74 -55.43
N GLU F 234 -26.35 -11.94 -55.38
CA GLU F 234 -27.61 -12.30 -56.03
C GLU F 234 -28.83 -11.96 -55.17
N LYS F 235 -29.80 -11.30 -55.77
CA LYS F 235 -31.04 -11.09 -55.02
C LYS F 235 -31.85 -12.40 -55.08
N PRO F 236 -32.28 -12.91 -53.91
CA PRO F 236 -33.13 -14.11 -53.86
C PRO F 236 -34.33 -13.98 -54.80
N ALA F 237 -34.61 -15.06 -55.54
CA ALA F 237 -35.73 -15.08 -56.47
C ALA F 237 -37.07 -15.10 -55.71
N LYS F 238 -37.04 -15.64 -54.49
CA LYS F 238 -38.25 -15.76 -53.69
C LYS F 238 -37.87 -15.35 -52.28
N LEU F 239 -38.64 -14.43 -51.72
CA LEU F 239 -38.39 -13.97 -50.35
C LEU F 239 -39.22 -14.76 -49.35
N LEU F 240 -38.63 -15.09 -48.20
CA LEU F 240 -39.31 -15.94 -47.23
C LEU F 240 -40.53 -15.31 -46.58
N TYR F 241 -40.60 -13.97 -46.58
CA TYR F 241 -41.78 -13.27 -46.03
CA TYR F 241 -41.77 -13.26 -46.03
C TYR F 241 -43.03 -13.65 -46.82
N GLU F 242 -42.86 -13.90 -48.12
CA GLU F 242 -43.96 -14.26 -49.04
C GLU F 242 -44.75 -15.50 -48.61
N GLU F 243 -44.06 -16.57 -48.23
CA GLU F 243 -44.70 -17.86 -47.97
C GLU F 243 -44.97 -18.16 -46.49
N ALA F 244 -45.29 -17.12 -45.70
CA ALA F 244 -45.79 -17.34 -44.34
C ALA F 244 -47.23 -17.87 -44.36
N PRO G 1 -22.50 -14.34 3.16
CA PRO G 1 -21.92 -14.45 1.84
C PRO G 1 -22.67 -13.80 0.67
N GLY G 2 -23.64 -12.93 0.95
CA GLY G 2 -24.20 -12.04 -0.07
C GLY G 2 -24.72 -10.75 0.53
N SER G 3 -24.54 -9.63 -0.16
CA SER G 3 -25.07 -8.36 0.31
C SER G 3 -26.52 -8.18 -0.12
N ILE G 4 -27.36 -7.70 0.80
CA ILE G 4 -28.74 -7.32 0.49
C ILE G 4 -29.05 -5.95 1.08
N PRO G 5 -30.02 -5.24 0.50
CA PRO G 5 -30.54 -4.04 1.17
C PRO G 5 -31.29 -4.50 2.43
N LEU G 6 -31.58 -3.58 3.34
CA LEU G 6 -32.11 -3.99 4.64
C LEU G 6 -33.42 -3.30 4.99
N ILE G 7 -34.22 -3.95 5.83
CA ILE G 7 -35.46 -3.37 6.34
C ILE G 7 -35.10 -2.07 7.04
N GLY G 8 -35.92 -1.05 6.80
CA GLY G 8 -35.70 0.28 7.33
C GLY G 8 -34.89 1.21 6.46
N GLU G 9 -34.15 0.66 5.50
CA GLU G 9 -33.38 1.47 4.53
C GLU G 9 -34.27 1.92 3.37
N ARG G 10 -34.02 3.11 2.83
CA ARG G 10 -34.70 3.51 1.60
C ARG G 10 -34.29 2.51 0.49
N PHE G 11 -35.26 2.16 -0.36
CA PHE G 11 -35.03 1.23 -1.47
C PHE G 11 -33.94 1.87 -2.36
N PRO G 12 -32.94 1.08 -2.79
CA PRO G 12 -31.83 1.64 -3.58
C PRO G 12 -32.33 2.41 -4.80
N GLU G 13 -31.84 3.64 -4.94
CA GLU G 13 -32.25 4.51 -6.03
C GLU G 13 -31.67 3.98 -7.35
N MET G 14 -32.52 3.77 -8.34
CA MET G 14 -32.12 3.12 -9.59
C MET G 14 -33.10 3.39 -10.70
N GLU G 15 -32.58 3.49 -11.93
CA GLU G 15 -33.43 3.59 -13.10
C GLU G 15 -33.48 2.21 -13.68
N VAL G 16 -34.69 1.75 -13.98
CA VAL G 16 -34.90 0.38 -14.47
C VAL G 16 -35.76 0.35 -15.74
N THR G 17 -35.45 -0.60 -16.62
CA THR G 17 -36.19 -0.79 -17.83
C THR G 17 -37.22 -1.85 -17.63
N THR G 18 -38.48 -1.49 -17.82
CA THR G 18 -39.55 -2.46 -17.74
C THR G 18 -40.22 -2.61 -19.10
N ASP G 19 -41.08 -3.63 -19.21
CA ASP G 19 -41.90 -3.82 -20.41
C ASP G 19 -43.04 -2.80 -20.55
N HIS G 20 -43.11 -1.85 -19.60
CA HIS G 20 -44.02 -0.69 -19.68
C HIS G 20 -43.24 0.60 -19.93
N GLY G 21 -41.91 0.52 -19.87
CA GLY G 21 -41.06 1.67 -20.07
C GLY G 21 -40.04 1.83 -18.97
N VAL G 22 -39.22 2.87 -19.09
CA VAL G 22 -38.19 3.16 -18.11
C VAL G 22 -38.82 3.96 -16.95
N ILE G 23 -38.53 3.53 -15.73
CA ILE G 23 -39.00 4.27 -14.56
C ILE G 23 -37.88 4.35 -13.53
N LYS G 24 -37.98 5.29 -12.61
CA LYS G 24 -37.00 5.41 -11.55
C LYS G 24 -37.62 4.86 -10.26
N LEU G 25 -36.89 3.98 -9.59
CA LEU G 25 -37.33 3.43 -8.30
C LEU G 25 -36.53 4.06 -7.17
N PRO G 26 -37.16 4.31 -6.00
CA PRO G 26 -38.58 4.13 -5.66
C PRO G 26 -39.46 5.32 -6.07
N ASP G 27 -38.83 6.36 -6.63
CA ASP G 27 -39.46 7.65 -6.92
C ASP G 27 -40.77 7.55 -7.66
N HIS G 28 -40.83 6.65 -8.65
CA HIS G 28 -42.02 6.46 -9.48
C HIS G 28 -43.26 6.24 -8.62
N TYR G 29 -43.13 5.45 -7.56
CA TYR G 29 -44.26 5.12 -6.71
C TYR G 29 -44.44 6.13 -5.56
N VAL G 30 -43.32 6.57 -5.00
CA VAL G 30 -43.31 7.55 -3.89
C VAL G 30 -44.05 8.80 -4.35
N SER G 31 -43.75 9.22 -5.57
CA SER G 31 -44.34 10.45 -6.11
C SER G 31 -45.87 10.30 -6.28
N GLN G 32 -46.36 9.07 -6.39
CA GLN G 32 -47.81 8.84 -6.46
C GLN G 32 -48.47 8.53 -5.11
N GLY G 33 -47.67 8.52 -4.04
CA GLY G 33 -48.16 8.12 -2.72
C GLY G 33 -48.49 6.64 -2.62
N LYS G 34 -47.84 5.81 -3.46
CA LYS G 34 -48.14 4.38 -3.52
C LYS G 34 -47.06 3.54 -2.85
N TRP G 35 -47.47 2.47 -2.17
CA TRP G 35 -46.54 1.41 -1.76
C TRP G 35 -46.33 0.58 -3.01
N PHE G 36 -45.24 -0.18 -3.07
CA PHE G 36 -45.10 -1.22 -4.08
C PHE G 36 -44.51 -2.52 -3.57
N VAL G 37 -44.88 -3.61 -4.23
CA VAL G 37 -44.26 -4.91 -3.99
C VAL G 37 -43.43 -5.19 -5.25
N LEU G 38 -42.12 -5.24 -5.05
CA LEU G 38 -41.20 -5.63 -6.14
C LEU G 38 -40.88 -7.07 -5.87
N PHE G 39 -41.14 -7.92 -6.85
CA PHE G 39 -40.79 -9.32 -6.66
C PHE G 39 -39.98 -9.78 -7.86
N SER G 40 -39.20 -10.84 -7.68
CA SER G 40 -38.33 -11.30 -8.77
C SER G 40 -38.69 -12.74 -9.05
N HIS G 41 -38.30 -13.21 -10.25
CA HIS G 41 -38.47 -14.63 -10.56
C HIS G 41 -37.30 -15.07 -11.42
N PRO G 42 -36.93 -16.36 -11.38
CA PRO G 42 -35.74 -16.72 -12.15
C PRO G 42 -35.82 -16.56 -13.67
N ALA G 43 -36.92 -16.98 -14.28
CA ALA G 43 -36.98 -16.96 -15.75
C ALA G 43 -38.37 -16.96 -16.32
N ASP G 44 -38.61 -16.07 -17.30
CA ASP G 44 -39.79 -16.20 -18.14
C ASP G 44 -39.84 -17.59 -18.81
N PHE G 45 -41.05 -18.04 -19.13
CA PHE G 45 -41.27 -19.33 -19.82
C PHE G 45 -40.76 -20.50 -18.98
N THR G 46 -40.86 -20.33 -17.66
CA THR G 46 -40.73 -21.46 -16.72
C THR G 46 -41.98 -21.57 -15.83
N PRO G 47 -42.31 -22.78 -15.38
CA PRO G 47 -43.64 -23.05 -14.87
C PRO G 47 -43.98 -22.46 -13.49
N VAL G 48 -43.08 -22.53 -12.51
CA VAL G 48 -43.45 -22.00 -11.16
C VAL G 48 -43.61 -20.48 -11.32
N CYS G 49 -42.69 -19.86 -12.06
CA CYS G 49 -42.81 -18.42 -12.34
C CYS G 49 -44.17 -18.10 -12.97
N THR G 50 -44.59 -18.87 -13.97
CA THR G 50 -45.90 -18.65 -14.61
C THR G 50 -47.05 -18.73 -13.61
N THR G 51 -47.06 -19.76 -12.75
CA THR G 51 -48.12 -19.88 -11.71
C THR G 51 -48.14 -18.63 -10.80
N GLU G 52 -46.96 -18.11 -10.47
CA GLU G 52 -46.92 -16.92 -9.57
C GLU G 52 -47.42 -15.66 -10.26
N PHE G 53 -47.11 -15.50 -11.54
CA PHE G 53 -47.64 -14.34 -12.26
C PHE G 53 -49.15 -14.41 -12.36
N VAL G 54 -49.67 -15.61 -12.60
CA VAL G 54 -51.11 -15.78 -12.66
C VAL G 54 -51.74 -15.49 -11.28
N SER G 55 -51.06 -15.91 -10.22
CA SER G 55 -51.56 -15.68 -8.86
C SER G 55 -51.59 -14.19 -8.54
N PHE G 56 -50.49 -13.49 -8.82
CA PHE G 56 -50.44 -12.03 -8.66
C PHE G 56 -51.50 -11.35 -9.51
N ALA G 57 -51.63 -11.78 -10.77
CA ALA G 57 -52.64 -11.15 -11.64
C ALA G 57 -54.07 -11.31 -11.11
N ARG G 58 -54.39 -12.48 -10.59
CA ARG G 58 -55.70 -12.74 -9.99
C ARG G 58 -55.95 -11.85 -8.78
N ARG G 59 -54.88 -11.53 -8.05
CA ARG G 59 -54.97 -10.72 -6.82
C ARG G 59 -54.72 -9.24 -7.05
N TYR G 60 -54.57 -8.86 -8.30
CA TYR G 60 -54.22 -7.51 -8.65
C TYR G 60 -55.21 -6.46 -8.11
N GLU G 61 -56.51 -6.75 -8.20
CA GLU G 61 -57.50 -5.79 -7.72
C GLU G 61 -57.35 -5.65 -6.20
N ASP G 62 -56.99 -6.74 -5.53
CA ASP G 62 -56.78 -6.68 -4.07
C ASP G 62 -55.60 -5.80 -3.68
N PHE G 63 -54.48 -5.92 -4.41
CA PHE G 63 -53.40 -4.94 -4.26
C PHE G 63 -53.83 -3.50 -4.56
N GLN G 64 -54.61 -3.30 -5.63
CA GLN G 64 -55.09 -1.97 -5.99
C GLN G 64 -55.96 -1.36 -4.91
N ARG G 65 -56.78 -2.21 -4.27
CA ARG G 65 -57.71 -1.80 -3.20
C ARG G 65 -56.93 -1.19 -2.04
N LEU G 66 -55.71 -1.70 -1.82
CA LEU G 66 -54.84 -1.23 -0.73
C LEU G 66 -53.94 -0.07 -1.09
N GLY G 67 -53.97 0.36 -2.34
CA GLY G 67 -53.05 1.39 -2.83
C GLY G 67 -51.63 0.88 -3.02
N VAL G 68 -51.52 -0.39 -3.40
CA VAL G 68 -50.20 -1.04 -3.60
C VAL G 68 -50.02 -1.46 -5.07
N ASP G 69 -48.92 -1.00 -5.68
CA ASP G 69 -48.54 -1.41 -7.07
C ASP G 69 -47.69 -2.67 -7.05
N LEU G 70 -47.65 -3.38 -8.18
CA LEU G 70 -46.84 -4.58 -8.33
C LEU G 70 -45.82 -4.34 -9.43
N ILE G 71 -44.62 -4.84 -9.23
CA ILE G 71 -43.59 -4.81 -10.28
C ILE G 71 -42.72 -6.06 -10.19
N GLY G 72 -42.58 -6.77 -11.30
CA GLY G 72 -41.76 -7.98 -11.34
C GLY G 72 -40.34 -7.69 -11.79
N LEU G 73 -39.52 -8.73 -11.80
CA LEU G 73 -38.12 -8.59 -12.15
C LEU G 73 -37.53 -9.93 -12.52
N SER G 74 -36.90 -10.03 -13.69
CA SER G 74 -36.02 -11.16 -13.96
C SER G 74 -34.91 -10.72 -14.90
N VAL G 75 -33.98 -11.62 -15.14
CA VAL G 75 -32.82 -11.30 -15.98
C VAL G 75 -33.17 -11.42 -17.48
N ASP G 76 -34.43 -11.67 -17.79
CA ASP G 76 -34.85 -11.77 -19.18
C ASP G 76 -35.03 -10.39 -19.82
N SER G 77 -35.04 -10.35 -21.16
CA SER G 77 -35.24 -9.10 -21.91
C SER G 77 -36.70 -8.62 -21.89
N VAL G 78 -36.93 -7.35 -22.26
CA VAL G 78 -38.29 -6.86 -22.44
C VAL G 78 -39.04 -7.63 -23.52
N PHE G 79 -38.32 -8.10 -24.55
CA PHE G 79 -38.96 -8.87 -25.60
C PHE G 79 -39.50 -10.19 -25.06
N SER G 80 -38.68 -10.88 -24.27
CA SER G 80 -39.10 -12.09 -23.57
CA SER G 80 -39.10 -12.09 -23.57
C SER G 80 -40.34 -11.82 -22.74
N HIS G 81 -40.32 -10.71 -21.99
CA HIS G 81 -41.42 -10.37 -21.12
C HIS G 81 -42.72 -10.22 -21.89
N ILE G 82 -42.67 -9.51 -23.01
CA ILE G 82 -43.86 -9.27 -23.77
C ILE G 82 -44.39 -10.59 -24.41
N LYS G 83 -43.47 -11.38 -24.95
CA LYS G 83 -43.82 -12.69 -25.51
C LYS G 83 -44.46 -13.61 -24.47
N TRP G 84 -43.90 -13.57 -23.24
CA TRP G 84 -44.37 -14.46 -22.18
C TRP G 84 -45.76 -14.05 -21.75
N LYS G 85 -45.97 -12.74 -21.61
CA LYS G 85 -47.30 -12.20 -21.36
C LYS G 85 -48.31 -12.61 -22.42
N GLU G 86 -47.89 -12.56 -23.71
CA GLU G 86 -48.74 -13.02 -24.77
C GLU G 86 -49.15 -14.47 -24.57
N TRP G 87 -48.17 -15.31 -24.23
CA TRP G 87 -48.40 -16.73 -24.01
C TRP G 87 -49.42 -16.97 -22.89
N ILE G 88 -49.22 -16.29 -21.77
CA ILE G 88 -50.09 -16.50 -20.63
C ILE G 88 -51.53 -16.09 -20.96
N GLU G 89 -51.69 -14.95 -21.64
CA GLU G 89 -53.02 -14.51 -22.00
C GLU G 89 -53.69 -15.51 -22.95
N ARG G 90 -52.93 -15.98 -23.93
CA ARG G 90 -53.46 -16.91 -24.94
C ARG G 90 -53.82 -18.28 -24.35
N HIS G 91 -52.89 -18.85 -23.58
CA HIS G 91 -52.96 -20.24 -23.09
C HIS G 91 -53.60 -20.46 -21.72
N ILE G 92 -53.56 -19.43 -20.87
CA ILE G 92 -54.18 -19.52 -19.54
C ILE G 92 -55.45 -18.64 -19.42
N GLY G 93 -55.55 -17.61 -20.26
CA GLY G 93 -56.74 -16.79 -20.30
C GLY G 93 -56.65 -15.62 -19.35
N VAL G 94 -55.43 -15.34 -18.89
CA VAL G 94 -55.17 -14.36 -17.86
C VAL G 94 -54.22 -13.29 -18.37
N ARG G 95 -54.65 -12.03 -18.32
CA ARG G 95 -53.80 -10.92 -18.70
C ARG G 95 -52.96 -10.41 -17.53
N ILE G 96 -51.64 -10.30 -17.73
CA ILE G 96 -50.77 -9.80 -16.68
C ILE G 96 -50.70 -8.27 -16.78
N PRO G 97 -51.32 -7.54 -15.83
CA PRO G 97 -51.40 -6.09 -16.06
C PRO G 97 -50.24 -5.23 -15.57
N PHE G 98 -49.37 -5.78 -14.74
CA PHE G 98 -48.31 -4.99 -14.10
C PHE G 98 -46.96 -5.12 -14.82
N PRO G 99 -46.06 -4.14 -14.65
CA PRO G 99 -44.76 -4.18 -15.38
C PRO G 99 -43.80 -5.24 -14.85
N ILE G 100 -42.84 -5.65 -15.69
CA ILE G 100 -41.75 -6.53 -15.28
C ILE G 100 -40.46 -5.86 -15.70
N ILE G 101 -39.54 -5.68 -14.75
CA ILE G 101 -38.21 -5.18 -15.02
C ILE G 101 -37.43 -6.21 -15.84
N ALA G 102 -36.76 -5.73 -16.87
CA ALA G 102 -35.82 -6.54 -17.66
C ALA G 102 -34.39 -6.24 -17.22
N ASP G 103 -33.70 -7.27 -16.72
CA ASP G 103 -32.41 -7.07 -16.08
C ASP G 103 -31.34 -8.01 -16.63
N PRO G 104 -31.13 -8.00 -17.97
CA PRO G 104 -30.06 -8.84 -18.53
C PRO G 104 -28.73 -8.37 -17.96
N GLN G 105 -27.82 -9.27 -17.63
CA GLN G 105 -26.61 -8.84 -16.96
C GLN G 105 -26.74 -8.70 -15.44
N GLY G 106 -27.96 -8.85 -14.91
CA GLY G 106 -28.20 -8.90 -13.46
C GLY G 106 -27.73 -7.73 -12.61
N THR G 107 -27.67 -6.55 -13.21
CA THR G 107 -27.26 -5.33 -12.51
C THR G 107 -28.19 -5.00 -11.33
N VAL G 108 -29.49 -4.99 -11.59
CA VAL G 108 -30.48 -4.75 -10.56
C VAL G 108 -30.48 -5.91 -9.55
N ALA G 109 -30.44 -7.14 -10.07
CA ALA G 109 -30.43 -8.33 -9.22
C ALA G 109 -29.30 -8.27 -8.19
N ARG G 110 -28.11 -7.82 -8.63
CA ARG G 110 -26.95 -7.77 -7.74
C ARG G 110 -27.11 -6.69 -6.67
N ARG G 111 -27.70 -5.56 -7.06
CA ARG G 111 -27.99 -4.45 -6.14
C ARG G 111 -28.99 -4.87 -5.05
N LEU G 112 -29.91 -5.78 -5.40
CA LEU G 112 -30.92 -6.24 -4.47
C LEU G 112 -30.55 -7.54 -3.74
N GLY G 113 -29.38 -8.09 -4.10
CA GLY G 113 -28.88 -9.31 -3.45
C GLY G 113 -29.68 -10.54 -3.83
N LEU G 114 -30.14 -10.58 -5.08
CA LEU G 114 -31.06 -11.63 -5.54
C LEU G 114 -30.39 -12.83 -6.21
N LEU G 115 -29.07 -12.78 -6.32
CA LEU G 115 -28.30 -13.92 -6.82
C LEU G 115 -27.70 -14.71 -5.65
N HIS G 116 -28.32 -15.84 -5.37
CA HIS G 116 -27.91 -16.73 -4.30
C HIS G 116 -27.12 -17.95 -4.82
N ALA G 117 -26.78 -18.87 -3.92
CA ALA G 117 -25.94 -20.01 -4.27
C ALA G 117 -26.64 -21.08 -5.12
N GLU G 118 -27.95 -20.94 -5.34
CA GLU G 118 -28.73 -21.90 -6.14
C GLU G 118 -28.43 -21.78 -7.63
N SER G 119 -28.12 -20.55 -8.05
CA SER G 119 -27.90 -20.23 -9.46
C SER G 119 -27.03 -19.00 -9.58
N ALA G 120 -26.01 -19.10 -10.42
CA ALA G 120 -25.12 -18.00 -10.71
C ALA G 120 -25.81 -17.00 -11.64
N THR G 121 -26.79 -17.49 -12.40
CA THR G 121 -27.33 -16.77 -13.55
C THR G 121 -28.75 -16.21 -13.40
N HIS G 122 -29.58 -16.89 -12.60
CA HIS G 122 -30.96 -16.49 -12.42
C HIS G 122 -31.24 -16.12 -10.95
N THR G 123 -32.13 -15.16 -10.79
CA THR G 123 -32.50 -14.54 -9.54
C THR G 123 -33.33 -15.53 -8.71
N VAL G 124 -33.26 -15.45 -7.38
CA VAL G 124 -34.18 -16.23 -6.53
C VAL G 124 -35.58 -15.64 -6.62
N ARG G 125 -36.51 -16.15 -5.80
CA ARG G 125 -37.85 -15.59 -5.77
C ARG G 125 -37.92 -14.61 -4.61
N GLY G 126 -37.41 -13.40 -4.84
CA GLY G 126 -37.33 -12.38 -3.81
C GLY G 126 -38.60 -11.53 -3.77
N VAL G 127 -38.90 -10.96 -2.60
CA VAL G 127 -40.06 -10.09 -2.44
C VAL G 127 -39.59 -8.92 -1.58
N PHE G 128 -39.77 -7.70 -2.09
CA PHE G 128 -39.50 -6.45 -1.32
C PHE G 128 -40.79 -5.68 -1.16
N ILE G 129 -41.18 -5.45 0.09
CA ILE G 129 -42.35 -4.62 0.35
C ILE G 129 -41.87 -3.21 0.68
N VAL G 130 -42.30 -2.22 -0.10
CA VAL G 130 -41.75 -0.87 -0.02
C VAL G 130 -42.89 0.10 0.24
N ASP G 131 -42.72 0.97 1.22
CA ASP G 131 -43.81 1.88 1.55
C ASP G 131 -43.80 3.16 0.72
N ALA G 132 -44.75 4.05 1.01
CA ALA G 132 -44.96 5.28 0.21
C ALA G 132 -43.87 6.32 0.47
N ARG G 133 -43.01 6.11 1.47
CA ARG G 133 -41.82 6.91 1.70
C ARG G 133 -40.60 6.27 1.04
N GLY G 134 -40.82 5.13 0.37
CA GLY G 134 -39.74 4.44 -0.33
C GLY G 134 -38.90 3.53 0.56
N VAL G 135 -39.38 3.22 1.78
CA VAL G 135 -38.61 2.42 2.74
C VAL G 135 -38.97 0.93 2.64
N ILE G 136 -37.94 0.07 2.62
CA ILE G 136 -38.11 -1.39 2.62
C ILE G 136 -38.68 -1.78 3.98
N ARG G 137 -39.80 -2.51 3.95
CA ARG G 137 -40.51 -2.88 5.16
C ARG G 137 -40.49 -4.37 5.52
N THR G 138 -40.25 -5.23 4.52
CA THR G 138 -40.23 -6.70 4.71
C THR G 138 -39.53 -7.26 3.46
N MET G 139 -38.79 -8.37 3.62
CA MET G 139 -38.16 -9.02 2.50
C MET G 139 -38.33 -10.52 2.66
N LEU G 140 -38.69 -11.19 1.59
CA LEU G 140 -38.86 -12.64 1.61
C LEU G 140 -37.97 -13.22 0.50
N TYR G 141 -37.29 -14.32 0.79
CA TYR G 141 -36.48 -15.01 -0.26
C TYR G 141 -36.88 -16.49 -0.34
N TYR G 142 -37.68 -16.79 -1.36
CA TYR G 142 -38.10 -18.16 -1.67
C TYR G 142 -37.15 -18.65 -2.74
N PRO G 143 -37.02 -19.97 -2.81
CA PRO G 143 -36.09 -20.60 -3.76
C PRO G 143 -36.76 -20.94 -5.08
N MET G 144 -35.96 -21.36 -6.06
CA MET G 144 -36.55 -21.62 -7.37
CA MET G 144 -36.45 -21.73 -7.40
C MET G 144 -37.60 -22.74 -7.38
N GLU G 145 -37.47 -23.73 -6.48
CA GLU G 145 -38.34 -24.91 -6.52
C GLU G 145 -39.68 -24.74 -5.78
N LEU G 146 -39.89 -23.56 -5.20
CA LEU G 146 -41.03 -23.37 -4.31
C LEU G 146 -41.76 -22.06 -4.59
N GLY G 147 -42.98 -22.14 -5.08
CA GLY G 147 -43.78 -20.93 -5.37
C GLY G 147 -44.20 -20.24 -4.07
N ARG G 148 -44.40 -18.94 -4.16
CA ARG G 148 -44.83 -18.13 -3.04
C ARG G 148 -46.31 -18.33 -2.70
N LEU G 149 -46.70 -17.94 -1.49
CA LEU G 149 -48.12 -17.88 -1.11
C LEU G 149 -48.51 -16.42 -1.20
N VAL G 150 -49.19 -16.04 -2.27
CA VAL G 150 -49.37 -14.62 -2.57
C VAL G 150 -50.30 -13.96 -1.56
N ASP G 151 -51.25 -14.73 -1.03
CA ASP G 151 -52.16 -14.19 0.01
C ASP G 151 -51.41 -13.76 1.25
N GLU G 152 -50.26 -14.36 1.56
CA GLU G 152 -49.44 -13.86 2.69
C GLU G 152 -48.82 -12.49 2.38
N ILE G 153 -48.51 -12.25 1.11
CA ILE G 153 -47.93 -10.96 0.72
C ILE G 153 -48.99 -9.88 0.87
N LEU G 154 -50.24 -10.21 0.52
CA LEU G 154 -51.36 -9.32 0.74
C LEU G 154 -51.55 -9.10 2.23
N ARG G 155 -51.45 -10.15 3.04
CA ARG G 155 -51.69 -9.97 4.51
C ARG G 155 -50.57 -9.07 5.07
N ILE G 156 -49.34 -9.28 4.61
CA ILE G 156 -48.22 -8.44 5.06
C ILE G 156 -48.48 -6.96 4.75
N VAL G 157 -48.79 -6.61 3.50
CA VAL G 157 -48.95 -5.19 3.16
C VAL G 157 -50.17 -4.55 3.86
N LYS G 158 -51.28 -5.29 3.95
CA LYS G 158 -52.48 -4.86 4.69
C LYS G 158 -52.12 -4.55 6.15
N ALA G 159 -51.46 -5.49 6.79
CA ALA G 159 -51.14 -5.38 8.22
C ALA G 159 -50.14 -4.26 8.51
N LEU G 160 -49.10 -4.14 7.66
CA LEU G 160 -48.14 -3.02 7.77
C LEU G 160 -48.83 -1.67 7.66
N LYS G 161 -49.70 -1.53 6.66
CA LYS G 161 -50.41 -0.27 6.47
C LYS G 161 -51.32 0.03 7.65
N LEU G 162 -52.00 -1.01 8.12
CA LEU G 162 -52.90 -0.90 9.26
C LEU G 162 -52.12 -0.49 10.50
N GLY G 163 -50.99 -1.15 10.75
CA GLY G 163 -50.17 -0.78 11.92
C GLY G 163 -49.66 0.65 11.84
N ASP G 164 -49.27 1.08 10.63
CA ASP G 164 -48.81 2.46 10.43
C ASP G 164 -49.93 3.48 10.75
N SER G 165 -51.11 3.22 10.20
CA SER G 165 -52.29 4.10 10.36
CA SER G 165 -52.23 4.15 10.37
C SER G 165 -52.75 4.23 11.82
N LEU G 166 -52.72 3.12 12.53
CA LEU G 166 -53.27 3.04 13.90
C LEU G 166 -52.18 3.13 14.98
N LYS G 167 -50.93 3.19 14.54
CA LYS G 167 -49.76 3.22 15.43
C LYS G 167 -49.79 2.02 16.37
N ARG G 168 -49.83 0.83 15.77
CA ARG G 168 -49.93 -0.43 16.51
C ARG G 168 -49.00 -1.44 15.87
N ALA G 169 -48.54 -2.39 16.68
CA ALA G 169 -47.84 -3.57 16.21
C ALA G 169 -48.85 -4.70 15.97
N VAL G 170 -48.49 -5.65 15.13
CA VAL G 170 -49.47 -6.70 14.70
C VAL G 170 -49.03 -8.07 15.23
N PRO G 171 -49.90 -8.78 15.98
CA PRO G 171 -49.49 -10.03 16.61
C PRO G 171 -49.31 -11.15 15.59
N ALA G 172 -48.63 -12.22 15.99
CA ALA G 172 -48.50 -13.42 15.13
C ALA G 172 -49.85 -13.88 14.58
N ASP G 173 -49.90 -14.27 13.29
CA ASP G 173 -51.14 -14.86 12.71
C ASP G 173 -52.37 -13.93 12.67
N TRP G 174 -52.15 -12.63 12.83
CA TRP G 174 -53.26 -11.67 12.80
C TRP G 174 -54.01 -11.80 11.45
N PRO G 175 -55.37 -11.70 11.46
CA PRO G 175 -56.27 -11.39 12.58
C PRO G 175 -56.78 -12.59 13.35
N ASN G 176 -56.05 -13.70 13.32
CA ASN G 176 -56.43 -14.92 13.99
C ASN G 176 -55.40 -15.30 15.06
N ASN G 177 -54.90 -14.29 15.78
CA ASN G 177 -53.91 -14.54 16.81
C ASN G 177 -54.53 -15.35 17.95
N GLU G 178 -53.79 -16.32 18.46
CA GLU G 178 -54.29 -17.20 19.51
C GLU G 178 -54.49 -16.54 20.88
N ILE G 179 -53.77 -15.45 21.13
CA ILE G 179 -53.83 -14.79 22.44
C ILE G 179 -54.87 -13.69 22.43
N ILE G 180 -54.83 -12.84 21.40
CA ILE G 180 -55.65 -11.62 21.33
C ILE G 180 -56.53 -11.52 20.08
N GLY G 181 -56.61 -12.58 19.28
CA GLY G 181 -57.51 -12.62 18.10
C GLY G 181 -57.16 -11.54 17.08
N GLU G 182 -58.09 -10.61 16.89
CA GLU G 182 -57.90 -9.52 15.95
C GLU G 182 -57.40 -8.24 16.66
N GLY G 183 -57.07 -8.36 17.95
CA GLY G 183 -56.48 -7.24 18.66
C GLY G 183 -55.14 -6.75 18.08
N LEU G 184 -54.84 -5.50 18.34
CA LEU G 184 -53.55 -4.93 17.89
C LEU G 184 -52.77 -4.41 19.10
N ILE G 185 -51.45 -4.49 18.99
CA ILE G 185 -50.56 -4.31 20.16
C ILE G 185 -50.03 -2.89 20.27
N VAL G 186 -50.10 -2.31 21.48
CA VAL G 186 -49.52 -1.01 21.71
C VAL G 186 -47.98 -1.20 21.78
N PRO G 187 -47.18 -0.45 21.00
CA PRO G 187 -45.71 -0.67 21.11
C PRO G 187 -45.27 -0.48 22.58
N PRO G 188 -44.44 -1.42 23.10
CA PRO G 188 -44.22 -1.42 24.56
C PRO G 188 -43.50 -0.16 25.05
N PRO G 189 -43.70 0.19 26.33
CA PRO G 189 -42.97 1.35 26.87
C PRO G 189 -41.47 1.06 26.89
N THR G 190 -40.66 2.09 26.76
CA THR G 190 -39.19 1.93 26.77
C THR G 190 -38.54 2.64 27.94
N THR G 191 -39.34 3.21 28.83
CA THR G 191 -38.80 3.79 30.05
C THR G 191 -39.64 3.36 31.24
N GLU G 192 -39.03 3.37 32.44
CA GLU G 192 -39.70 3.03 33.69
C GLU G 192 -40.91 3.90 33.91
N ASP G 193 -40.74 5.22 33.81
CA ASP G 193 -41.83 6.17 34.01
C ASP G 193 -42.97 5.94 33.00
N GLN G 194 -42.63 5.69 31.73
CA GLN G 194 -43.67 5.41 30.73
C GLN G 194 -44.40 4.11 31.05
N ALA G 195 -43.66 3.10 31.51
CA ALA G 195 -44.24 1.82 31.90
C ALA G 195 -45.25 2.02 33.05
N ARG G 196 -44.88 2.81 34.05
CA ARG G 196 -45.77 2.97 35.19
C ARG G 196 -46.99 3.84 34.86
N ALA G 197 -46.80 4.86 34.03
CA ALA G 197 -47.88 5.75 33.57
C ALA G 197 -48.91 5.00 32.74
N ARG G 198 -48.43 4.11 31.86
CA ARG G 198 -49.36 3.29 31.08
C ARG G 198 -50.21 2.42 31.98
N MET G 199 -49.59 1.82 32.99
CA MET G 199 -50.30 0.92 33.90
C MET G 199 -51.30 1.64 34.78
N GLU G 200 -50.96 2.86 35.19
CA GLU G 200 -51.85 3.64 36.05
C GLU G 200 -53.08 4.16 35.32
N SER G 201 -52.93 4.44 34.03
CA SER G 201 -54.03 4.95 33.21
C SER G 201 -55.20 3.96 33.06
N GLY G 202 -54.91 2.66 33.13
CA GLY G 202 -55.90 1.61 32.90
C GLY G 202 -56.57 1.72 31.53
N GLN G 203 -55.87 2.41 30.61
CA GLN G 203 -56.32 2.68 29.24
C GLN G 203 -56.52 1.45 28.34
N TYR G 204 -55.74 0.38 28.55
CA TYR G 204 -55.73 -0.76 27.62
C TYR G 204 -55.96 -2.08 28.34
N ARG G 205 -56.44 -3.07 27.59
CA ARG G 205 -56.35 -4.48 28.00
C ARG G 205 -54.85 -4.80 28.11
N SER G 206 -54.49 -5.68 29.02
CA SER G 206 -53.07 -5.81 29.40
C SER G 206 -52.77 -7.13 30.05
N LEU G 207 -51.66 -7.77 29.66
CA LEU G 207 -51.17 -8.93 30.38
C LEU G 207 -49.99 -8.57 31.30
N ASP G 208 -49.34 -7.46 30.97
CA ASP G 208 -48.22 -6.86 31.75
C ASP G 208 -47.94 -5.48 31.16
N TRP G 209 -47.14 -4.65 31.82
CA TRP G 209 -46.89 -3.28 31.34
C TRP G 209 -46.36 -3.29 29.91
N TRP G 210 -45.70 -4.38 29.53
CA TRP G 210 -45.09 -4.44 28.19
C TRP G 210 -46.00 -5.12 27.17
N PHE G 211 -47.17 -5.57 27.63
CA PHE G 211 -48.12 -6.28 26.77
C PHE G 211 -49.53 -5.68 26.94
N CYS G 212 -49.74 -4.57 26.26
CA CYS G 212 -51.05 -3.91 26.24
C CYS G 212 -51.58 -3.94 24.82
N TRP G 213 -52.90 -4.09 24.67
CA TRP G 213 -53.49 -4.14 23.34
CA TRP G 213 -53.49 -4.16 23.37
C TRP G 213 -54.90 -3.60 23.35
N ASP G 214 -55.42 -3.36 22.17
CA ASP G 214 -56.81 -2.94 22.03
C ASP G 214 -57.36 -3.42 20.69
N THR G 215 -58.55 -2.94 20.31
CA THR G 215 -59.18 -3.44 19.07
C THR G 215 -59.58 -2.27 18.18
N PRO G 216 -58.60 -1.54 17.64
CA PRO G 216 -58.90 -0.34 16.91
C PRO G 216 -59.17 -0.57 15.42
N ALA G 217 -58.91 -1.77 14.90
CA ALA G 217 -59.08 -2.03 13.47
C ALA G 217 -60.58 -2.14 13.20
N SER G 218 -61.00 -1.62 12.06
CA SER G 218 -62.42 -1.76 11.68
C SER G 218 -62.75 -3.20 11.34
N ARG G 219 -64.04 -3.56 11.46
CA ARG G 219 -64.45 -4.89 11.03
CA ARG G 219 -64.50 -4.86 11.00
C ARG G 219 -64.05 -5.08 9.56
N ASP G 220 -64.05 -4.03 8.76
CA ASP G 220 -63.68 -4.19 7.33
C ASP G 220 -62.20 -4.56 7.18
N ASP G 221 -61.35 -3.91 7.96
CA ASP G 221 -59.90 -4.25 7.96
C ASP G 221 -59.67 -5.70 8.36
N VAL G 222 -60.30 -6.10 9.45
CA VAL G 222 -60.16 -7.45 9.97
C VAL G 222 -60.67 -8.47 8.98
N GLU G 223 -61.88 -8.26 8.44
CA GLU G 223 -62.45 -9.29 7.59
C GLU G 223 -61.76 -9.39 6.22
N GLU G 224 -61.24 -8.27 5.71
CA GLU G 224 -60.47 -8.29 4.46
C GLU G 224 -59.19 -9.11 4.63
N ALA G 225 -58.48 -8.91 5.75
CA ALA G 225 -57.25 -9.66 5.98
C ALA G 225 -57.56 -11.15 6.14
N ARG G 226 -58.65 -11.46 6.85
CA ARG G 226 -59.02 -12.84 7.06
C ARG G 226 -59.42 -13.50 5.72
N ARG G 227 -60.01 -12.72 4.81
CA ARG G 227 -60.41 -13.23 3.50
C ARG G 227 -59.21 -13.67 2.68
N TYR G 228 -58.08 -12.97 2.80
CA TYR G 228 -56.87 -13.42 2.06
C TYR G 228 -56.53 -14.81 2.53
N LEU G 229 -56.56 -15.05 3.84
CA LEU G 229 -56.22 -16.38 4.34
C LEU G 229 -57.26 -17.43 3.94
N ARG G 230 -58.54 -17.05 3.98
CA ARG G 230 -59.60 -17.98 3.62
C ARG G 230 -59.41 -18.42 2.17
N ARG G 231 -59.08 -17.46 1.31
CA ARG G 231 -58.82 -17.75 -0.10
C ARG G 231 -57.62 -18.66 -0.25
N ALA G 232 -56.55 -18.38 0.50
CA ALA G 232 -55.37 -19.27 0.47
C ALA G 232 -55.69 -20.71 0.85
N ALA G 233 -56.62 -20.89 1.79
CA ALA G 233 -56.96 -22.21 2.31
C ALA G 233 -58.05 -22.93 1.49
N GLU G 234 -58.73 -22.22 0.60
CA GLU G 234 -59.82 -22.79 -0.21
C GLU G 234 -59.32 -23.61 -1.39
N LYS G 235 -59.80 -24.86 -1.50
CA LYS G 235 -59.61 -25.66 -2.72
C LYS G 235 -60.30 -24.96 -3.89
N PRO G 236 -59.58 -24.74 -5.01
CA PRO G 236 -60.16 -23.97 -6.13
C PRO G 236 -61.42 -24.65 -6.70
N ALA G 237 -62.44 -23.84 -6.99
CA ALA G 237 -63.71 -24.37 -7.50
C ALA G 237 -63.54 -24.95 -8.91
N LYS G 238 -62.62 -24.36 -9.68
CA LYS G 238 -62.31 -24.83 -11.02
C LYS G 238 -60.86 -24.48 -11.34
N LEU G 239 -60.16 -25.43 -11.96
CA LEU G 239 -58.75 -25.24 -12.29
C LEU G 239 -58.60 -24.60 -13.66
N LEU G 240 -57.69 -23.64 -13.80
CA LEU G 240 -57.52 -22.90 -15.06
C LEU G 240 -56.97 -23.74 -16.22
N TYR G 241 -56.32 -24.86 -15.91
CA TYR G 241 -55.82 -25.71 -17.01
C TYR G 241 -56.98 -26.43 -17.70
N GLU G 242 -58.02 -26.76 -16.93
CA GLU G 242 -59.22 -27.40 -17.45
C GLU G 242 -59.87 -26.47 -18.47
N GLU G 243 -60.03 -25.21 -18.07
CA GLU G 243 -60.87 -24.25 -18.80
C GLU G 243 -60.34 -23.91 -20.19
N PRO H 1 -26.78 -1.35 3.05
CA PRO H 1 -26.99 -2.78 2.87
C PRO H 1 -26.24 -3.61 3.92
N GLY H 2 -26.39 -4.93 3.85
CA GLY H 2 -25.70 -5.82 4.77
C GLY H 2 -25.57 -7.23 4.22
N SER H 3 -24.64 -7.99 4.79
CA SER H 3 -24.33 -9.32 4.29
C SER H 3 -25.23 -10.38 4.95
N ILE H 4 -25.73 -11.31 4.15
CA ILE H 4 -26.50 -12.42 4.66
C ILE H 4 -26.00 -13.74 4.10
N PRO H 5 -26.24 -14.85 4.85
CA PRO H 5 -26.13 -16.16 4.22
C PRO H 5 -27.14 -16.22 3.07
N LEU H 6 -26.88 -17.10 2.10
CA LEU H 6 -27.68 -17.21 0.89
C LEU H 6 -28.34 -18.59 0.74
N ILE H 7 -29.48 -18.61 0.04
CA ILE H 7 -30.14 -19.88 -0.29
C ILE H 7 -29.18 -20.77 -1.08
N GLY H 8 -29.11 -22.04 -0.71
CA GLY H 8 -28.23 -23.00 -1.36
C GLY H 8 -26.88 -23.17 -0.69
N GLU H 9 -26.54 -22.25 0.22
CA GLU H 9 -25.32 -22.33 1.03
C GLU H 9 -25.54 -23.16 2.28
N ARG H 10 -24.50 -23.88 2.72
CA ARG H 10 -24.56 -24.56 4.01
C ARG H 10 -24.69 -23.51 5.12
N PHE H 11 -25.56 -23.77 6.10
CA PHE H 11 -25.73 -22.86 7.23
C PHE H 11 -24.37 -22.65 7.91
N PRO H 12 -24.02 -21.38 8.21
CA PRO H 12 -22.74 -21.01 8.82
C PRO H 12 -22.43 -21.85 10.05
N GLU H 13 -21.30 -22.55 10.02
CA GLU H 13 -20.79 -23.33 11.15
C GLU H 13 -20.58 -22.46 12.39
N MET H 14 -21.19 -22.84 13.52
CA MET H 14 -21.06 -22.02 14.74
C MET H 14 -21.47 -22.77 15.99
N GLU H 15 -20.77 -22.53 17.10
CA GLU H 15 -21.25 -22.94 18.42
C GLU H 15 -22.11 -21.82 18.97
N VAL H 16 -23.26 -22.20 19.53
CA VAL H 16 -24.19 -21.21 20.10
C VAL H 16 -24.61 -21.66 21.50
N THR H 17 -24.84 -20.65 22.34
CA THR H 17 -25.30 -20.88 23.67
C THR H 17 -26.81 -20.67 23.69
N THR H 18 -27.54 -21.72 24.05
CA THR H 18 -29.02 -21.65 24.18
C THR H 18 -29.42 -21.81 25.63
N ASP H 19 -30.70 -21.57 25.91
CA ASP H 19 -31.22 -21.81 27.26
C ASP H 19 -31.43 -23.31 27.55
N HIS H 20 -31.03 -24.16 26.60
CA HIS H 20 -30.98 -25.61 26.80
C HIS H 20 -29.55 -26.10 26.92
N GLY H 21 -28.59 -25.23 26.67
CA GLY H 21 -27.19 -25.62 26.62
C GLY H 21 -26.52 -25.20 25.34
N VAL H 22 -25.28 -25.64 25.19
CA VAL H 22 -24.47 -25.22 24.07
C VAL H 22 -24.64 -26.23 22.96
N ILE H 23 -24.88 -25.76 21.75
CA ILE H 23 -24.95 -26.68 20.61
C ILE H 23 -24.18 -26.16 19.40
N LYS H 24 -23.75 -27.08 18.52
CA LYS H 24 -23.09 -26.68 17.30
C LYS H 24 -24.12 -26.73 16.16
N LEU H 25 -24.17 -25.65 15.39
CA LEU H 25 -25.05 -25.55 14.23
C LEU H 25 -24.21 -25.62 12.94
N PRO H 26 -24.75 -26.26 11.87
CA PRO H 26 -26.04 -26.96 11.82
C PRO H 26 -25.94 -28.41 12.29
N ASP H 27 -24.73 -28.82 12.69
CA ASP H 27 -24.41 -30.21 13.02
C ASP H 27 -25.38 -30.91 13.96
N HIS H 28 -25.77 -30.20 15.02
CA HIS H 28 -26.64 -30.76 16.06
C HIS H 28 -27.87 -31.43 15.45
N TYR H 29 -28.38 -30.80 14.38
CA TYR H 29 -29.59 -31.24 13.68
C TYR H 29 -29.30 -32.17 12.52
N VAL H 30 -28.28 -31.85 11.73
CA VAL H 30 -27.84 -32.71 10.62
C VAL H 30 -27.58 -34.12 11.14
N SER H 31 -26.85 -34.22 12.24
CA SER H 31 -26.49 -35.53 12.83
C SER H 31 -27.70 -36.36 13.24
N GLN H 32 -28.87 -35.74 13.38
CA GLN H 32 -30.10 -36.44 13.69
C GLN H 32 -30.98 -36.67 12.44
N GLY H 33 -30.53 -36.21 11.28
CA GLY H 33 -31.35 -36.24 10.06
C GLY H 33 -32.58 -35.35 10.10
N LYS H 34 -32.50 -34.28 10.87
CA LYS H 34 -33.64 -33.36 11.06
C LYS H 34 -33.39 -32.05 10.32
N TRP H 35 -34.48 -31.48 9.78
CA TRP H 35 -34.44 -30.09 9.34
C TRP H 35 -34.55 -29.21 10.57
N PHE H 36 -34.18 -27.93 10.47
CA PHE H 36 -34.53 -27.02 11.55
C PHE H 36 -34.98 -25.68 11.01
N VAL H 37 -35.80 -24.98 11.80
CA VAL H 37 -36.14 -23.60 11.48
C VAL H 37 -35.52 -22.81 12.59
N LEU H 38 -34.55 -21.98 12.21
CA LEU H 38 -33.97 -21.03 13.15
C LEU H 38 -34.65 -19.71 12.90
N PHE H 39 -35.24 -19.15 13.94
CA PHE H 39 -35.91 -17.86 13.77
C PHE H 39 -35.43 -16.90 14.83
N SER H 40 -35.48 -15.60 14.53
CA SER H 40 -34.99 -14.64 15.51
C SER H 40 -36.13 -13.74 15.90
N HIS H 41 -35.98 -13.09 17.06
CA HIS H 41 -36.94 -12.08 17.47
C HIS H 41 -36.17 -10.94 18.13
N PRO H 42 -36.71 -9.70 18.03
CA PRO H 42 -35.95 -8.63 18.65
C PRO H 42 -35.68 -8.70 20.16
N ALA H 43 -36.69 -9.01 20.97
CA ALA H 43 -36.52 -8.92 22.44
C ALA H 43 -37.48 -9.75 23.25
N ASP H 44 -36.93 -10.48 24.22
CA ASP H 44 -37.73 -11.10 25.25
C ASP H 44 -38.51 -9.99 25.97
N PHE H 45 -39.66 -10.36 26.55
CA PHE H 45 -40.52 -9.40 27.27
C PHE H 45 -41.02 -8.27 26.37
N THR H 46 -41.23 -8.63 25.10
CA THR H 46 -41.96 -7.73 24.18
C THR H 46 -43.14 -8.50 23.53
N PRO H 47 -44.21 -7.77 23.17
CA PRO H 47 -45.48 -8.43 22.93
C PRO H 47 -45.59 -9.23 21.60
N VAL H 48 -45.08 -8.70 20.48
CA VAL H 48 -45.24 -9.44 19.21
C VAL H 48 -44.44 -10.74 19.35
N CYS H 49 -43.21 -10.61 19.85
CA CYS H 49 -42.37 -11.78 20.11
C CYS H 49 -43.08 -12.86 20.95
N THR H 50 -43.76 -12.41 22.02
CA THR H 50 -44.47 -13.33 22.87
C THR H 50 -45.57 -14.07 22.08
N THR H 51 -46.30 -13.33 21.25
CA THR H 51 -47.35 -13.96 20.42
C THR H 51 -46.73 -14.99 19.48
N GLU H 52 -45.55 -14.69 18.94
CA GLU H 52 -44.92 -15.64 18.01
C GLU H 52 -44.46 -16.91 18.70
N PHE H 53 -43.91 -16.78 19.90
CA PHE H 53 -43.47 -17.95 20.62
C PHE H 53 -44.64 -18.89 20.94
N VAL H 54 -45.75 -18.29 21.33
CA VAL H 54 -46.98 -19.05 21.62
C VAL H 54 -47.50 -19.72 20.34
N SER H 55 -47.44 -19.00 19.23
CA SER H 55 -47.80 -19.60 17.93
C SER H 55 -46.91 -20.82 17.55
N PHE H 56 -45.59 -20.68 17.64
CA PHE H 56 -44.70 -21.82 17.38
C PHE H 56 -44.96 -22.97 18.38
N ALA H 57 -45.17 -22.63 19.67
CA ALA H 57 -45.45 -23.65 20.68
C ALA H 57 -46.68 -24.47 20.31
N ARG H 58 -47.74 -23.78 19.90
CA ARG H 58 -48.98 -24.45 19.48
C ARG H 58 -48.74 -25.38 18.28
N ARG H 59 -47.77 -25.04 17.45
CA ARG H 59 -47.48 -25.79 16.23
C ARG H 59 -46.35 -26.80 16.37
N TYR H 60 -45.81 -26.93 17.57
CA TYR H 60 -44.57 -27.65 17.78
C TYR H 60 -44.73 -29.12 17.39
N GLU H 61 -45.84 -29.71 17.76
CA GLU H 61 -46.08 -31.09 17.34
C GLU H 61 -46.16 -31.26 15.81
N ASP H 62 -46.68 -30.25 15.11
CA ASP H 62 -46.77 -30.33 13.63
C ASP H 62 -45.36 -30.30 13.06
N PHE H 63 -44.51 -29.42 13.59
CA PHE H 63 -43.13 -29.43 13.17
C PHE H 63 -42.45 -30.77 13.48
N GLN H 64 -42.71 -31.28 14.69
CA GLN H 64 -42.06 -32.52 15.13
C GLN H 64 -42.44 -33.69 14.20
N ARG H 65 -43.71 -33.73 13.82
CA ARG H 65 -44.24 -34.79 12.93
C ARG H 65 -43.56 -34.76 11.55
N LEU H 66 -43.13 -33.57 11.12
CA LEU H 66 -42.37 -33.42 9.87
C LEU H 66 -40.87 -33.70 10.01
N GLY H 67 -40.41 -33.95 11.23
CA GLY H 67 -38.97 -34.13 11.45
C GLY H 67 -38.21 -32.80 11.35
N VAL H 68 -38.84 -31.75 11.87
CA VAL H 68 -38.27 -30.39 11.88
C VAL H 68 -38.19 -29.87 13.31
N ASP H 69 -37.00 -29.46 13.72
CA ASP H 69 -36.82 -28.82 15.03
C ASP H 69 -36.91 -27.32 14.91
N LEU H 70 -37.15 -26.66 16.05
CA LEU H 70 -37.22 -25.20 16.11
C LEU H 70 -36.15 -24.68 17.05
N ILE H 71 -35.59 -23.52 16.72
CA ILE H 71 -34.59 -22.89 17.58
C ILE H 71 -34.73 -21.39 17.40
N GLY H 72 -34.90 -20.68 18.52
CA GLY H 72 -35.08 -19.25 18.46
C GLY H 72 -33.76 -18.52 18.66
N LEU H 73 -33.79 -17.19 18.61
CA LEU H 73 -32.57 -16.40 18.75
C LEU H 73 -32.95 -14.96 19.06
N SER H 74 -32.30 -14.37 20.07
CA SER H 74 -32.33 -12.93 20.25
C SER H 74 -31.06 -12.51 20.98
N VAL H 75 -30.89 -11.20 21.11
CA VAL H 75 -29.68 -10.68 21.75
C VAL H 75 -29.77 -10.70 23.27
N ASP H 76 -30.87 -11.23 23.82
CA ASP H 76 -31.01 -11.32 25.28
C ASP H 76 -30.20 -12.47 25.88
N SER H 77 -30.03 -12.45 27.19
CA SER H 77 -29.25 -13.50 27.89
C SER H 77 -30.03 -14.79 28.10
N VAL H 78 -29.33 -15.86 28.50
CA VAL H 78 -30.05 -17.07 28.87
C VAL H 78 -30.96 -16.84 30.09
N PHE H 79 -30.57 -15.92 30.99
CA PHE H 79 -31.34 -15.64 32.21
C PHE H 79 -32.67 -14.97 31.84
N SER H 80 -32.60 -13.99 30.95
CA SER H 80 -33.80 -13.42 30.32
C SER H 80 -34.66 -14.49 29.65
N HIS H 81 -34.05 -15.34 28.82
CA HIS H 81 -34.85 -16.39 28.17
C HIS H 81 -35.61 -17.27 29.16
N ILE H 82 -34.93 -17.67 30.24
CA ILE H 82 -35.56 -18.55 31.19
C ILE H 82 -36.68 -17.79 31.95
N LYS H 83 -36.43 -16.54 32.31
CA LYS H 83 -37.46 -15.72 32.99
C LYS H 83 -38.69 -15.49 32.09
N TRP H 84 -38.42 -15.31 30.80
CA TRP H 84 -39.50 -15.02 29.85
C TRP H 84 -40.34 -16.24 29.67
N LYS H 85 -39.70 -17.40 29.49
CA LYS H 85 -40.41 -18.66 29.43
C LYS H 85 -41.26 -18.94 30.65
N GLU H 86 -40.70 -18.66 31.83
CA GLU H 86 -41.46 -18.72 33.07
C GLU H 86 -42.72 -17.84 32.98
N TRP H 87 -42.56 -16.62 32.49
CA TRP H 87 -43.66 -15.65 32.41
C TRP H 87 -44.77 -16.17 31.49
N ILE H 88 -44.37 -16.66 30.33
CA ILE H 88 -45.33 -17.17 29.38
C ILE H 88 -46.10 -18.35 29.96
N GLU H 89 -45.40 -19.28 30.62
CA GLU H 89 -46.08 -20.43 31.21
C GLU H 89 -47.04 -20.00 32.32
N ARG H 90 -46.60 -19.09 33.18
CA ARG H 90 -47.42 -18.60 34.30
C ARG H 90 -48.64 -17.80 33.85
N HIS H 91 -48.45 -16.90 32.87
CA HIS H 91 -49.49 -15.93 32.50
C HIS H 91 -50.36 -16.32 31.30
N ILE H 92 -49.79 -17.03 30.35
CA ILE H 92 -50.52 -17.49 29.16
C ILE H 92 -50.89 -18.96 29.30
N GLY H 93 -50.17 -19.69 30.14
CA GLY H 93 -50.43 -21.10 30.35
C GLY H 93 -49.89 -21.98 29.23
N VAL H 94 -48.87 -21.47 28.53
CA VAL H 94 -48.23 -22.21 27.44
C VAL H 94 -46.75 -22.43 27.76
N ARG H 95 -46.31 -23.68 27.69
CA ARG H 95 -44.90 -24.01 27.93
C ARG H 95 -44.13 -24.00 26.60
N ILE H 96 -43.09 -23.19 26.49
CA ILE H 96 -42.31 -23.13 25.25
C ILE H 96 -41.26 -24.26 25.31
N PRO H 97 -41.38 -25.27 24.43
CA PRO H 97 -40.50 -26.44 24.60
C PRO H 97 -39.14 -26.42 23.89
N PHE H 98 -38.93 -25.43 23.02
CA PHE H 98 -37.76 -25.44 22.17
C PHE H 98 -36.71 -24.43 22.64
N PRO H 99 -35.43 -24.63 22.26
CA PRO H 99 -34.38 -23.74 22.77
C PRO H 99 -34.41 -22.36 22.13
N ILE H 100 -33.86 -21.37 22.83
CA ILE H 100 -33.66 -20.06 22.27
C ILE H 100 -32.17 -19.69 22.43
N ILE H 101 -31.49 -19.37 21.34
CA ILE H 101 -30.10 -18.91 21.39
C ILE H 101 -30.04 -17.56 22.13
N ALA H 102 -29.07 -17.44 23.03
CA ALA H 102 -28.77 -16.14 23.66
C ALA H 102 -27.53 -15.54 23.00
N ASP H 103 -27.69 -14.35 22.41
CA ASP H 103 -26.66 -13.73 21.59
C ASP H 103 -26.36 -12.30 22.06
N PRO H 104 -26.01 -12.14 23.36
CA PRO H 104 -25.65 -10.77 23.71
C PRO H 104 -24.32 -10.47 23.08
N GLN H 105 -24.12 -9.24 22.64
CA GLN H 105 -23.00 -8.87 21.75
C GLN H 105 -23.39 -8.97 20.28
N GLY H 106 -24.43 -9.74 20.00
CA GLY H 106 -24.90 -9.89 18.62
C GLY H 106 -23.95 -10.55 17.64
N THR H 107 -23.08 -11.44 18.13
CA THR H 107 -22.12 -12.15 17.27
C THR H 107 -22.85 -13.01 16.22
N VAL H 108 -23.82 -13.79 16.67
CA VAL H 108 -24.58 -14.66 15.78
C VAL H 108 -25.48 -13.81 14.85
N ALA H 109 -26.15 -12.82 15.42
CA ALA H 109 -26.98 -11.91 14.61
C ALA H 109 -26.22 -11.31 13.41
N ARG H 110 -24.98 -10.86 13.65
CA ARG H 110 -24.13 -10.30 12.60
C ARG H 110 -23.79 -11.31 11.54
N ARG H 111 -23.43 -12.52 11.98
CA ARG H 111 -23.11 -13.58 11.04
CA ARG H 111 -23.12 -13.61 11.07
C ARG H 111 -24.29 -13.95 10.16
N LEU H 112 -25.50 -13.81 10.68
CA LEU H 112 -26.70 -14.20 9.95
C LEU H 112 -27.42 -13.05 9.24
N GLY H 113 -26.87 -11.85 9.37
CA GLY H 113 -27.35 -10.66 8.70
C GLY H 113 -28.63 -10.15 9.32
N LEU H 114 -28.77 -10.35 10.63
CA LEU H 114 -30.07 -10.15 11.29
C LEU H 114 -30.22 -8.75 11.90
N LEU H 115 -29.18 -7.95 11.74
CA LEU H 115 -29.26 -6.57 12.16
C LEU H 115 -29.53 -5.66 10.95
N HIS H 116 -30.75 -5.12 10.90
CA HIS H 116 -31.15 -4.29 9.78
C HIS H 116 -31.23 -2.83 10.25
N ALA H 117 -31.77 -1.96 9.40
CA ALA H 117 -31.76 -0.51 9.64
C ALA H 117 -32.81 0.01 10.62
N GLU H 118 -33.83 -0.79 10.95
CA GLU H 118 -34.82 -0.26 11.89
C GLU H 118 -34.30 -0.15 13.33
N SER H 119 -33.36 -1.03 13.67
CA SER H 119 -32.75 -1.03 15.00
C SER H 119 -31.27 -1.39 14.94
N ALA H 120 -30.45 -0.58 15.61
CA ALA H 120 -29.02 -0.85 15.68
C ALA H 120 -28.74 -1.96 16.67
N THR H 121 -29.74 -2.27 17.48
CA THR H 121 -29.53 -2.96 18.72
C THR H 121 -30.21 -4.38 18.81
N HIS H 122 -31.37 -4.55 18.16
CA HIS H 122 -32.14 -5.80 18.25
C HIS H 122 -32.36 -6.37 16.85
N THR H 123 -32.43 -7.71 16.74
CA THR H 123 -32.54 -8.35 15.43
C THR H 123 -33.93 -8.11 14.85
N VAL H 124 -34.05 -8.25 13.53
CA VAL H 124 -35.37 -8.32 12.91
C VAL H 124 -35.94 -9.73 13.17
N ARG H 125 -37.09 -10.00 12.54
CA ARG H 125 -37.78 -11.27 12.72
C ARG H 125 -37.39 -12.13 11.55
N GLY H 126 -36.20 -12.74 11.62
CA GLY H 126 -35.65 -13.53 10.50
C GLY H 126 -36.09 -14.99 10.67
N VAL H 127 -36.16 -15.70 9.55
CA VAL H 127 -36.47 -17.12 9.55
C VAL H 127 -35.50 -17.79 8.55
N PHE H 128 -34.77 -18.80 9.00
CA PHE H 128 -33.93 -19.63 8.14
C PHE H 128 -34.49 -21.04 8.15
N ILE H 129 -34.86 -21.55 6.99
CA ILE H 129 -35.34 -22.94 6.91
C ILE H 129 -34.14 -23.75 6.41
N VAL H 130 -33.72 -24.72 7.21
CA VAL H 130 -32.45 -25.42 6.93
C VAL H 130 -32.72 -26.91 6.82
N ASP H 131 -32.27 -27.54 5.73
CA ASP H 131 -32.64 -28.93 5.54
C ASP H 131 -31.70 -29.88 6.30
N ALA H 132 -31.91 -31.18 6.12
CA ALA H 132 -31.16 -32.17 6.92
C ALA H 132 -29.72 -32.36 6.48
N ARG H 133 -29.34 -31.70 5.39
CA ARG H 133 -27.96 -31.63 4.90
C ARG H 133 -27.29 -30.33 5.36
N GLY H 134 -28.01 -29.54 6.16
CA GLY H 134 -27.45 -28.28 6.65
C GLY H 134 -27.56 -27.11 5.71
N VAL H 135 -28.32 -27.28 4.62
CA VAL H 135 -28.39 -26.28 3.57
C VAL H 135 -29.55 -25.32 3.78
N ILE H 136 -29.29 -24.02 3.66
CA ILE H 136 -30.36 -22.99 3.76
C ILE H 136 -31.29 -23.04 2.53
N ARG H 137 -32.59 -23.20 2.78
CA ARG H 137 -33.58 -23.42 1.71
C ARG H 137 -34.52 -22.27 1.40
N THR H 138 -34.73 -21.39 2.39
CA THR H 138 -35.65 -20.25 2.29
C THR H 138 -35.25 -19.30 3.42
N MET H 139 -35.43 -18.00 3.22
CA MET H 139 -35.17 -17.02 4.26
C MET H 139 -36.27 -15.99 4.23
N LEU H 140 -36.83 -15.67 5.40
CA LEU H 140 -37.83 -14.61 5.48
C LEU H 140 -37.36 -13.53 6.44
N TYR H 141 -37.66 -12.27 6.13
CA TYR H 141 -37.31 -11.16 7.03
C TYR H 141 -38.52 -10.27 7.29
N TYR H 142 -39.16 -10.53 8.41
CA TYR H 142 -40.25 -9.70 8.87
C TYR H 142 -39.70 -8.64 9.84
N PRO H 143 -40.44 -7.54 9.98
CA PRO H 143 -39.98 -6.41 10.77
C PRO H 143 -40.51 -6.42 12.20
N MET H 144 -40.05 -5.46 13.02
CA MET H 144 -40.39 -5.48 14.44
C MET H 144 -41.89 -5.38 14.65
N GLU H 145 -42.56 -4.65 13.77
CA GLU H 145 -43.96 -4.28 14.02
C GLU H 145 -44.96 -5.30 13.50
N LEU H 146 -44.46 -6.38 12.90
CA LEU H 146 -45.35 -7.35 12.24
C LEU H 146 -44.99 -8.79 12.53
N GLY H 147 -45.87 -9.46 13.25
CA GLY H 147 -45.70 -10.89 13.55
C GLY H 147 -45.81 -11.78 12.30
N ARG H 148 -45.10 -12.91 12.35
CA ARG H 148 -45.12 -13.89 11.28
C ARG H 148 -46.44 -14.69 11.22
N LEU H 149 -46.68 -15.31 10.06
CA LEU H 149 -47.76 -16.28 9.88
C LEU H 149 -47.09 -17.65 9.97
N VAL H 150 -47.18 -18.29 11.13
CA VAL H 150 -46.42 -19.50 11.36
C VAL H 150 -46.84 -20.68 10.50
N ASP H 151 -48.13 -20.72 10.12
CA ASP H 151 -48.60 -21.80 9.23
C ASP H 151 -47.95 -21.76 7.83
N GLU H 152 -47.53 -20.58 7.37
CA GLU H 152 -46.79 -20.53 6.08
C GLU H 152 -45.39 -21.16 6.25
N ILE H 153 -44.80 -21.04 7.44
CA ILE H 153 -43.51 -21.70 7.67
C ILE H 153 -43.68 -23.23 7.60
N LEU H 154 -44.80 -23.74 8.14
CA LEU H 154 -45.14 -25.16 8.02
C LEU H 154 -45.35 -25.54 6.56
N ARG H 155 -46.09 -24.70 5.84
CA ARG H 155 -46.37 -24.99 4.42
C ARG H 155 -45.06 -25.03 3.65
N ILE H 156 -44.18 -24.07 3.91
CA ILE H 156 -42.86 -24.06 3.23
C ILE H 156 -42.09 -25.38 3.45
N VAL H 157 -41.90 -25.77 4.71
CA VAL H 157 -41.14 -27.00 4.98
CA VAL H 157 -41.14 -26.98 4.98
C VAL H 157 -41.81 -28.24 4.40
N LYS H 158 -43.14 -28.33 4.54
CA LYS H 158 -43.88 -29.46 3.98
C LYS H 158 -43.68 -29.54 2.47
N ALA H 159 -43.83 -28.39 1.82
CA ALA H 159 -43.73 -28.33 0.35
C ALA H 159 -42.31 -28.63 -0.14
N LEU H 160 -41.30 -28.16 0.58
CA LEU H 160 -39.92 -28.42 0.17
C LEU H 160 -39.60 -29.90 0.32
N LYS H 161 -40.04 -30.50 1.42
CA LYS H 161 -39.83 -31.96 1.62
C LYS H 161 -40.49 -32.81 0.52
N LEU H 162 -41.71 -32.47 0.16
CA LEU H 162 -42.40 -33.14 -0.96
C LEU H 162 -41.67 -32.93 -2.27
N GLY H 163 -41.27 -31.69 -2.54
CA GLY H 163 -40.58 -31.43 -3.80
C GLY H 163 -39.29 -32.22 -3.86
N ASP H 164 -38.61 -32.32 -2.72
CA ASP H 164 -37.34 -33.07 -2.66
C ASP H 164 -37.57 -34.56 -2.90
N SER H 165 -38.58 -35.14 -2.23
CA SER H 165 -38.77 -36.61 -2.30
C SER H 165 -39.35 -37.03 -3.65
N LEU H 166 -40.22 -36.17 -4.20
CA LEU H 166 -40.92 -36.48 -5.45
C LEU H 166 -40.22 -35.90 -6.70
N LYS H 167 -39.15 -35.13 -6.51
CA LYS H 167 -38.38 -34.52 -7.59
C LYS H 167 -39.30 -33.60 -8.40
N ARG H 168 -40.00 -32.72 -7.68
CA ARG H 168 -40.94 -31.81 -8.31
C ARG H 168 -40.75 -30.40 -7.80
N ALA H 169 -41.13 -29.44 -8.63
CA ALA H 169 -41.22 -28.04 -8.22
C ALA H 169 -42.65 -27.80 -7.76
N VAL H 170 -42.85 -26.79 -6.91
CA VAL H 170 -44.13 -26.61 -6.28
C VAL H 170 -44.77 -25.30 -6.75
N PRO H 171 -46.03 -25.33 -7.27
CA PRO H 171 -46.63 -24.10 -7.83
C PRO H 171 -47.00 -23.04 -6.79
N ALA H 172 -47.21 -21.80 -7.26
CA ALA H 172 -47.73 -20.76 -6.38
C ALA H 172 -48.94 -21.30 -5.60
N ASP H 173 -49.03 -20.95 -4.31
CA ASP H 173 -50.24 -21.24 -3.49
C ASP H 173 -50.59 -22.74 -3.28
N TRP H 174 -49.61 -23.60 -3.55
CA TRP H 174 -49.82 -25.04 -3.37
C TRP H 174 -50.22 -25.29 -1.90
N PRO H 175 -51.17 -26.19 -1.62
CA PRO H 175 -51.84 -27.13 -2.53
C PRO H 175 -53.09 -26.62 -3.23
N ASN H 176 -53.29 -25.30 -3.24
CA ASN H 176 -54.47 -24.71 -3.83
C ASN H 176 -54.15 -23.82 -5.02
N ASN H 177 -53.27 -24.28 -5.89
CA ASN H 177 -52.91 -23.48 -7.03
C ASN H 177 -54.09 -23.35 -7.99
N GLU H 178 -54.30 -22.15 -8.53
CA GLU H 178 -55.49 -21.92 -9.35
C GLU H 178 -55.43 -22.58 -10.71
N ILE H 179 -54.23 -22.89 -11.19
CA ILE H 179 -54.08 -23.52 -12.53
C ILE H 179 -54.12 -25.05 -12.41
N ILE H 180 -53.34 -25.61 -11.48
CA ILE H 180 -53.16 -27.06 -11.37
C ILE H 180 -53.52 -27.65 -9.99
N GLY H 181 -54.03 -26.82 -9.08
CA GLY H 181 -54.56 -27.30 -7.81
C GLY H 181 -53.48 -27.86 -6.89
N GLU H 182 -53.59 -29.16 -6.59
CA GLU H 182 -52.57 -29.87 -5.79
C GLU H 182 -51.45 -30.50 -6.65
N GLY H 183 -51.54 -30.28 -7.97
CA GLY H 183 -50.53 -30.75 -8.89
C GLY H 183 -49.15 -30.21 -8.57
N LEU H 184 -48.14 -31.00 -8.94
CA LEU H 184 -46.74 -30.60 -8.81
C LEU H 184 -46.04 -30.61 -10.17
N ILE H 185 -45.03 -29.76 -10.29
CA ILE H 185 -44.48 -29.38 -11.57
C ILE H 185 -43.22 -30.19 -11.88
N VAL H 186 -43.17 -30.71 -13.10
CA VAL H 186 -41.95 -31.35 -13.59
C VAL H 186 -40.90 -30.28 -13.95
N PRO H 187 -39.67 -30.41 -13.39
CA PRO H 187 -38.61 -29.48 -13.75
C PRO H 187 -38.50 -29.38 -15.28
N PRO H 188 -38.49 -28.15 -15.83
CA PRO H 188 -38.57 -28.00 -17.30
C PRO H 188 -37.33 -28.54 -18.03
N PRO H 189 -37.50 -28.97 -19.29
CA PRO H 189 -36.36 -29.40 -20.09
C PRO H 189 -35.42 -28.23 -20.29
N THR H 190 -34.13 -28.51 -20.41
CA THR H 190 -33.16 -27.44 -20.63
C THR H 190 -32.43 -27.60 -21.97
N THR H 191 -32.88 -28.56 -22.80
CA THR H 191 -32.37 -28.69 -24.18
C THR H 191 -33.51 -28.91 -25.13
N GLU H 192 -33.29 -28.56 -26.41
CA GLU H 192 -34.26 -28.73 -27.48
C GLU H 192 -34.70 -30.19 -27.64
N ASP H 193 -33.74 -31.09 -27.69
CA ASP H 193 -34.05 -32.52 -27.82
C ASP H 193 -34.91 -33.04 -26.67
N GLN H 194 -34.53 -32.65 -25.45
CA GLN H 194 -35.29 -32.99 -24.26
C GLN H 194 -36.72 -32.43 -24.32
N ALA H 195 -36.86 -31.18 -24.76
CA ALA H 195 -38.19 -30.59 -24.90
C ALA H 195 -39.07 -31.34 -25.90
N ARG H 196 -38.48 -31.68 -27.06
CA ARG H 196 -39.19 -32.39 -28.11
C ARG H 196 -39.67 -33.74 -27.59
N ALA H 197 -38.77 -34.45 -26.90
CA ALA H 197 -39.08 -35.79 -26.41
C ALA H 197 -40.20 -35.76 -25.38
N ARG H 198 -40.18 -34.78 -24.49
CA ARG H 198 -41.20 -34.71 -23.43
C ARG H 198 -42.59 -34.61 -24.04
N MET H 199 -42.68 -33.79 -25.08
CA MET H 199 -43.93 -33.62 -25.80
C MET H 199 -44.38 -34.87 -26.57
N GLU H 200 -43.43 -35.52 -27.26
CA GLU H 200 -43.72 -36.75 -28.00
C GLU H 200 -44.11 -37.92 -27.10
N SER H 201 -43.64 -37.90 -25.85
CA SER H 201 -43.95 -38.93 -24.87
C SER H 201 -45.40 -38.93 -24.37
N GLY H 202 -46.03 -37.75 -24.36
CA GLY H 202 -47.39 -37.61 -23.87
C GLY H 202 -47.58 -38.09 -22.44
N GLN H 203 -46.49 -38.09 -21.68
CA GLN H 203 -46.45 -38.63 -20.32
C GLN H 203 -47.20 -37.78 -19.28
N TYR H 204 -47.13 -36.46 -19.45
CA TYR H 204 -47.69 -35.54 -18.46
C TYR H 204 -48.80 -34.67 -19.01
N ARG H 205 -49.70 -34.24 -18.12
CA ARG H 205 -50.56 -33.12 -18.39
C ARG H 205 -49.61 -31.95 -18.69
N SER H 206 -49.98 -31.10 -19.65
CA SER H 206 -49.07 -30.12 -20.22
C SER H 206 -49.77 -28.90 -20.79
N LEU H 207 -49.18 -27.72 -20.58
CA LEU H 207 -49.64 -26.52 -21.27
CA LEU H 207 -49.63 -26.51 -21.25
C LEU H 207 -48.67 -26.09 -22.37
N ASP H 208 -47.43 -26.57 -22.28
CA ASP H 208 -46.37 -26.36 -23.28
C ASP H 208 -45.21 -27.26 -22.82
N TRP H 209 -44.16 -27.37 -23.63
CA TRP H 209 -43.05 -28.25 -23.29
C TRP H 209 -42.37 -27.93 -21.95
N TRP H 210 -42.45 -26.66 -21.54
CA TRP H 210 -41.76 -26.21 -20.33
C TRP H 210 -42.72 -26.18 -19.13
N PHE H 211 -43.98 -26.55 -19.34
CA PHE H 211 -45.02 -26.54 -18.28
C PHE H 211 -45.76 -27.87 -18.27
N CYS H 212 -45.16 -28.85 -17.62
CA CYS H 212 -45.75 -30.17 -17.43
C CYS H 212 -45.90 -30.43 -15.94
N TRP H 213 -46.94 -31.19 -15.58
CA TRP H 213 -47.25 -31.44 -14.19
CA TRP H 213 -47.22 -31.47 -14.18
C TRP H 213 -47.95 -32.79 -14.00
N ASP H 214 -47.97 -33.25 -12.76
CA ASP H 214 -48.74 -34.43 -12.39
C ASP H 214 -49.20 -34.30 -10.95
N THR H 215 -49.79 -35.38 -10.43
CA THR H 215 -50.35 -35.36 -9.07
C THR H 215 -49.79 -36.52 -8.23
N PRO H 216 -48.47 -36.46 -7.90
CA PRO H 216 -47.76 -37.53 -7.20
C PRO H 216 -47.88 -37.50 -5.67
N ALA H 217 -48.31 -36.37 -5.12
CA ALA H 217 -48.39 -36.23 -3.65
C ALA H 217 -49.56 -37.05 -3.14
N SER H 218 -49.38 -37.71 -1.98
CA SER H 218 -50.46 -38.53 -1.38
C SER H 218 -51.60 -37.66 -0.85
N ARG H 219 -52.79 -38.25 -0.71
CA ARG H 219 -53.94 -37.53 -0.13
C ARG H 219 -53.57 -37.04 1.27
N ASP H 220 -52.86 -37.88 2.03
CA ASP H 220 -52.43 -37.52 3.38
C ASP H 220 -51.55 -36.26 3.41
N ASP H 221 -50.54 -36.25 2.55
CA ASP H 221 -49.63 -35.10 2.42
C ASP H 221 -50.34 -33.82 1.96
N VAL H 222 -51.20 -33.94 0.96
CA VAL H 222 -52.00 -32.80 0.54
C VAL H 222 -52.88 -32.31 1.68
N GLU H 223 -53.56 -33.24 2.37
CA GLU H 223 -54.51 -32.83 3.42
C GLU H 223 -53.79 -32.15 4.56
N GLU H 224 -52.60 -32.63 4.88
CA GLU H 224 -51.76 -32.06 5.93
C GLU H 224 -51.45 -30.58 5.61
N ALA H 225 -51.04 -30.33 4.38
CA ALA H 225 -50.74 -28.95 3.95
C ALA H 225 -51.97 -28.07 3.96
N ARG H 226 -53.10 -28.59 3.48
CA ARG H 226 -54.35 -27.85 3.50
C ARG H 226 -54.76 -27.49 4.92
N ARG H 227 -54.49 -28.38 5.86
CA ARG H 227 -54.80 -28.20 7.27
C ARG H 227 -54.02 -27.00 7.84
N TYR H 228 -52.76 -26.84 7.44
CA TYR H 228 -52.00 -25.66 7.92
C TYR H 228 -52.73 -24.40 7.49
N LEU H 229 -53.16 -24.36 6.23
CA LEU H 229 -53.78 -23.16 5.71
C LEU H 229 -55.19 -22.93 6.29
N ARG H 230 -55.93 -24.01 6.50
CA ARG H 230 -57.26 -23.89 7.11
C ARG H 230 -57.12 -23.32 8.52
N ARG H 231 -56.09 -23.77 9.26
CA ARG H 231 -55.87 -23.23 10.61
C ARG H 231 -55.50 -21.75 10.56
N ALA H 232 -54.65 -21.37 9.60
CA ALA H 232 -54.26 -19.96 9.45
C ALA H 232 -55.49 -19.07 9.24
N ALA H 233 -56.47 -19.58 8.50
CA ALA H 233 -57.67 -18.82 8.14
C ALA H 233 -58.76 -18.78 9.21
N GLU H 234 -58.65 -19.68 10.18
CA GLU H 234 -59.71 -19.89 11.19
C GLU H 234 -59.49 -18.96 12.38
N LYS H 235 -60.53 -18.29 12.83
CA LYS H 235 -60.39 -17.59 14.10
C LYS H 235 -60.43 -18.58 15.26
N PRO H 236 -59.45 -18.47 16.18
CA PRO H 236 -59.51 -19.33 17.36
C PRO H 236 -60.84 -19.22 18.09
N ALA H 237 -61.36 -20.37 18.51
CA ALA H 237 -62.62 -20.45 19.27
C ALA H 237 -62.45 -19.80 20.65
N LYS H 238 -61.27 -19.97 21.23
CA LYS H 238 -60.98 -19.51 22.58
C LYS H 238 -59.65 -18.77 22.57
N LEU H 239 -59.69 -17.49 22.92
CA LEU H 239 -58.47 -16.66 22.96
C LEU H 239 -57.81 -16.84 24.31
N LEU H 240 -56.49 -16.96 24.31
CA LEU H 240 -55.77 -17.25 25.56
C LEU H 240 -55.75 -16.09 26.56
N TYR H 241 -56.02 -14.86 26.14
CA TYR H 241 -56.08 -13.72 27.07
CA TYR H 241 -56.09 -13.72 27.05
C TYR H 241 -57.26 -13.90 28.04
N GLU H 242 -58.34 -14.48 27.54
CA GLU H 242 -59.55 -14.73 28.32
C GLU H 242 -59.26 -15.56 29.59
N PRO I 1 -5.03 -7.96 25.05
CA PRO I 1 -5.30 -6.67 25.68
C PRO I 1 -6.48 -5.99 25.00
N GLY I 2 -6.90 -4.85 25.52
CA GLY I 2 -8.05 -4.14 24.95
C GLY I 2 -7.84 -2.66 25.15
N SER I 3 -8.57 -1.86 24.41
CA SER I 3 -8.45 -0.40 24.50
C SER I 3 -9.42 0.18 25.56
N ILE I 4 -8.91 1.07 26.42
CA ILE I 4 -9.77 1.78 27.38
C ILE I 4 -9.62 3.30 27.30
N PRO I 5 -10.63 4.04 27.81
CA PRO I 5 -10.47 5.45 28.12
C PRO I 5 -9.43 5.54 29.24
N LEU I 6 -8.79 6.71 29.39
CA LEU I 6 -7.74 6.86 30.38
C LEU I 6 -8.08 7.94 31.40
N ILE I 7 -7.52 7.82 32.60
CA ILE I 7 -7.64 8.87 33.61
C ILE I 7 -7.10 10.15 33.02
N GLY I 8 -7.83 11.24 33.21
CA GLY I 8 -7.43 12.53 32.67
C GLY I 8 -8.05 12.87 31.33
N GLU I 9 -8.61 11.88 30.63
CA GLU I 9 -9.31 12.08 29.36
C GLU I 9 -10.76 12.50 29.61
N ARG I 10 -11.32 13.28 28.69
CA ARG I 10 -12.75 13.49 28.74
CA ARG I 10 -12.75 13.51 28.67
C ARG I 10 -13.45 12.17 28.44
N PHE I 11 -14.51 11.89 29.17
CA PHE I 11 -15.27 10.66 28.96
C PHE I 11 -15.72 10.63 27.50
N PRO I 12 -15.58 9.47 26.81
CA PRO I 12 -15.91 9.55 25.39
C PRO I 12 -17.37 9.94 25.12
N GLU I 13 -17.56 10.87 24.20
CA GLU I 13 -18.88 11.33 23.84
C GLU I 13 -19.71 10.26 23.16
N MET I 14 -20.91 10.05 23.67
CA MET I 14 -21.78 9.00 23.16
C MET I 14 -23.23 9.25 23.54
N GLU I 15 -24.13 8.86 22.65
CA GLU I 15 -25.54 8.79 22.96
C GLU I 15 -25.81 7.38 23.46
N VAL I 16 -26.56 7.26 24.57
CA VAL I 16 -26.84 5.92 25.12
C VAL I 16 -28.32 5.78 25.44
N THR I 17 -28.83 4.56 25.36
CA THR I 17 -30.21 4.34 25.66
C THR I 17 -30.26 3.77 27.07
N THR I 18 -30.98 4.44 27.96
CA THR I 18 -31.13 3.93 29.32
C THR I 18 -32.61 3.62 29.54
N ASP I 19 -32.92 2.91 30.63
CA ASP I 19 -34.33 2.63 31.00
C ASP I 19 -35.05 3.87 31.54
N HIS I 20 -34.38 5.04 31.53
CA HIS I 20 -35.02 6.35 31.83
C HIS I 20 -35.15 7.20 30.55
N GLY I 21 -34.59 6.70 29.46
CA GLY I 21 -34.61 7.40 28.19
C GLY I 21 -33.23 7.53 27.56
N VAL I 22 -33.19 8.18 26.41
CA VAL I 22 -31.91 8.39 25.72
C VAL I 22 -31.19 9.63 26.23
N ILE I 23 -29.91 9.48 26.56
CA ILE I 23 -29.11 10.63 27.00
C ILE I 23 -27.74 10.64 26.34
N LYS I 24 -27.12 11.82 26.34
CA LYS I 24 -25.75 12.01 25.82
C LYS I 24 -24.79 12.04 27.00
N LEU I 25 -23.73 11.22 26.94
CA LEU I 25 -22.64 11.27 27.94
C LEU I 25 -21.40 11.93 27.35
N PRO I 26 -20.61 12.65 28.18
CA PRO I 26 -20.92 12.98 29.60
C PRO I 26 -21.83 14.20 29.76
N ASP I 27 -22.28 14.79 28.65
CA ASP I 27 -22.99 16.08 28.64
C ASP I 27 -24.18 16.12 29.57
N HIS I 28 -24.94 15.01 29.63
CA HIS I 28 -26.15 14.98 30.48
C HIS I 28 -25.84 15.40 31.92
N TYR I 29 -24.67 14.98 32.41
CA TYR I 29 -24.28 15.19 33.82
C TYR I 29 -23.49 16.48 33.97
N VAL I 30 -22.56 16.72 33.06
CA VAL I 30 -21.82 17.99 33.02
C VAL I 30 -22.82 19.18 33.02
N SER I 31 -23.91 19.03 32.25
CA SER I 31 -24.94 20.11 32.16
C SER I 31 -25.64 20.41 33.50
N GLN I 32 -25.64 19.44 34.41
CA GLN I 32 -26.27 19.57 35.74
C GLN I 32 -25.26 19.88 36.86
N GLY I 33 -24.01 20.11 36.48
CA GLY I 33 -22.90 20.33 37.41
C GLY I 33 -22.56 19.09 38.23
N LYS I 34 -22.99 17.93 37.73
CA LYS I 34 -22.82 16.64 38.47
C LYS I 34 -21.57 15.84 38.10
N TRP I 35 -20.98 15.18 39.10
CA TRP I 35 -20.05 14.05 38.84
C TRP I 35 -20.94 12.86 38.51
N PHE I 36 -20.42 11.83 37.83
CA PHE I 36 -21.19 10.60 37.82
C PHE I 36 -20.30 9.40 37.96
N VAL I 37 -20.89 8.36 38.51
CA VAL I 37 -20.25 7.05 38.56
C VAL I 37 -20.99 6.19 37.55
N LEU I 38 -20.31 5.82 36.46
CA LEU I 38 -20.87 4.89 35.51
C LEU I 38 -20.28 3.53 35.90
N PHE I 39 -21.14 2.54 36.09
CA PHE I 39 -20.63 1.24 36.45
C PHE I 39 -21.30 0.21 35.59
N SER I 40 -20.62 -0.92 35.35
CA SER I 40 -21.25 -1.96 34.54
C SER I 40 -21.45 -3.21 35.33
N HIS I 41 -22.32 -4.07 34.84
CA HIS I 41 -22.55 -5.39 35.46
C HIS I 41 -22.81 -6.41 34.35
N PRO I 42 -22.40 -7.69 34.57
CA PRO I 42 -22.57 -8.66 33.52
C PRO I 42 -23.99 -8.89 33.05
N ALA I 43 -24.92 -9.08 33.98
CA ALA I 43 -26.30 -9.44 33.57
C ALA I 43 -27.37 -9.14 34.60
N ASP I 44 -28.46 -8.54 34.10
CA ASP I 44 -29.70 -8.52 34.86
C ASP I 44 -30.11 -9.94 35.30
N PHE I 45 -30.86 -10.07 36.40
CA PHE I 45 -31.29 -11.38 36.87
C PHE I 45 -30.13 -12.33 37.18
N THR I 46 -29.01 -11.74 37.62
CA THR I 46 -27.97 -12.52 38.29
C THR I 46 -27.65 -11.95 39.68
N PRO I 47 -27.24 -12.82 40.60
CA PRO I 47 -27.25 -12.50 42.02
C PRO I 47 -26.21 -11.47 42.48
N VAL I 48 -24.96 -11.54 42.00
CA VAL I 48 -24.00 -10.56 42.51
C VAL I 48 -24.44 -9.19 42.02
N CYS I 49 -24.85 -9.10 40.75
CA CYS I 49 -25.30 -7.81 40.19
C CYS I 49 -26.44 -7.27 41.06
N THR I 50 -27.37 -8.15 41.41
CA THR I 50 -28.52 -7.73 42.24
C THR I 50 -28.07 -7.16 43.59
N THR I 51 -27.11 -7.80 44.23
CA THR I 51 -26.62 -7.28 45.53
C THR I 51 -25.96 -5.90 45.34
N GLU I 52 -25.26 -5.70 44.22
CA GLU I 52 -24.60 -4.40 43.99
C GLU I 52 -25.60 -3.31 43.74
N PHE I 53 -26.65 -3.61 42.97
CA PHE I 53 -27.66 -2.57 42.72
C PHE I 53 -28.35 -2.19 44.04
N VAL I 54 -28.57 -3.18 44.92
CA VAL I 54 -29.18 -2.88 46.22
C VAL I 54 -28.24 -2.02 47.07
N SER I 55 -26.94 -2.32 47.05
CA SER I 55 -25.98 -1.53 47.80
C SER I 55 -25.89 -0.11 47.28
N PHE I 56 -25.82 0.06 45.96
CA PHE I 56 -25.80 1.42 45.39
C PHE I 56 -27.08 2.17 45.76
N ALA I 57 -28.23 1.49 45.68
CA ALA I 57 -29.52 2.16 45.99
C ALA I 57 -29.54 2.63 47.42
N ARG I 58 -29.04 1.79 48.32
CA ARG I 58 -28.98 2.16 49.74
C ARG I 58 -28.11 3.41 49.97
N ARG I 59 -27.07 3.55 49.16
CA ARG I 59 -26.14 4.65 49.27
C ARG I 59 -26.49 5.83 48.37
N TYR I 60 -27.61 5.74 47.65
CA TYR I 60 -27.93 6.75 46.65
C TYR I 60 -28.01 8.18 47.25
N GLU I 61 -28.64 8.34 48.41
CA GLU I 61 -28.70 9.69 49.01
C GLU I 61 -27.30 10.25 49.33
N ASP I 62 -26.41 9.36 49.77
CA ASP I 62 -25.00 9.73 50.05
C ASP I 62 -24.30 10.26 48.80
N PHE I 63 -24.49 9.60 47.66
CA PHE I 63 -23.99 10.12 46.39
C PHE I 63 -24.64 11.46 46.03
N GLN I 64 -25.95 11.52 46.12
CA GLN I 64 -26.67 12.77 45.79
C GLN I 64 -26.13 13.93 46.61
N ARG I 65 -25.93 13.71 47.91
CA ARG I 65 -25.43 14.78 48.80
C ARG I 65 -24.09 15.33 48.36
N LEU I 66 -23.29 14.48 47.72
CA LEU I 66 -22.00 14.86 47.15
C LEU I 66 -22.05 15.47 45.73
N GLY I 67 -23.23 15.52 45.14
CA GLY I 67 -23.39 16.09 43.80
C GLY I 67 -22.93 15.08 42.76
N VAL I 68 -23.13 13.80 43.10
CA VAL I 68 -22.77 12.68 42.23
C VAL I 68 -24.03 11.87 41.85
N ASP I 69 -24.16 11.54 40.58
CA ASP I 69 -25.21 10.64 40.17
C ASP I 69 -24.64 9.27 39.76
N LEU I 70 -25.55 8.31 39.61
CA LEU I 70 -25.14 6.93 39.28
C LEU I 70 -25.80 6.52 37.98
N ILE I 71 -25.09 5.73 37.19
CA ILE I 71 -25.71 5.17 35.99
C ILE I 71 -25.09 3.81 35.74
N GLY I 72 -25.94 2.81 35.62
CA GLY I 72 -25.48 1.45 35.37
C GLY I 72 -25.38 1.17 33.88
N LEU I 73 -24.93 -0.04 33.60
CA LEU I 73 -24.70 -0.51 32.19
C LEU I 73 -24.63 -2.03 32.14
N SER I 74 -25.40 -2.64 31.24
CA SER I 74 -25.15 -4.07 30.89
C SER I 74 -25.61 -4.27 29.45
N VAL I 75 -25.36 -5.47 28.95
CA VAL I 75 -25.76 -5.76 27.58
C VAL I 75 -27.21 -6.16 27.47
N ASP I 76 -27.93 -6.17 28.59
CA ASP I 76 -29.38 -6.46 28.55
C ASP I 76 -30.20 -5.26 28.00
N SER I 77 -31.48 -5.54 27.65
CA SER I 77 -32.36 -4.55 27.03
C SER I 77 -33.02 -3.69 28.09
N VAL I 78 -33.64 -2.60 27.66
CA VAL I 78 -34.41 -1.79 28.61
C VAL I 78 -35.57 -2.58 29.23
N PHE I 79 -36.15 -3.52 28.48
CA PHE I 79 -37.28 -4.31 28.98
C PHE I 79 -36.83 -5.20 30.13
N SER I 80 -35.68 -5.85 29.93
CA SER I 80 -34.99 -6.57 31.01
CA SER I 80 -35.02 -6.58 31.01
C SER I 80 -34.75 -5.68 32.22
N HIS I 81 -34.22 -4.47 31.98
CA HIS I 81 -33.86 -3.57 33.08
C HIS I 81 -35.11 -3.25 33.88
N ILE I 82 -36.19 -2.94 33.17
CA ILE I 82 -37.40 -2.55 33.91
C ILE I 82 -37.98 -3.74 34.69
N LYS I 83 -37.98 -4.92 34.08
CA LYS I 83 -38.45 -6.13 34.77
C LYS I 83 -37.60 -6.48 36.00
N TRP I 84 -36.29 -6.30 35.86
CA TRP I 84 -35.39 -6.61 36.95
C TRP I 84 -35.62 -5.65 38.09
N LYS I 85 -35.76 -4.37 37.78
CA LYS I 85 -36.08 -3.41 38.83
C LYS I 85 -37.42 -3.70 39.53
N GLU I 86 -38.41 -4.16 38.76
CA GLU I 86 -39.68 -4.63 39.33
C GLU I 86 -39.43 -5.76 40.32
N TRP I 87 -38.63 -6.73 39.91
CA TRP I 87 -38.28 -7.92 40.72
C TRP I 87 -37.62 -7.44 42.03
N ILE I 88 -36.65 -6.54 41.91
CA ILE I 88 -35.90 -6.14 43.11
C ILE I 88 -36.83 -5.43 44.08
N GLU I 89 -37.69 -4.55 43.55
CA GLU I 89 -38.60 -3.81 44.43
C GLU I 89 -39.62 -4.76 45.12
N ARG I 90 -40.15 -5.72 44.37
CA ARG I 90 -41.12 -6.66 44.91
C ARG I 90 -40.51 -7.61 45.95
N HIS I 91 -39.35 -8.18 45.62
CA HIS I 91 -38.76 -9.28 46.40
C HIS I 91 -37.77 -8.87 47.48
N ILE I 92 -37.08 -7.76 47.26
CA ILE I 92 -36.13 -7.27 48.23
C ILE I 92 -36.68 -6.04 48.93
N GLY I 93 -37.63 -5.37 48.30
CA GLY I 93 -38.24 -4.18 48.89
C GLY I 93 -37.44 -2.89 48.74
N VAL I 94 -36.55 -2.86 47.75
CA VAL I 94 -35.70 -1.73 47.49
C VAL I 94 -36.00 -1.20 46.09
N ARG I 95 -36.28 0.09 45.98
CA ARG I 95 -36.48 0.69 44.66
C ARG I 95 -35.15 1.18 44.10
N ILE I 96 -34.82 0.82 42.87
CA ILE I 96 -33.55 1.28 42.28
C ILE I 96 -33.86 2.62 41.57
N PRO I 97 -33.32 3.74 42.08
CA PRO I 97 -33.74 5.04 41.52
C PRO I 97 -33.03 5.58 40.29
N PHE I 98 -31.90 4.95 39.91
CA PHE I 98 -31.04 5.52 38.93
C PHE I 98 -31.10 4.71 37.63
N PRO I 99 -30.72 5.35 36.49
CA PRO I 99 -30.84 4.68 35.19
C PRO I 99 -29.83 3.57 34.98
N ILE I 100 -30.17 2.64 34.09
CA ILE I 100 -29.24 1.63 33.61
C ILE I 100 -29.21 1.70 32.07
N ILE I 101 -28.00 1.78 31.51
CA ILE I 101 -27.82 1.76 30.03
C ILE I 101 -28.11 0.35 29.55
N ALA I 102 -28.87 0.26 28.45
CA ALA I 102 -29.10 -1.01 27.72
C ALA I 102 -28.16 -1.02 26.53
N ASP I 103 -27.25 -2.00 26.47
CA ASP I 103 -26.18 -2.04 25.47
C ASP I 103 -26.12 -3.43 24.78
N PRO I 104 -27.23 -3.88 24.18
CA PRO I 104 -27.18 -5.14 23.43
C PRO I 104 -26.38 -4.83 22.18
N GLN I 105 -25.54 -5.74 21.72
CA GLN I 105 -24.48 -5.39 20.72
C GLN I 105 -23.15 -5.03 21.33
N GLY I 106 -23.17 -4.58 22.59
CA GLY I 106 -21.94 -4.17 23.23
C GLY I 106 -21.23 -2.98 22.60
N THR I 107 -21.97 -2.08 21.95
CA THR I 107 -21.35 -0.91 21.36
C THR I 107 -20.66 -0.07 22.41
N VAL I 108 -21.40 0.28 23.48
CA VAL I 108 -20.87 1.10 24.57
C VAL I 108 -19.76 0.38 25.33
N ALA I 109 -19.96 -0.90 25.63
CA ALA I 109 -19.00 -1.70 26.38
C ALA I 109 -17.65 -1.74 25.66
N ARG I 110 -17.68 -1.87 24.33
CA ARG I 110 -16.44 -1.92 23.55
C ARG I 110 -15.72 -0.56 23.62
N ARG I 111 -16.47 0.53 23.50
CA ARG I 111 -15.93 1.89 23.63
CA ARG I 111 -15.94 1.88 23.64
C ARG I 111 -15.24 2.08 24.98
N LEU I 112 -15.81 1.47 26.02
CA LEU I 112 -15.29 1.61 27.38
C LEU I 112 -14.29 0.54 27.80
N GLY I 113 -14.07 -0.45 26.95
CA GLY I 113 -13.14 -1.53 27.27
C GLY I 113 -13.66 -2.46 28.33
N LEU I 114 -14.97 -2.66 28.35
CA LEU I 114 -15.60 -3.46 29.42
C LEU I 114 -15.78 -4.92 29.06
N LEU I 115 -15.35 -5.32 27.87
CA LEU I 115 -15.41 -6.74 27.54
C LEU I 115 -14.02 -7.36 27.70
N HIS I 116 -13.83 -8.15 28.75
CA HIS I 116 -12.49 -8.66 29.04
C HIS I 116 -12.45 -10.13 28.62
N ALA I 117 -11.43 -10.85 29.04
CA ALA I 117 -11.25 -12.22 28.57
C ALA I 117 -12.05 -13.30 29.33
N GLU I 118 -12.66 -12.94 30.47
CA GLU I 118 -13.56 -13.84 31.24
C GLU I 118 -14.77 -14.27 30.40
N SER I 119 -15.32 -13.30 29.66
CA SER I 119 -16.55 -13.52 28.94
C SER I 119 -16.56 -12.77 27.63
N ALA I 120 -16.95 -13.49 26.60
CA ALA I 120 -17.15 -12.93 25.28
C ALA I 120 -18.40 -12.09 25.20
N THR I 121 -19.37 -12.38 26.07
CA THR I 121 -20.73 -11.88 25.90
C THR I 121 -21.20 -10.81 26.92
N HIS I 122 -20.68 -10.87 28.14
CA HIS I 122 -21.11 -9.95 29.23
C HIS I 122 -19.94 -9.12 29.76
N THR I 123 -20.24 -7.88 30.16
CA THR I 123 -19.20 -6.99 30.67
C THR I 123 -18.68 -7.43 32.03
N VAL I 124 -17.48 -6.95 32.35
CA VAL I 124 -16.98 -7.13 33.69
C VAL I 124 -17.65 -6.06 34.56
N ARG I 125 -17.19 -5.97 35.80
CA ARG I 125 -17.78 -5.02 36.76
C ARG I 125 -16.90 -3.78 36.78
N GLY I 126 -17.07 -2.94 35.77
CA GLY I 126 -16.23 -1.78 35.59
C GLY I 126 -16.83 -0.59 36.32
N VAL I 127 -15.97 0.37 36.67
CA VAL I 127 -16.42 1.58 37.33
C VAL I 127 -15.61 2.75 36.76
N PHE I 128 -16.33 3.77 36.28
CA PHE I 128 -15.72 5.03 35.82
C PHE I 128 -16.18 6.15 36.71
N ILE I 129 -15.24 6.84 37.34
CA ILE I 129 -15.60 7.99 38.17
C ILE I 129 -15.33 9.24 37.34
N VAL I 130 -16.38 10.02 37.02
CA VAL I 130 -16.24 11.12 36.06
C VAL I 130 -16.64 12.41 36.76
N ASP I 131 -15.81 13.44 36.63
CA ASP I 131 -16.11 14.68 37.33
C ASP I 131 -17.04 15.61 36.56
N ALA I 132 -17.31 16.79 37.14
CA ALA I 132 -18.27 17.70 36.50
C ALA I 132 -17.73 18.46 35.29
N ARG I 133 -16.45 18.24 34.96
CA ARG I 133 -15.88 18.68 33.69
C ARG I 133 -16.00 17.58 32.63
N GLY I 134 -16.51 16.42 33.05
CA GLY I 134 -16.63 15.26 32.17
C GLY I 134 -15.33 14.46 32.02
N VAL I 135 -14.42 14.67 32.96
CA VAL I 135 -13.08 14.05 32.92
C VAL I 135 -13.05 12.80 33.81
N ILE I 136 -12.46 11.72 33.28
CA ILE I 136 -12.36 10.48 34.04
C ILE I 136 -11.30 10.62 35.10
N ARG I 137 -11.65 10.27 36.32
CA ARG I 137 -10.80 10.49 37.46
C ARG I 137 -10.22 9.23 38.08
N THR I 138 -10.91 8.11 37.92
CA THR I 138 -10.53 6.84 38.54
C THR I 138 -11.25 5.73 37.76
N MET I 139 -10.61 4.56 37.59
CA MET I 139 -11.30 3.44 36.93
C MET I 139 -11.01 2.16 37.71
N LEU I 140 -12.04 1.35 37.95
CA LEU I 140 -11.88 0.09 38.67
C LEU I 140 -12.46 -1.03 37.80
N TYR I 141 -11.78 -2.18 37.76
CA TYR I 141 -12.30 -3.31 37.01
C TYR I 141 -12.34 -4.54 37.90
N TYR I 142 -13.53 -4.79 38.48
CA TYR I 142 -13.79 -6.00 39.27
C TYR I 142 -14.33 -7.07 38.31
N PRO I 143 -14.21 -8.35 38.70
CA PRO I 143 -14.59 -9.44 37.81
C PRO I 143 -15.99 -9.94 38.10
N MET I 144 -16.48 -10.83 37.25
CA MET I 144 -17.83 -11.36 37.45
C MET I 144 -18.07 -11.99 38.83
N GLU I 145 -17.07 -12.68 39.39
CA GLU I 145 -17.26 -13.45 40.62
C GLU I 145 -17.15 -12.67 41.95
N LEU I 146 -16.91 -11.36 41.88
CA LEU I 146 -16.64 -10.59 43.10
C LEU I 146 -17.36 -9.25 43.06
N GLY I 147 -18.28 -9.06 44.01
CA GLY I 147 -18.98 -7.78 44.11
C GLY I 147 -18.09 -6.67 44.64
N ARG I 148 -18.44 -5.45 44.28
CA ARG I 148 -17.71 -4.27 44.66
C ARG I 148 -17.95 -3.89 46.14
N LEU I 149 -17.06 -3.03 46.66
CA LEU I 149 -17.24 -2.42 47.99
C LEU I 149 -17.69 -1.00 47.72
N VAL I 150 -19.01 -0.76 47.83
CA VAL I 150 -19.55 0.50 47.32
C VAL I 150 -19.10 1.70 48.19
N ASP I 151 -18.87 1.45 49.49
CA ASP I 151 -18.37 2.55 50.34
C ASP I 151 -17.01 3.10 49.90
N GLU I 152 -16.19 2.27 49.23
CA GLU I 152 -14.92 2.78 48.71
C GLU I 152 -15.16 3.74 47.53
N ILE I 153 -16.23 3.52 46.75
CA ILE I 153 -16.56 4.39 45.65
C ILE I 153 -16.97 5.75 46.23
N LEU I 154 -17.74 5.72 47.33
CA LEU I 154 -18.07 6.97 48.01
C LEU I 154 -16.81 7.64 48.54
N ARG I 155 -15.93 6.89 49.16
CA ARG I 155 -14.67 7.46 49.69
C ARG I 155 -13.84 8.13 48.57
N ILE I 156 -13.70 7.43 47.45
CA ILE I 156 -13.01 7.95 46.31
C ILE I 156 -13.57 9.29 45.87
N VAL I 157 -14.88 9.38 45.67
CA VAL I 157 -15.47 10.64 45.22
CA VAL I 157 -15.44 10.64 45.18
C VAL I 157 -15.33 11.75 46.24
N LYS I 158 -15.57 11.41 47.51
CA LYS I 158 -15.47 12.42 48.57
C LYS I 158 -14.05 12.97 48.64
N ALA I 159 -13.08 12.06 48.65
CA ALA I 159 -11.67 12.44 48.68
C ALA I 159 -11.19 13.28 47.47
N LEU I 160 -11.64 12.92 46.25
CA LEU I 160 -11.27 13.63 45.03
C LEU I 160 -11.84 15.03 45.09
N LYS I 161 -13.10 15.16 45.54
CA LYS I 161 -13.72 16.49 45.59
C LYS I 161 -13.02 17.39 46.61
N LEU I 162 -12.70 16.82 47.76
CA LEU I 162 -11.94 17.53 48.81
C LEU I 162 -10.57 17.93 48.31
N GLY I 163 -9.83 16.99 47.73
CA GLY I 163 -8.53 17.30 47.14
C GLY I 163 -8.59 18.43 46.12
N ASP I 164 -9.55 18.35 45.20
CA ASP I 164 -9.75 19.39 44.19
C ASP I 164 -10.01 20.72 44.90
N SER I 165 -10.95 20.72 45.85
CA SER I 165 -11.33 21.97 46.52
C SER I 165 -10.19 22.57 47.34
N LEU I 166 -9.48 21.73 48.07
CA LEU I 166 -8.48 22.20 49.04
C LEU I 166 -7.08 22.31 48.44
N LYS I 167 -6.96 21.89 47.16
CA LYS I 167 -5.67 21.87 46.44
C LYS I 167 -4.69 20.97 47.15
N ARG I 168 -5.14 19.75 47.45
CA ARG I 168 -4.33 18.83 48.24
C ARG I 168 -4.40 17.44 47.63
N ALA I 169 -3.34 16.68 47.84
CA ALA I 169 -3.32 15.23 47.54
C ALA I 169 -3.77 14.48 48.77
N VAL I 170 -4.25 13.23 48.57
CA VAL I 170 -4.90 12.50 49.65
C VAL I 170 -4.10 11.25 49.99
N PRO I 171 -3.68 11.10 51.26
CA PRO I 171 -2.75 9.99 51.57
C PRO I 171 -3.44 8.63 51.54
N ALA I 172 -2.63 7.55 51.46
CA ALA I 172 -3.18 6.19 51.58
C ALA I 172 -4.21 6.06 52.74
N ASP I 173 -5.33 5.40 52.49
CA ASP I 173 -6.27 5.08 53.62
C ASP I 173 -6.97 6.28 54.30
N TRP I 174 -6.91 7.44 53.67
CA TRP I 174 -7.53 8.64 54.25
C TRP I 174 -9.03 8.36 54.48
N PRO I 175 -9.59 8.84 55.61
CA PRO I 175 -9.05 9.75 56.66
C PRO I 175 -8.32 9.07 57.83
N ASN I 176 -7.93 7.81 57.65
CA ASN I 176 -7.27 7.05 58.67
C ASN I 176 -5.85 6.65 58.26
N ASN I 177 -5.13 7.60 57.66
CA ASN I 177 -3.76 7.30 57.27
C ASN I 177 -2.88 7.09 58.51
N GLU I 178 -1.98 6.11 58.45
CA GLU I 178 -1.27 5.79 59.68
C GLU I 178 -0.14 6.80 60.03
N ILE I 179 0.32 7.55 59.03
CA ILE I 179 1.39 8.54 59.24
C ILE I 179 0.78 9.88 59.64
N ILE I 180 -0.23 10.33 58.90
CA ILE I 180 -0.76 11.68 59.11
C ILE I 180 -2.25 11.75 59.41
N GLY I 181 -2.89 10.59 59.57
CA GLY I 181 -4.31 10.55 59.98
C GLY I 181 -5.24 11.10 58.92
N GLU I 182 -5.96 12.17 59.30
CA GLU I 182 -6.89 12.87 58.41
C GLU I 182 -6.20 14.03 57.69
N GLY I 183 -4.88 14.14 57.88
CA GLY I 183 -4.07 15.14 57.20
C GLY I 183 -4.13 14.97 55.70
N LEU I 184 -4.00 16.09 54.99
CA LEU I 184 -3.93 16.12 53.53
C LEU I 184 -2.60 16.68 53.07
N ILE I 185 -2.16 16.25 51.89
CA ILE I 185 -0.75 16.45 51.50
C ILE I 185 -0.62 17.64 50.56
N VAL I 186 0.40 18.47 50.79
CA VAL I 186 0.68 19.58 49.89
C VAL I 186 1.40 18.98 48.66
N PRO I 187 0.89 19.23 47.43
CA PRO I 187 1.63 18.72 46.27
C PRO I 187 3.11 19.14 46.33
N PRO I 188 4.02 18.19 46.08
CA PRO I 188 5.44 18.44 46.36
C PRO I 188 6.05 19.50 45.44
N PRO I 189 7.08 20.21 45.95
CA PRO I 189 7.73 21.21 45.10
C PRO I 189 8.40 20.50 43.92
N THR I 190 8.54 21.17 42.78
CA THR I 190 9.13 20.52 41.61
C THR I 190 10.41 21.18 41.16
N THR I 191 10.87 22.17 41.91
CA THR I 191 12.14 22.82 41.62
C THR I 191 12.93 23.00 42.92
N GLU I 192 14.25 23.09 42.77
CA GLU I 192 15.13 23.23 43.91
C GLU I 192 14.81 24.48 44.74
N ASP I 193 14.58 25.61 44.07
CA ASP I 193 14.27 26.86 44.78
C ASP I 193 12.93 26.75 45.52
N GLN I 194 11.95 26.12 44.88
CA GLN I 194 10.63 25.92 45.50
C GLN I 194 10.75 25.03 46.74
N ALA I 195 11.58 24.00 46.63
CA ALA I 195 11.83 23.09 47.75
C ALA I 195 12.51 23.83 48.91
N ARG I 196 13.50 24.67 48.58
CA ARG I 196 14.22 25.42 49.62
C ARG I 196 13.30 26.43 50.30
N ALA I 197 12.50 27.14 49.51
CA ALA I 197 11.57 28.13 50.03
C ALA I 197 10.55 27.46 50.95
N ARG I 198 9.99 26.34 50.49
CA ARG I 198 8.95 25.67 51.27
C ARG I 198 9.48 25.36 52.65
N MET I 199 10.69 24.80 52.71
CA MET I 199 11.33 24.48 53.97
C MET I 199 11.62 25.73 54.81
N GLU I 200 12.25 26.73 54.21
CA GLU I 200 12.59 27.96 54.94
C GLU I 200 11.38 28.61 55.63
N SER I 201 10.22 28.56 54.97
CA SER I 201 8.96 29.17 55.43
C SER I 201 8.45 28.64 56.78
N GLY I 202 8.65 27.35 57.04
CA GLY I 202 8.09 26.71 58.23
C GLY I 202 6.57 26.65 58.27
N GLN I 203 5.94 26.75 57.09
CA GLN I 203 4.48 26.85 56.97
C GLN I 203 3.75 25.55 57.37
N TYR I 204 4.37 24.41 57.11
CA TYR I 204 3.70 23.11 57.25
C TYR I 204 4.42 22.12 58.13
N ARG I 205 3.65 21.23 58.74
CA ARG I 205 4.16 19.99 59.29
C ARG I 205 4.88 19.26 58.15
N SER I 206 6.03 18.65 58.41
CA SER I 206 6.88 18.14 57.33
C SER I 206 7.76 16.99 57.79
N LEU I 207 8.00 16.01 56.91
CA LEU I 207 9.04 15.00 57.15
C LEU I 207 10.28 15.26 56.26
N ASP I 208 10.05 15.99 55.17
CA ASP I 208 11.08 16.43 54.19
C ASP I 208 10.44 17.49 53.30
N TRP I 209 11.23 18.11 52.41
CA TRP I 209 10.72 19.19 51.58
C TRP I 209 9.61 18.69 50.65
N TRP I 210 9.63 17.37 50.37
CA TRP I 210 8.67 16.79 49.44
C TRP I 210 7.51 16.16 50.17
N PHE I 211 7.54 16.19 51.50
CA PHE I 211 6.47 15.60 52.29
C PHE I 211 6.00 16.62 53.34
N CYS I 212 5.12 17.49 52.90
CA CYS I 212 4.49 18.47 53.81
C CYS I 212 2.99 18.25 53.81
N TRP I 213 2.35 18.55 54.94
CA TRP I 213 0.91 18.34 55.05
CA TRP I 213 0.93 18.30 55.07
C TRP I 213 0.29 19.26 56.07
N ASP I 214 -1.04 19.31 56.05
CA ASP I 214 -1.76 20.08 57.04
C ASP I 214 -3.11 19.40 57.23
N THR I 215 -4.02 20.04 57.95
CA THR I 215 -5.32 19.41 58.27
C THR I 215 -6.44 20.40 57.92
N PRO I 216 -6.64 20.66 56.61
CA PRO I 216 -7.58 21.66 56.14
C PRO I 216 -9.04 21.18 56.02
N ALA I 217 -9.26 19.87 56.11
CA ALA I 217 -10.60 19.33 55.88
C ALA I 217 -11.47 19.66 57.10
N SER I 218 -12.72 20.02 56.85
CA SER I 218 -13.63 20.23 58.00
C SER I 218 -13.87 18.95 58.80
N ARG I 219 -14.30 19.13 60.05
CA ARG I 219 -14.60 17.98 60.90
C ARG I 219 -15.75 17.19 60.28
N ASP I 220 -16.72 17.91 59.72
CA ASP I 220 -17.88 17.30 59.06
C ASP I 220 -17.47 16.43 57.86
N ASP I 221 -16.52 16.92 57.07
CA ASP I 221 -16.02 16.22 55.88
C ASP I 221 -15.28 14.97 56.25
N VAL I 222 -14.40 15.08 57.25
CA VAL I 222 -13.69 13.95 57.79
C VAL I 222 -14.66 12.91 58.33
N GLU I 223 -15.65 13.35 59.11
CA GLU I 223 -16.56 12.38 59.74
C GLU I 223 -17.46 11.70 58.72
N GLU I 224 -17.83 12.42 57.67
CA GLU I 224 -18.61 11.84 56.56
C GLU I 224 -17.78 10.70 55.94
N ALA I 225 -16.53 10.98 55.59
CA ALA I 225 -15.69 9.91 55.03
C ALA I 225 -15.51 8.72 55.99
N ARG I 226 -15.26 9.00 57.28
CA ARG I 226 -15.11 7.90 58.22
C ARG I 226 -16.41 7.07 58.33
N ARG I 227 -17.54 7.74 58.19
CA ARG I 227 -18.85 7.10 58.22
C ARG I 227 -18.99 6.05 57.08
N TYR I 228 -18.50 6.40 55.89
CA TYR I 228 -18.54 5.41 54.78
C TYR I 228 -17.83 4.15 55.21
N LEU I 229 -16.63 4.32 55.76
CA LEU I 229 -15.79 3.16 56.12
C LEU I 229 -16.34 2.39 57.32
N ARG I 230 -16.87 3.13 58.29
CA ARG I 230 -17.54 2.46 59.42
C ARG I 230 -18.71 1.58 58.94
N ARG I 231 -19.49 2.10 57.98
CA ARG I 231 -20.61 1.34 57.41
C ARG I 231 -20.13 0.09 56.70
N ALA I 232 -19.03 0.23 55.95
CA ALA I 232 -18.43 -0.92 55.27
C ALA I 232 -18.03 -2.01 56.24
N ALA I 233 -17.53 -1.60 57.41
CA ALA I 233 -16.95 -2.55 58.37
C ALA I 233 -17.96 -3.22 59.28
N GLU I 234 -19.14 -2.62 59.36
CA GLU I 234 -20.19 -3.07 60.27
C GLU I 234 -21.08 -4.16 59.70
N LYS I 235 -21.31 -5.21 60.47
CA LYS I 235 -22.26 -6.23 60.02
C LYS I 235 -23.68 -5.68 60.18
N PRO I 236 -24.49 -5.73 59.11
CA PRO I 236 -25.84 -5.16 59.15
C PRO I 236 -26.66 -5.79 60.28
N ALA I 237 -27.39 -4.95 61.01
CA ALA I 237 -28.27 -5.38 62.10
C ALA I 237 -29.32 -6.39 61.65
N LYS I 238 -29.92 -6.15 60.48
CA LYS I 238 -30.92 -7.04 59.92
C LYS I 238 -30.68 -7.21 58.43
N LEU I 239 -30.69 -8.45 57.99
CA LEU I 239 -30.45 -8.78 56.59
C LEU I 239 -31.77 -8.72 55.80
N LEU I 240 -31.71 -8.26 54.55
CA LEU I 240 -32.93 -8.08 53.73
C LEU I 240 -33.54 -9.41 53.28
N TYR I 241 -32.78 -10.49 53.33
CA TYR I 241 -33.31 -11.80 53.01
C TYR I 241 -34.42 -12.18 53.99
N GLU I 242 -34.20 -11.88 55.28
CA GLU I 242 -35.11 -12.29 56.35
C GLU I 242 -36.57 -11.86 56.10
N PRO J 1 -8.47 5.02 24.11
CA PRO J 1 -7.22 5.74 23.88
C PRO J 1 -5.97 5.27 24.64
N GLY J 2 -6.08 4.17 25.38
CA GLY J 2 -4.90 3.39 25.80
C GLY J 2 -5.22 1.91 25.92
N SER J 3 -4.26 1.07 25.55
CA SER J 3 -4.44 -0.36 25.64
C SER J 3 -4.05 -0.86 27.02
N ILE J 4 -4.84 -1.79 27.58
CA ILE J 4 -4.51 -2.46 28.84
C ILE J 4 -4.65 -3.99 28.75
N PRO J 5 -3.91 -4.73 29.61
CA PRO J 5 -4.22 -6.15 29.76
C PRO J 5 -5.64 -6.30 30.31
N LEU J 6 -6.19 -7.50 30.23
CA LEU J 6 -7.60 -7.73 30.59
C LEU J 6 -7.79 -8.83 31.64
N ILE J 7 -8.84 -8.70 32.45
CA ILE J 7 -9.19 -9.75 33.38
C ILE J 7 -9.40 -11.04 32.58
N GLY J 8 -8.84 -12.10 33.12
CA GLY J 8 -8.95 -13.45 32.56
C GLY J 8 -7.81 -13.73 31.60
N GLU J 9 -7.03 -12.70 31.25
CA GLU J 9 -5.79 -12.86 30.44
C GLU J 9 -4.60 -13.27 31.32
N ARG J 10 -3.67 -14.04 30.77
CA ARG J 10 -2.42 -14.27 31.47
C ARG J 10 -1.67 -12.92 31.52
N PHE J 11 -1.01 -12.67 32.65
CA PHE J 11 -0.24 -11.44 32.84
C PHE J 11 0.85 -11.45 31.75
N PRO J 12 1.10 -10.31 31.07
CA PRO J 12 2.07 -10.23 29.95
C PRO J 12 3.42 -10.78 30.40
N GLU J 13 3.99 -11.70 29.61
CA GLU J 13 5.31 -12.22 29.89
C GLU J 13 6.34 -11.10 29.69
N MET J 14 7.17 -10.92 30.72
CA MET J 14 8.19 -9.88 30.69
C MET J 14 9.31 -10.19 31.65
N GLU J 15 10.52 -9.73 31.32
CA GLU J 15 11.62 -9.75 32.29
C GLU J 15 11.72 -8.33 32.87
N VAL J 16 11.84 -8.22 34.18
CA VAL J 16 11.87 -6.91 34.84
C VAL J 16 13.01 -6.83 35.87
N THR J 17 13.57 -5.64 35.99
CA THR J 17 14.59 -5.37 36.95
C THR J 17 13.94 -4.78 38.19
N THR J 18 14.13 -5.44 39.34
CA THR J 18 13.69 -4.90 40.61
C THR J 18 14.89 -4.59 41.50
N ASP J 19 14.61 -3.94 42.62
CA ASP J 19 15.63 -3.64 43.59
C ASP J 19 16.00 -4.85 44.42
N HIS J 20 15.42 -6.01 44.09
CA HIS J 20 15.84 -7.30 44.67
C HIS J 20 16.55 -8.16 43.63
N GLY J 21 16.56 -7.70 42.39
CA GLY J 21 17.15 -8.44 41.28
C GLY J 21 16.23 -8.55 40.08
N VAL J 22 16.71 -9.24 39.05
CA VAL J 22 15.97 -9.41 37.81
C VAL J 22 15.13 -10.65 37.91
N ILE J 23 13.86 -10.49 37.56
CA ILE J 23 12.90 -11.61 37.56
C ILE J 23 12.03 -11.65 36.32
N LYS J 24 11.47 -12.83 36.04
CA LYS J 24 10.52 -12.97 34.96
C LYS J 24 9.10 -12.93 35.56
N LEU J 25 8.24 -12.12 34.98
CA LEU J 25 6.81 -12.15 35.35
C LEU J 25 6.00 -12.80 34.23
N PRO J 26 4.90 -13.52 34.58
CA PRO J 26 4.45 -13.78 35.93
C PRO J 26 5.15 -14.98 36.54
N ASP J 27 6.04 -15.60 35.74
CA ASP J 27 6.64 -16.87 36.11
C ASP J 27 7.27 -16.89 37.47
N HIS J 28 7.94 -15.82 37.87
CA HIS J 28 8.60 -15.80 39.18
C HIS J 28 7.67 -16.23 40.28
N TYR J 29 6.40 -15.82 40.16
CA TYR J 29 5.39 -16.10 41.16
C TYR J 29 4.61 -17.37 40.83
N VAL J 30 4.21 -17.53 39.57
CA VAL J 30 3.50 -18.74 39.10
C VAL J 30 4.29 -19.98 39.46
N SER J 31 5.60 -19.95 39.17
CA SER J 31 6.47 -21.11 39.43
C SER J 31 6.60 -21.46 40.92
N GLN J 32 6.16 -20.55 41.80
CA GLN J 32 6.13 -20.78 43.26
C GLN J 32 4.68 -21.04 43.77
N GLY J 33 3.72 -21.05 42.85
CA GLY J 33 2.29 -21.24 43.21
C GLY J 33 1.73 -20.11 44.08
N LYS J 34 2.30 -18.91 43.90
CA LYS J 34 1.92 -17.73 44.71
C LYS J 34 1.09 -16.78 43.84
N TRP J 35 0.04 -16.20 44.43
CA TRP J 35 -0.59 -15.01 43.82
C TRP J 35 0.32 -13.82 44.03
N PHE J 36 0.14 -12.78 43.21
CA PHE J 36 0.79 -11.52 43.53
C PHE J 36 -0.06 -10.30 43.25
N VAL J 37 0.20 -9.24 44.02
CA VAL J 37 -0.36 -7.94 43.71
C VAL J 37 0.82 -7.14 43.18
N LEU J 38 0.69 -6.76 41.89
CA LEU J 38 1.62 -5.78 41.33
C LEU J 38 0.94 -4.44 41.38
N PHE J 39 1.58 -3.47 41.99
CA PHE J 39 1.05 -2.12 41.94
C PHE J 39 2.10 -1.13 41.48
N SER J 40 1.64 0.00 40.98
CA SER J 40 2.54 1.02 40.49
C SER J 40 2.31 2.31 41.25
N HIS J 41 3.35 3.15 41.22
CA HIS J 41 3.23 4.50 41.79
C HIS J 41 3.98 5.50 40.93
N PRO J 42 3.52 6.77 40.90
CA PRO J 42 4.20 7.68 39.98
C PRO J 42 5.71 7.92 40.25
N ALA J 43 6.09 8.11 41.50
CA ALA J 43 7.46 8.54 41.81
C ALA J 43 7.93 8.29 43.23
N ASP J 44 9.12 7.68 43.32
CA ASP J 44 9.88 7.67 44.55
C ASP J 44 10.06 9.10 45.06
N PHE J 45 10.17 9.21 46.38
CA PHE J 45 10.37 10.55 47.01
C PHE J 45 9.22 11.51 46.72
N THR J 46 8.02 10.94 46.59
CA THR J 46 6.82 11.77 46.63
C THR J 46 5.84 11.28 47.72
N PRO J 47 5.02 12.19 48.26
CA PRO J 47 4.34 11.91 49.51
C PRO J 47 3.22 10.84 49.50
N VAL J 48 2.33 10.89 48.50
CA VAL J 48 1.20 9.93 48.54
C VAL J 48 1.80 8.52 48.34
N CYS J 49 2.75 8.43 47.42
CA CYS J 49 3.42 7.13 47.20
C CYS J 49 4.06 6.60 48.50
N THR J 50 4.77 7.47 49.19
CA THR J 50 5.36 7.06 50.48
C THR J 50 4.30 6.52 51.48
N THR J 51 3.17 7.22 51.62
CA THR J 51 2.09 6.75 52.50
C THR J 51 1.60 5.34 52.06
N GLU J 52 1.50 5.11 50.76
CA GLU J 52 1.06 3.79 50.25
C GLU J 52 2.08 2.70 50.52
N PHE J 53 3.36 3.01 50.30
CA PHE J 53 4.36 1.99 50.63
C PHE J 53 4.33 1.62 52.12
N VAL J 54 4.18 2.62 52.97
CA VAL J 54 4.05 2.35 54.42
C VAL J 54 2.79 1.50 54.74
N SER J 55 1.68 1.82 54.09
CA SER J 55 0.43 1.05 54.28
C SER J 55 0.63 -0.38 53.83
N PHE J 56 1.23 -0.59 52.66
CA PHE J 56 1.47 -1.96 52.19
C PHE J 56 2.42 -2.69 53.13
N ALA J 57 3.50 -2.03 53.54
CA ALA J 57 4.43 -2.64 54.50
C ALA J 57 3.81 -3.07 55.83
N ARG J 58 2.94 -2.23 56.37
CA ARG J 58 2.25 -2.58 57.60
C ARG J 58 1.32 -3.79 57.43
N ARG J 59 0.81 -3.97 56.21
CA ARG J 59 -0.11 -5.06 55.91
C ARG J 59 0.58 -6.24 55.31
N TYR J 60 1.91 -6.20 55.31
CA TYR J 60 2.68 -7.22 54.61
C TYR J 60 2.40 -8.59 55.19
N GLU J 61 2.33 -8.68 56.52
CA GLU J 61 2.07 -9.95 57.19
C GLU J 61 0.70 -10.49 56.77
N ASP J 62 -0.26 -9.58 56.58
CA ASP J 62 -1.61 -9.99 56.14
C ASP J 62 -1.60 -10.58 54.72
N PHE J 63 -0.84 -9.97 53.81
CA PHE J 63 -0.66 -10.56 52.50
C PHE J 63 0.06 -11.91 52.57
N GLN J 64 1.06 -12.01 53.45
CA GLN J 64 1.83 -13.25 53.59
C GLN J 64 0.93 -14.40 54.08
N ARG J 65 0.02 -14.09 55.00
CA ARG J 65 -0.93 -15.07 55.55
C ARG J 65 -1.81 -15.66 54.44
N LEU J 66 -2.07 -14.90 53.38
CA LEU J 66 -2.88 -15.35 52.26
C LEU J 66 -2.09 -16.04 51.17
N GLY J 67 -0.77 -16.11 51.31
CA GLY J 67 0.09 -16.63 50.22
C GLY J 67 0.13 -15.71 49.00
N VAL J 68 0.12 -14.40 49.26
CA VAL J 68 0.15 -13.37 48.21
C VAL J 68 1.42 -12.53 48.34
N ASP J 69 2.19 -12.43 47.27
CA ASP J 69 3.39 -11.58 47.26
C ASP J 69 3.04 -10.18 46.79
N LEU J 70 3.87 -9.21 47.15
CA LEU J 70 3.70 -7.83 46.70
C LEU J 70 4.87 -7.39 45.84
N ILE J 71 4.60 -6.61 44.81
CA ILE J 71 5.66 -6.03 43.98
C ILE J 71 5.24 -4.67 43.48
N GLY J 72 6.08 -3.68 43.75
CA GLY J 72 5.83 -2.34 43.24
C GLY J 72 6.40 -2.06 41.88
N LEU J 73 6.17 -0.84 41.39
CA LEU J 73 6.62 -0.46 40.06
C LEU J 73 6.55 1.05 39.90
N SER J 74 7.67 1.64 39.51
CA SER J 74 7.66 3.04 39.05
C SER J 74 8.73 3.22 37.98
N VAL J 75 8.77 4.39 37.36
CA VAL J 75 9.77 4.66 36.30
C VAL J 75 11.10 5.07 36.88
N ASP J 76 11.24 5.04 38.20
CA ASP J 76 12.50 5.40 38.83
C ASP J 76 13.51 4.26 38.75
N SER J 77 14.78 4.56 39.00
CA SER J 77 15.87 3.53 38.95
C SER J 77 15.92 2.68 40.20
N VAL J 78 16.67 1.58 40.15
CA VAL J 78 16.91 0.79 41.36
C VAL J 78 17.65 1.58 42.42
N PHE J 79 18.54 2.50 42.02
CA PHE J 79 19.30 3.30 42.98
C PHE J 79 18.35 4.20 43.75
N SER J 80 17.43 4.86 43.04
N SER J 80 17.44 4.84 43.01
CA SER J 80 16.35 5.61 43.68
CA SER J 80 16.32 5.60 43.59
C SER J 80 15.53 4.75 44.66
C SER J 80 15.48 4.80 44.59
N HIS J 81 15.10 3.57 44.21
CA HIS J 81 14.29 2.70 45.06
C HIS J 81 15.02 2.40 46.37
N ILE J 82 16.31 2.07 46.28
CA ILE J 82 17.05 1.70 47.46
C ILE J 82 17.22 2.93 48.38
N LYS J 83 17.54 4.08 47.80
CA LYS J 83 17.67 5.31 48.61
C LYS J 83 16.34 5.67 49.28
N TRP J 84 15.24 5.51 48.53
CA TRP J 84 13.92 5.86 49.05
C TRP J 84 13.55 4.94 50.20
N LYS J 85 13.82 3.65 50.03
CA LYS J 85 13.62 2.71 51.11
C LYS J 85 14.45 3.05 52.33
N GLU J 86 15.71 3.47 52.13
CA GLU J 86 16.50 3.92 53.29
C GLU J 86 15.87 5.09 53.99
N TRP J 87 15.38 6.07 53.22
CA TRP J 87 14.74 7.25 53.77
C TRP J 87 13.55 6.84 54.63
N ILE J 88 12.71 5.95 54.11
CA ILE J 88 11.48 5.55 54.82
C ILE J 88 11.80 4.86 56.14
N GLU J 89 12.76 3.94 56.10
CA GLU J 89 13.20 3.26 57.30
C GLU J 89 13.79 4.25 58.31
N ARG J 90 14.65 5.15 57.83
CA ARG J 90 15.23 6.20 58.68
C ARG J 90 14.21 7.18 59.31
N HIS J 91 13.33 7.73 58.49
CA HIS J 91 12.46 8.85 58.93
C HIS J 91 11.08 8.44 59.44
N ILE J 92 10.60 7.28 59.02
CA ILE J 92 9.29 6.82 59.42
C ILE J 92 9.40 5.57 60.33
N GLY J 93 10.52 4.86 60.23
CA GLY J 93 10.80 3.70 61.07
C GLY J 93 10.16 2.43 60.55
N VAL J 94 9.83 2.43 59.25
CA VAL J 94 9.17 1.27 58.62
C VAL J 94 10.08 0.72 57.54
N ARG J 95 10.40 -0.57 57.61
CA ARG J 95 11.16 -1.26 56.58
C ARG J 95 10.24 -1.79 55.48
N ILE J 96 10.50 -1.41 54.23
CA ILE J 96 9.72 -1.91 53.10
C ILE J 96 10.32 -3.25 52.66
N PRO J 97 9.59 -4.39 52.86
CA PRO J 97 10.23 -5.68 52.59
C PRO J 97 10.15 -6.22 51.16
N PHE J 98 9.25 -5.66 50.36
CA PHE J 98 8.97 -6.23 49.07
C PHE J 98 9.70 -5.50 47.91
N PRO J 99 9.88 -6.16 46.75
CA PRO J 99 10.64 -5.54 45.65
C PRO J 99 9.85 -4.46 44.96
N ILE J 100 10.57 -3.53 44.35
CA ILE J 100 9.99 -2.55 43.44
C ILE J 100 10.66 -2.64 42.06
N ILE J 101 9.84 -2.76 41.02
CA ILE J 101 10.36 -2.75 39.65
C ILE J 101 10.86 -1.36 39.30
N ALA J 102 12.04 -1.29 38.67
CA ALA J 102 12.58 -0.03 38.13
C ALA J 102 12.35 -0.04 36.62
N ASP J 103 11.58 0.93 36.14
CA ASP J 103 11.14 0.94 34.74
C ASP J 103 11.42 2.30 34.05
N PRO J 104 12.71 2.72 34.03
CA PRO J 104 13.03 3.99 33.35
C PRO J 104 12.76 3.74 31.87
N GLN J 105 12.21 4.70 31.13
CA GLN J 105 11.77 4.38 29.74
C GLN J 105 10.33 3.92 29.65
N GLY J 106 9.78 3.46 30.77
CA GLY J 106 8.39 3.04 30.84
C GLY J 106 7.96 1.89 29.94
N THR J 107 8.90 0.98 29.65
CA THR J 107 8.62 -0.19 28.82
C THR J 107 7.56 -1.08 29.47
N VAL J 108 7.73 -1.33 30.76
CA VAL J 108 6.79 -2.14 31.54
C VAL J 108 5.46 -1.40 31.68
N ALA J 109 5.54 -0.12 32.04
CA ALA J 109 4.36 0.75 32.19
C ALA J 109 3.46 0.78 30.94
N ARG J 110 4.06 0.87 29.76
CA ARG J 110 3.28 0.85 28.52
C ARG J 110 2.62 -0.50 28.29
N ARG J 111 3.30 -1.58 28.65
CA ARG J 111 2.73 -2.91 28.45
C ARG J 111 1.55 -3.16 29.38
N LEU J 112 1.53 -2.46 30.51
CA LEU J 112 0.45 -2.60 31.47
C LEU J 112 -0.60 -1.48 31.37
N GLY J 113 -0.39 -0.58 30.43
CA GLY J 113 -1.31 0.53 30.15
C GLY J 113 -1.36 1.52 31.30
N LEU J 114 -0.20 1.73 31.94
CA LEU J 114 -0.16 2.56 33.15
C LEU J 114 0.12 4.04 32.95
N LEU J 115 0.37 4.39 31.70
CA LEU J 115 0.55 5.78 31.32
C LEU J 115 -0.78 6.36 30.80
N HIS J 116 -1.43 7.12 31.68
CA HIS J 116 -2.69 7.77 31.35
C HIS J 116 -2.48 9.25 31.01
N ALA J 117 -3.58 9.99 30.90
CA ALA J 117 -3.56 11.35 30.38
C ALA J 117 -3.13 12.42 31.39
N GLU J 118 -3.06 12.08 32.69
CA GLU J 118 -2.61 13.04 33.71
C GLU J 118 -1.12 13.37 33.50
N SER J 119 -0.34 12.36 33.13
CA SER J 119 1.11 12.49 33.03
C SER J 119 1.67 11.66 31.89
N ALA J 120 2.54 12.29 31.10
CA ALA J 120 3.24 11.61 30.02
C ALA J 120 4.39 10.79 30.58
N THR J 121 4.86 11.15 31.77
CA THR J 121 6.13 10.65 32.29
C THR J 121 6.07 9.61 33.43
N HIS J 122 5.05 9.72 34.29
CA HIS J 122 4.93 8.84 35.45
C HIS J 122 3.66 8.00 35.40
N THR J 123 3.71 6.78 35.94
CA THR J 123 2.55 5.89 35.89
C THR J 123 1.44 6.40 36.80
N VAL J 124 0.21 5.99 36.53
CA VAL J 124 -0.90 6.18 37.52
C VAL J 124 -0.69 5.18 38.68
N ARG J 125 -1.69 5.07 39.57
CA ARG J 125 -1.60 4.22 40.71
C ARG J 125 -2.37 2.93 40.37
N GLY J 126 -1.74 2.08 39.58
CA GLY J 126 -2.43 0.88 39.06
C GLY J 126 -2.24 -0.28 40.04
N VAL J 127 -3.18 -1.22 40.00
CA VAL J 127 -3.12 -2.39 40.82
C VAL J 127 -3.56 -3.59 39.94
N PHE J 128 -2.74 -4.65 39.89
CA PHE J 128 -3.09 -5.88 39.15
C PHE J 128 -3.08 -6.98 40.18
N ILE J 129 -4.20 -7.67 40.33
CA ILE J 129 -4.25 -8.80 41.26
C ILE J 129 -4.13 -10.05 40.39
N VAL J 130 -3.09 -10.85 40.62
CA VAL J 130 -2.76 -11.96 39.69
C VAL J 130 -2.73 -13.27 40.46
N ASP J 131 -3.46 -14.27 39.96
CA ASP J 131 -3.51 -15.55 40.67
C ASP J 131 -2.30 -16.44 40.38
N ALA J 132 -2.34 -17.66 40.92
CA ALA J 132 -1.18 -18.56 40.86
C ALA J 132 -0.98 -19.26 39.51
N ARG J 133 -1.97 -19.15 38.63
CA ARG J 133 -1.83 -19.53 37.24
C ARG J 133 -1.35 -18.38 36.38
N GLY J 134 -1.10 -17.24 37.04
CA GLY J 134 -0.68 -16.04 36.35
C GLY J 134 -1.76 -15.27 35.63
N VAL J 135 -3.02 -15.46 36.00
CA VAL J 135 -4.16 -14.84 35.32
C VAL J 135 -4.54 -13.59 36.10
N ILE J 136 -4.75 -12.52 35.37
CA ILE J 136 -5.18 -11.23 35.93
C ILE J 136 -6.61 -11.42 36.41
N ARG J 137 -6.85 -11.07 37.67
CA ARG J 137 -8.17 -11.31 38.30
C ARG J 137 -8.96 -10.03 38.62
N THR J 138 -8.26 -8.93 38.85
CA THR J 138 -8.90 -7.64 39.13
C THR J 138 -7.89 -6.55 38.77
N MET J 139 -8.34 -5.39 38.33
CA MET J 139 -7.40 -4.28 38.08
C MET J 139 -8.04 -3.02 38.60
N LEU J 140 -7.23 -2.20 39.27
CA LEU J 140 -7.70 -0.89 39.72
C LEU J 140 -6.77 0.18 39.18
N TYR J 141 -7.33 1.34 38.80
CA TYR J 141 -6.52 2.48 38.37
C TYR J 141 -6.93 3.71 39.16
N TYR J 142 -6.13 4.01 40.18
CA TYR J 142 -6.30 5.25 40.97
C TYR J 142 -5.39 6.30 40.37
N PRO J 143 -5.72 7.56 40.59
CA PRO J 143 -4.92 8.64 39.99
C PRO J 143 -3.81 9.19 40.91
N MET J 144 -2.99 10.11 40.40
N MET J 144 -3.01 10.11 40.38
CA MET J 144 -1.84 10.56 41.19
CA MET J 144 -1.88 10.68 41.12
C MET J 144 -2.22 11.33 42.47
C MET J 144 -2.30 11.21 42.50
N GLU J 145 -3.40 11.94 42.49
CA GLU J 145 -3.82 12.73 43.66
C GLU J 145 -4.52 11.99 44.80
N LEU J 146 -4.74 10.68 44.63
CA LEU J 146 -5.59 9.94 45.55
C LEU J 146 -4.94 8.65 45.92
N GLY J 147 -4.53 8.51 47.18
CA GLY J 147 -3.98 7.23 47.66
C GLY J 147 -5.00 6.11 47.70
N ARG J 148 -4.53 4.87 47.55
CA ARG J 148 -5.39 3.71 47.61
C ARG J 148 -5.87 3.39 49.04
N LEU J 149 -6.92 2.56 49.11
CA LEU J 149 -7.38 1.96 50.36
C LEU J 149 -6.86 0.53 50.37
N VAL J 150 -5.70 0.34 51.01
CA VAL J 150 -5.02 -0.96 50.87
C VAL J 150 -5.82 -2.13 51.48
N ASP J 151 -6.61 -1.87 52.52
CA ASP J 151 -7.47 -2.93 53.05
C ASP J 151 -8.48 -3.47 52.03
N GLU J 152 -8.92 -2.66 51.07
CA GLU J 152 -9.83 -3.18 50.02
C GLU J 152 -9.05 -4.14 49.10
N ILE J 153 -7.75 -3.91 48.94
CA ILE J 153 -6.92 -4.84 48.14
C ILE J 153 -6.82 -6.20 48.84
N LEU J 154 -6.61 -6.18 50.16
CA LEU J 154 -6.65 -7.43 50.95
C LEU J 154 -8.02 -8.11 50.86
N ARG J 155 -9.09 -7.34 50.93
CA ARG J 155 -10.44 -7.94 50.85
C ARG J 155 -10.67 -8.59 49.50
N ILE J 156 -10.23 -7.89 48.44
CA ILE J 156 -10.33 -8.43 47.08
C ILE J 156 -9.61 -9.79 46.96
N VAL J 157 -8.32 -9.81 47.31
N VAL J 157 -8.33 -9.84 47.33
CA VAL J 157 -7.59 -11.08 47.16
CA VAL J 157 -7.62 -11.10 47.12
C VAL J 157 -8.19 -12.20 48.00
C VAL J 157 -8.13 -12.23 48.02
N LYS J 158 -8.50 -11.90 49.27
CA LYS J 158 -9.10 -12.86 50.18
C LYS J 158 -10.41 -13.43 49.58
N ALA J 159 -11.29 -12.54 49.14
CA ALA J 159 -12.59 -12.96 48.62
C ALA J 159 -12.46 -13.74 47.31
N LEU J 160 -11.50 -13.38 46.47
CA LEU J 160 -11.23 -14.13 45.23
C LEU J 160 -10.75 -15.55 45.57
N LYS J 161 -9.83 -15.64 46.52
CA LYS J 161 -9.34 -16.98 46.91
C LYS J 161 -10.45 -17.83 47.51
N LEU J 162 -11.25 -17.19 48.37
CA LEU J 162 -12.43 -17.86 48.95
C LEU J 162 -13.38 -18.34 47.90
N GLY J 163 -13.70 -17.45 46.95
CA GLY J 163 -14.63 -17.81 45.87
C GLY J 163 -14.10 -18.98 45.06
N ASP J 164 -12.81 -18.97 44.75
CA ASP J 164 -12.21 -20.07 43.98
C ASP J 164 -12.31 -21.37 44.75
N SER J 165 -12.00 -21.32 46.03
CA SER J 165 -11.94 -22.53 46.86
C SER J 165 -13.30 -23.16 47.14
N LEU J 166 -14.34 -22.34 47.19
CA LEU J 166 -15.66 -22.80 47.56
C LEU J 166 -16.62 -22.87 46.35
N LYS J 167 -16.12 -22.56 45.16
CA LYS J 167 -16.97 -22.38 43.97
C LYS J 167 -18.20 -21.50 44.26
N ARG J 168 -17.91 -20.27 44.66
CA ARG J 168 -19.00 -19.33 45.01
C ARG J 168 -18.61 -17.95 44.46
N ALA J 169 -19.63 -17.17 44.15
CA ALA J 169 -19.49 -15.75 43.85
C ALA J 169 -19.67 -14.97 45.16
N VAL J 170 -19.16 -13.74 45.18
CA VAL J 170 -19.10 -13.03 46.47
C VAL J 170 -19.94 -11.80 46.31
N PRO J 171 -20.92 -11.61 47.22
CA PRO J 171 -21.85 -10.47 47.07
C PRO J 171 -21.22 -9.13 47.39
N ALA J 172 -21.88 -8.04 46.94
CA ALA J 172 -21.45 -6.67 47.23
C ALA J 172 -21.13 -6.52 48.73
N ASP J 173 -20.03 -5.85 49.04
CA ASP J 173 -19.76 -5.49 50.43
C ASP J 173 -19.46 -6.67 51.38
N TRP J 174 -19.19 -7.85 50.82
CA TRP J 174 -18.94 -9.05 51.63
C TRP J 174 -17.73 -8.79 52.56
N PRO J 175 -17.77 -9.25 53.84
CA PRO J 175 -18.76 -10.15 54.44
C PRO J 175 -19.94 -9.46 55.15
N ASN J 176 -20.21 -8.19 54.78
CA ASN J 176 -21.25 -7.38 55.41
C ASN J 176 -22.33 -7.04 54.36
N ASN J 177 -22.68 -8.02 53.53
CA ASN J 177 -23.65 -7.74 52.48
C ASN J 177 -25.04 -7.48 53.11
N GLU J 178 -25.74 -6.46 52.63
CA GLU J 178 -27.02 -6.06 53.24
C GLU J 178 -28.17 -7.05 53.03
N ILE J 179 -28.08 -7.93 52.03
CA ILE J 179 -29.16 -8.90 51.74
C ILE J 179 -28.85 -10.25 52.43
N ILE J 180 -27.60 -10.70 52.31
CA ILE J 180 -27.24 -12.08 52.73
C ILE J 180 -26.05 -12.12 53.72
N GLY J 181 -25.59 -10.94 54.15
CA GLY J 181 -24.53 -10.85 55.20
C GLY J 181 -23.22 -11.46 54.75
N GLU J 182 -22.81 -12.55 55.45
CA GLU J 182 -21.58 -13.24 55.10
C GLU J 182 -21.83 -14.40 54.14
N GLY J 183 -23.08 -14.51 53.70
CA GLY J 183 -23.42 -15.56 52.75
C GLY J 183 -22.66 -15.42 51.43
N LEU J 184 -22.47 -16.55 50.76
CA LEU J 184 -21.85 -16.61 49.44
C LEU J 184 -22.82 -17.20 48.42
N ILE J 185 -22.63 -16.79 47.17
CA ILE J 185 -23.62 -17.01 46.14
C ILE J 185 -23.29 -18.23 45.28
N VAL J 186 -24.30 -19.07 45.04
CA VAL J 186 -24.14 -20.18 44.12
C VAL J 186 -24.21 -19.61 42.68
N PRO J 187 -23.20 -19.90 41.84
CA PRO J 187 -23.32 -19.42 40.44
C PRO J 187 -24.68 -19.80 39.80
N PRO J 188 -25.36 -18.86 39.13
CA PRO J 188 -26.73 -19.13 38.68
C PRO J 188 -26.80 -20.21 37.60
N PRO J 189 -27.93 -20.93 37.54
CA PRO J 189 -28.13 -21.92 36.49
C PRO J 189 -28.12 -21.24 35.14
N THR J 190 -27.66 -21.95 34.11
CA THR J 190 -27.58 -21.39 32.76
C THR J 190 -28.49 -22.11 31.76
N THR J 191 -29.22 -23.14 32.24
CA THR J 191 -30.22 -23.81 31.41
C THR J 191 -31.55 -23.94 32.13
N GLU J 192 -32.62 -24.09 31.35
CA GLU J 192 -33.95 -24.22 31.93
C GLU J 192 -34.03 -25.45 32.86
N ASP J 193 -33.54 -26.59 32.39
CA ASP J 193 -33.56 -27.81 33.20
C ASP J 193 -32.75 -27.68 34.49
N GLN J 194 -31.62 -26.99 34.42
CA GLN J 194 -30.77 -26.79 35.61
C GLN J 194 -31.51 -25.89 36.62
N ALA J 195 -32.15 -24.85 36.09
CA ALA J 195 -32.91 -23.90 36.90
C ALA J 195 -34.03 -24.64 37.65
N ARG J 196 -34.73 -25.53 36.93
CA ARG J 196 -35.83 -26.30 37.50
C ARG J 196 -35.34 -27.27 38.58
N ALA J 197 -34.26 -27.97 38.28
CA ALA J 197 -33.70 -28.94 39.20
C ALA J 197 -33.27 -28.22 40.48
N ARG J 198 -32.58 -27.09 40.32
CA ARG J 198 -32.08 -26.39 41.50
C ARG J 198 -33.20 -26.06 42.47
N MET J 199 -34.31 -25.56 41.94
N MET J 199 -34.31 -25.53 41.92
CA MET J 199 -35.46 -25.26 42.78
CA MET J 199 -35.53 -25.20 42.68
C MET J 199 -36.02 -26.53 43.41
C MET J 199 -36.20 -26.44 43.31
N GLU J 200 -36.27 -27.55 42.59
CA GLU J 200 -36.88 -28.78 43.09
C GLU J 200 -36.07 -29.44 44.22
N SER J 201 -34.76 -29.22 44.22
CA SER J 201 -33.86 -29.78 45.25
C SER J 201 -34.08 -29.22 46.66
N GLY J 202 -34.50 -27.96 46.77
CA GLY J 202 -34.60 -27.30 48.08
C GLY J 202 -33.27 -27.21 48.84
N GLN J 203 -32.16 -27.26 48.12
CA GLN J 203 -30.84 -27.36 48.74
C GLN J 203 -30.38 -26.06 49.41
N TYR J 204 -30.71 -24.93 48.78
CA TYR J 204 -30.19 -23.64 49.22
C TYR J 204 -31.28 -22.68 49.65
N ARG J 205 -30.89 -21.77 50.55
CA ARG J 205 -31.60 -20.53 50.76
C ARG J 205 -31.68 -19.82 49.41
N SER J 206 -32.82 -19.19 49.12
CA SER J 206 -33.00 -18.65 47.78
C SER J 206 -34.05 -17.59 47.69
N LEU J 207 -33.82 -16.60 46.83
N LEU J 207 -33.83 -16.59 46.84
CA LEU J 207 -34.81 -15.55 46.54
CA LEU J 207 -34.88 -15.60 46.55
C LEU J 207 -35.51 -15.78 45.17
C LEU J 207 -35.57 -15.88 45.20
N ASP J 208 -34.85 -16.57 44.32
CA ASP J 208 -35.40 -17.04 43.01
C ASP J 208 -34.44 -18.12 42.51
N TRP J 209 -34.80 -18.81 41.42
CA TRP J 209 -33.90 -19.87 40.89
C TRP J 209 -32.46 -19.39 40.59
N TRP J 210 -32.32 -18.10 40.28
CA TRP J 210 -31.02 -17.51 39.87
C TRP J 210 -30.29 -16.89 41.06
N PHE J 211 -30.94 -16.87 42.23
CA PHE J 211 -30.37 -16.25 43.43
C PHE J 211 -30.44 -17.26 44.58
N CYS J 212 -29.49 -18.19 44.58
CA CYS J 212 -29.33 -19.14 45.69
C CYS J 212 -28.01 -18.86 46.39
N TRP J 213 -27.99 -19.13 47.70
N TRP J 213 -27.99 -19.06 47.71
CA TRP J 213 -26.84 -18.79 48.52
CA TRP J 213 -26.73 -18.89 48.45
C TRP J 213 -26.75 -19.64 49.76
C TRP J 213 -26.67 -19.83 49.63
N ASP J 214 -25.54 -19.76 50.30
CA ASP J 214 -25.35 -20.54 51.52
C ASP J 214 -24.26 -19.89 52.33
N THR J 215 -23.79 -20.56 53.40
CA THR J 215 -22.79 -19.95 54.27
C THR J 215 -21.60 -20.90 54.48
N PRO J 216 -20.82 -21.17 53.39
CA PRO J 216 -19.76 -22.16 53.44
C PRO J 216 -18.40 -21.67 53.95
N ALA J 217 -18.25 -20.35 54.11
CA ALA J 217 -16.99 -19.78 54.54
C ALA J 217 -16.81 -20.04 56.04
N SER J 218 -15.59 -20.29 56.47
CA SER J 218 -15.34 -20.52 57.89
C SER J 218 -15.47 -19.21 58.65
N ARG J 219 -15.76 -19.30 59.95
CA ARG J 219 -15.76 -18.13 60.80
C ARG J 219 -14.43 -17.38 60.66
N ASP J 220 -13.33 -18.12 60.56
CA ASP J 220 -12.02 -17.49 60.42
C ASP J 220 -11.95 -16.63 59.14
N ASP J 221 -12.44 -17.19 58.02
CA ASP J 221 -12.43 -16.48 56.71
C ASP J 221 -13.20 -15.18 56.84
N VAL J 222 -14.39 -15.30 57.42
CA VAL J 222 -15.31 -14.18 57.57
C VAL J 222 -14.73 -13.08 58.46
N GLU J 223 -14.23 -13.45 59.65
CA GLU J 223 -13.76 -12.45 60.58
C GLU J 223 -12.42 -11.84 60.14
N GLU J 224 -11.61 -12.60 59.42
CA GLU J 224 -10.38 -11.99 58.88
C GLU J 224 -10.72 -10.93 57.83
N ALA J 225 -11.65 -11.23 56.92
CA ALA J 225 -12.06 -10.25 55.91
C ALA J 225 -12.65 -9.04 56.59
N ARG J 226 -13.51 -9.30 57.59
CA ARG J 226 -14.14 -8.21 58.31
C ARG J 226 -13.07 -7.35 59.04
N ARG J 227 -12.04 -8.00 59.57
CA ARG J 227 -10.94 -7.28 60.23
C ARG J 227 -10.29 -6.23 59.31
N TYR J 228 -10.08 -6.58 58.03
CA TYR J 228 -9.47 -5.61 57.10
C TYR J 228 -10.29 -4.33 57.06
N LEU J 229 -11.62 -4.48 56.99
CA LEU J 229 -12.53 -3.33 56.90
C LEU J 229 -12.59 -2.56 58.22
N ARG J 230 -12.56 -3.29 59.33
CA ARG J 230 -12.51 -2.65 60.65
C ARG J 230 -11.26 -1.77 60.76
N ARG J 231 -10.15 -2.29 60.27
CA ARG J 231 -8.88 -1.56 60.30
C ARG J 231 -8.98 -0.31 59.45
N ALA J 232 -9.51 -0.46 58.22
CA ALA J 232 -9.72 0.67 57.36
C ALA J 232 -10.53 1.79 58.05
N ALA J 233 -11.51 1.38 58.87
CA ALA J 233 -12.47 2.31 59.44
C ALA J 233 -12.02 2.96 60.75
N GLU J 234 -10.98 2.42 61.35
CA GLU J 234 -10.53 2.82 62.70
C GLU J 234 -9.62 4.02 62.64
N LYS J 235 -9.91 5.02 63.47
CA LYS J 235 -9.02 6.18 63.62
C LYS J 235 -7.74 5.66 64.29
N PRO J 236 -6.56 5.94 63.70
CA PRO J 236 -5.32 5.36 64.23
C PRO J 236 -5.05 5.73 65.70
N ALA J 237 -4.62 4.75 66.48
CA ALA J 237 -4.05 5.01 67.80
C ALA J 237 -2.58 5.31 67.53
N LYS J 238 -2.12 6.53 67.83
CA LYS J 238 -0.74 6.95 67.55
C LYS J 238 -0.50 7.13 66.03
N LEU J 239 -0.09 8.32 65.63
CA LEU J 239 0.30 8.58 64.24
C LEU J 239 1.81 8.41 64.13
N LEU J 240 2.29 7.85 63.01
CA LEU J 240 3.71 7.61 62.83
C LEU J 240 4.56 8.89 62.71
N TYR J 241 3.96 10.01 62.34
CA TYR J 241 4.74 11.24 62.20
C TYR J 241 5.18 11.79 63.57
N GLU J 242 4.37 11.52 64.59
CA GLU J 242 4.61 12.00 65.95
C GLU J 242 5.99 11.59 66.48
N GLU J 243 6.33 10.31 66.30
CA GLU J 243 7.64 9.79 66.67
C GLU J 243 8.63 9.79 65.49
O1 PER K . 28.03 6.15 37.29
O2 PER K . 28.70 5.03 37.96
O1 PER L . 41.60 21.23 7.67
O2 PER L . 41.56 22.71 7.83
O1 PER M . 43.88 7.68 -15.36
O2 PER M . 44.75 6.49 -15.45
O1 PER N . 19.54 11.50 -42.19
O2 PER N . 19.69 10.29 -41.36
O1 PER O . 1.82 -10.13 -46.70
O2 PER O . 1.38 -8.85 -46.12
O1 PER P . -32.87 -6.07 -34.50
O2 PER P . -32.20 -7.24 -33.89
O1 PER Q . -39.97 -23.33 -12.62
O2 PER Q . -39.94 -21.83 -12.55
O1 PER R . -42.46 -7.45 19.96
O2 PER R . -43.23 -6.21 20.20
O1 PER S . -23.95 -13.25 39.92
O2 PER S . -23.94 -11.99 39.17
O1 PER T . 2.84 11.03 45.60
O2 PER T . 2.49 12.42 45.96
#